data_9R17
# 
_entry.id   9R17 
# 
_audit_conform.dict_name       mmcif_pdbx.dic 
_audit_conform.dict_version    5.406 
_audit_conform.dict_location   http://mmcif.pdb.org/dictionaries/ascii/mmcif_pdbx.dic 
# 
loop_
_database_2.database_id 
_database_2.database_code 
_database_2.pdbx_database_accession 
_database_2.pdbx_DOI 
PDB   9R17         pdb_00009r17 10.2210/pdb9r17/pdb 
WWPDB D_1292147343 ?            ?                   
# 
_pdbx_audit_revision_history.ordinal             1 
_pdbx_audit_revision_history.data_content_type   'Structure model' 
_pdbx_audit_revision_history.major_revision      1 
_pdbx_audit_revision_history.minor_revision      0 
_pdbx_audit_revision_history.revision_date       2025-10-22 
_pdbx_audit_revision_history.part_number         ? 
# 
_pdbx_audit_revision_details.ordinal             1 
_pdbx_audit_revision_details.revision_ordinal    1 
_pdbx_audit_revision_details.data_content_type   'Structure model' 
_pdbx_audit_revision_details.provider            repository 
_pdbx_audit_revision_details.type                'Initial release' 
_pdbx_audit_revision_details.description         ? 
_pdbx_audit_revision_details.details             ? 
# 
_pdbx_database_status.status_code                     REL 
_pdbx_database_status.status_code_sf                  REL 
_pdbx_database_status.status_code_mr                  ? 
_pdbx_database_status.entry_id                        9R17 
_pdbx_database_status.recvd_initial_deposition_date   2025-04-25 
_pdbx_database_status.SG_entry                        N 
_pdbx_database_status.deposit_site                    PDBE 
_pdbx_database_status.process_site                    PDBE 
_pdbx_database_status.status_code_cs                  ? 
_pdbx_database_status.status_code_nmr_data            ? 
_pdbx_database_status.methods_development_category    ? 
_pdbx_database_status.pdb_format_compatible           Y 
# 
_pdbx_contact_author.id                 2 
_pdbx_contact_author.email              embcri@ibmb.csic.es 
_pdbx_contact_author.name_first         Enrique 
_pdbx_contact_author.name_last          Marcos 
_pdbx_contact_author.name_mi            ? 
_pdbx_contact_author.role               'principal investigator/group leader' 
_pdbx_contact_author.identifier_ORCID   0000-0001-8736-4082 
# 
loop_
_audit_author.name 
_audit_author.pdbx_ordinal 
_audit_author.identifier_ORCID 
'Nadal, M.'  1 0009-0006-1776-0884 
'Marcos, E.' 2 0000-0001-8736-4082 
# 
_citation.abstract                  ? 
_citation.abstract_id_CAS           ? 
_citation.book_id_ISBN              ? 
_citation.book_publisher            ? 
_citation.book_publisher_city       ? 
_citation.book_title                ? 
_citation.coordinate_linkage        ? 
_citation.country                   US 
_citation.database_id_Medline       ? 
_citation.details                   ? 
_citation.id                        primary 
_citation.journal_abbrev            'Protein Sci.' 
_citation.journal_id_ASTM           PRCIEI 
_citation.journal_id_CSD            0795 
_citation.journal_id_ISSN           1469-896X 
_citation.journal_full              ? 
_citation.journal_issue             ? 
_citation.journal_volume            34 
_citation.language                  ? 
_citation.page_first                e70323 
_citation.page_last                 e70323 
_citation.title                     'Buttressing ligand-binding pockets in de novo designed NTF2-like domains.' 
_citation.year                      2025 
_citation.database_id_CSD           ? 
_citation.pdbx_database_id_DOI      10.1002/pro.70323 
_citation.pdbx_database_id_PubMed   41074781 
_citation.pdbx_database_id_patent   ? 
_citation.unpublished_flag          ? 
# 
loop_
_citation_author.citation_id 
_citation_author.name 
_citation_author.ordinal 
_citation_author.identifier_ORCID 
primary 'Nadal, M.'            1 0000-0002-5033-9761 
primary 'Albi-Puig, J.'        2 ?                   
primary 'Castellvi, A.'        3 ?                   
primary 'Garcia-Franco, P.M.'  4 ?                   
primary 'Vega, S.'             5 ?                   
primary 'Velazquez-Campoy, A.' 6 0000-0001-5702-4538 
primary 'Marcos, E.'           7 0000-0001-8736-4082 
# 
loop_
_entity.id 
_entity.type 
_entity.src_method 
_entity.pdbx_description 
_entity.formula_weight 
_entity.pdbx_number_of_molecules 
_entity.pdbx_ec 
_entity.pdbx_mutation 
_entity.pdbx_fragment 
_entity.details 
1 polymer man NTF0-DIM1-CAV2 12509.642 1  ? ? ? ? 
2 water   nat water          18.015    19 ? ? ? ? 
# 
_entity_poly.entity_id                      1 
_entity_poly.type                           'polypeptide(L)' 
_entity_poly.nstd_linkage                   no 
_entity_poly.nstd_monomer                   no 
_entity_poly.pdbx_seq_one_letter_code       
;GHMGSGSMPEEEKAARLLIEALEKGDPELMRKVISPDTKMSVNGRLFTGDEVVEAVKEIQKRGIVIKLVSYEKAGNLWLF
LVTVKNNGQEEKQAVAIVVRNGRIKEVIAMSIK
;
_entity_poly.pdbx_seq_one_letter_code_can   
;GHMGSGSMPEEEKAARLLIEALEKGDPELMRKVISPDTKMSVNGRLFTGDEVVEAVKEIQKRGIVIKLVSYEKAGNLWLF
LVTVKNNGQEEKQAVAIVVRNGRIKEVIAMSIK
;
_entity_poly.pdbx_strand_id                 A 
_entity_poly.pdbx_target_identifier         ? 
# 
_pdbx_entity_nonpoly.entity_id   2 
_pdbx_entity_nonpoly.name        water 
_pdbx_entity_nonpoly.comp_id     HOH 
# 
loop_
_entity_poly_seq.entity_id 
_entity_poly_seq.num 
_entity_poly_seq.mon_id 
_entity_poly_seq.hetero 
1 1   GLY n 
1 2   HIS n 
1 3   MET n 
1 4   GLY n 
1 5   SER n 
1 6   GLY n 
1 7   SER n 
1 8   MET n 
1 9   PRO n 
1 10  GLU n 
1 11  GLU n 
1 12  GLU n 
1 13  LYS n 
1 14  ALA n 
1 15  ALA n 
1 16  ARG n 
1 17  LEU n 
1 18  LEU n 
1 19  ILE n 
1 20  GLU n 
1 21  ALA n 
1 22  LEU n 
1 23  GLU n 
1 24  LYS n 
1 25  GLY n 
1 26  ASP n 
1 27  PRO n 
1 28  GLU n 
1 29  LEU n 
1 30  MET n 
1 31  ARG n 
1 32  LYS n 
1 33  VAL n 
1 34  ILE n 
1 35  SER n 
1 36  PRO n 
1 37  ASP n 
1 38  THR n 
1 39  LYS n 
1 40  MET n 
1 41  SER n 
1 42  VAL n 
1 43  ASN n 
1 44  GLY n 
1 45  ARG n 
1 46  LEU n 
1 47  PHE n 
1 48  THR n 
1 49  GLY n 
1 50  ASP n 
1 51  GLU n 
1 52  VAL n 
1 53  VAL n 
1 54  GLU n 
1 55  ALA n 
1 56  VAL n 
1 57  LYS n 
1 58  GLU n 
1 59  ILE n 
1 60  GLN n 
1 61  LYS n 
1 62  ARG n 
1 63  GLY n 
1 64  ILE n 
1 65  VAL n 
1 66  ILE n 
1 67  LYS n 
1 68  LEU n 
1 69  VAL n 
1 70  SER n 
1 71  TYR n 
1 72  GLU n 
1 73  LYS n 
1 74  ALA n 
1 75  GLY n 
1 76  ASN n 
1 77  LEU n 
1 78  TRP n 
1 79  LEU n 
1 80  PHE n 
1 81  LEU n 
1 82  VAL n 
1 83  THR n 
1 84  VAL n 
1 85  LYS n 
1 86  ASN n 
1 87  ASN n 
1 88  GLY n 
1 89  GLN n 
1 90  GLU n 
1 91  GLU n 
1 92  LYS n 
1 93  GLN n 
1 94  ALA n 
1 95  VAL n 
1 96  ALA n 
1 97  ILE n 
1 98  VAL n 
1 99  VAL n 
1 100 ARG n 
1 101 ASN n 
1 102 GLY n 
1 103 ARG n 
1 104 ILE n 
1 105 LYS n 
1 106 GLU n 
1 107 VAL n 
1 108 ILE n 
1 109 ALA n 
1 110 MET n 
1 111 SER n 
1 112 ILE n 
1 113 LYS n 
# 
_entity_src_gen.entity_id                          1 
_entity_src_gen.pdbx_src_id                        1 
_entity_src_gen.pdbx_alt_source_flag               sample 
_entity_src_gen.pdbx_seq_type                      'Biological sequence' 
_entity_src_gen.pdbx_beg_seq_num                   1 
_entity_src_gen.pdbx_end_seq_num                   113 
_entity_src_gen.gene_src_common_name               ? 
_entity_src_gen.gene_src_genus                     ? 
_entity_src_gen.pdbx_gene_src_gene                 ? 
_entity_src_gen.gene_src_species                   ? 
_entity_src_gen.gene_src_strain                    ? 
_entity_src_gen.gene_src_tissue                    ? 
_entity_src_gen.gene_src_tissue_fraction           ? 
_entity_src_gen.gene_src_details                   ? 
_entity_src_gen.pdbx_gene_src_fragment             ? 
_entity_src_gen.pdbx_gene_src_scientific_name      'synthetic construct' 
_entity_src_gen.pdbx_gene_src_ncbi_taxonomy_id     32630 
_entity_src_gen.pdbx_gene_src_variant              ? 
_entity_src_gen.pdbx_gene_src_cell_line            ? 
_entity_src_gen.pdbx_gene_src_atcc                 ? 
_entity_src_gen.pdbx_gene_src_organ                ? 
_entity_src_gen.pdbx_gene_src_organelle            ? 
_entity_src_gen.pdbx_gene_src_cell                 ? 
_entity_src_gen.pdbx_gene_src_cellular_location    ? 
_entity_src_gen.host_org_common_name               ? 
_entity_src_gen.pdbx_host_org_scientific_name      'Escherichia coli' 
_entity_src_gen.pdbx_host_org_ncbi_taxonomy_id     562 
_entity_src_gen.host_org_genus                     ? 
_entity_src_gen.pdbx_host_org_gene                 ? 
_entity_src_gen.pdbx_host_org_organ                ? 
_entity_src_gen.host_org_species                   ? 
_entity_src_gen.pdbx_host_org_tissue               ? 
_entity_src_gen.pdbx_host_org_tissue_fraction      ? 
_entity_src_gen.pdbx_host_org_strain               ? 
_entity_src_gen.pdbx_host_org_variant              ? 
_entity_src_gen.pdbx_host_org_cell_line            ? 
_entity_src_gen.pdbx_host_org_atcc                 ? 
_entity_src_gen.pdbx_host_org_culture_collection   ? 
_entity_src_gen.pdbx_host_org_cell                 ? 
_entity_src_gen.pdbx_host_org_organelle            ? 
_entity_src_gen.pdbx_host_org_cellular_location    ? 
_entity_src_gen.pdbx_host_org_vector_type          ? 
_entity_src_gen.pdbx_host_org_vector               ? 
_entity_src_gen.host_org_details                   ? 
_entity_src_gen.expression_system_id               ? 
_entity_src_gen.plasmid_name                       ? 
_entity_src_gen.plasmid_details                    ? 
_entity_src_gen.pdbx_description                   ? 
# 
loop_
_chem_comp.id 
_chem_comp.type 
_chem_comp.mon_nstd_flag 
_chem_comp.name 
_chem_comp.pdbx_synonyms 
_chem_comp.formula 
_chem_comp.formula_weight 
ALA 'L-peptide linking' y ALANINE         ? 'C3 H7 N O2'     89.093  
ARG 'L-peptide linking' y ARGININE        ? 'C6 H15 N4 O2 1' 175.209 
ASN 'L-peptide linking' y ASPARAGINE      ? 'C4 H8 N2 O3'    132.118 
ASP 'L-peptide linking' y 'ASPARTIC ACID' ? 'C4 H7 N O4'     133.103 
GLN 'L-peptide linking' y GLUTAMINE       ? 'C5 H10 N2 O3'   146.144 
GLU 'L-peptide linking' y 'GLUTAMIC ACID' ? 'C5 H9 N O4'     147.129 
GLY 'peptide linking'   y GLYCINE         ? 'C2 H5 N O2'     75.067  
HIS 'L-peptide linking' y HISTIDINE       ? 'C6 H10 N3 O2 1' 156.162 
HOH non-polymer         . WATER           ? 'H2 O'           18.015  
ILE 'L-peptide linking' y ISOLEUCINE      ? 'C6 H13 N O2'    131.173 
LEU 'L-peptide linking' y LEUCINE         ? 'C6 H13 N O2'    131.173 
LYS 'L-peptide linking' y LYSINE          ? 'C6 H15 N2 O2 1' 147.195 
MET 'L-peptide linking' y METHIONINE      ? 'C5 H11 N O2 S'  149.211 
PHE 'L-peptide linking' y PHENYLALANINE   ? 'C9 H11 N O2'    165.189 
PRO 'L-peptide linking' y PROLINE         ? 'C5 H9 N O2'     115.130 
SER 'L-peptide linking' y SERINE          ? 'C3 H7 N O3'     105.093 
THR 'L-peptide linking' y THREONINE       ? 'C4 H9 N O3'     119.119 
TRP 'L-peptide linking' y TRYPTOPHAN      ? 'C11 H12 N2 O2'  204.225 
TYR 'L-peptide linking' y TYROSINE        ? 'C9 H11 N O3'    181.189 
VAL 'L-peptide linking' y VALINE          ? 'C5 H11 N O2'    117.146 
# 
loop_
_pdbx_poly_seq_scheme.asym_id 
_pdbx_poly_seq_scheme.entity_id 
_pdbx_poly_seq_scheme.seq_id 
_pdbx_poly_seq_scheme.mon_id 
_pdbx_poly_seq_scheme.ndb_seq_num 
_pdbx_poly_seq_scheme.pdb_seq_num 
_pdbx_poly_seq_scheme.auth_seq_num 
_pdbx_poly_seq_scheme.pdb_mon_id 
_pdbx_poly_seq_scheme.auth_mon_id 
_pdbx_poly_seq_scheme.pdb_strand_id 
_pdbx_poly_seq_scheme.pdb_ins_code 
_pdbx_poly_seq_scheme.hetero 
A 1 1   GLY 1   -6  ?   ?   ?   A . n 
A 1 2   HIS 2   -5  ?   ?   ?   A . n 
A 1 3   MET 3   -4  ?   ?   ?   A . n 
A 1 4   GLY 4   -3  ?   ?   ?   A . n 
A 1 5   SER 5   -2  ?   ?   ?   A . n 
A 1 6   GLY 6   -1  ?   ?   ?   A . n 
A 1 7   SER 7   0   ?   ?   ?   A . n 
A 1 8   MET 8   1   1   MET MET A . n 
A 1 9   PRO 9   2   2   PRO PRO A . n 
A 1 10  GLU 10  3   3   GLU GLU A . n 
A 1 11  GLU 11  4   4   GLU GLU A . n 
A 1 12  GLU 12  5   5   GLU GLU A . n 
A 1 13  LYS 13  6   6   LYS LYS A . n 
A 1 14  ALA 14  7   7   ALA ALA A . n 
A 1 15  ALA 15  8   8   ALA ALA A . n 
A 1 16  ARG 16  9   9   ARG ARG A . n 
A 1 17  LEU 17  10  10  LEU LEU A . n 
A 1 18  LEU 18  11  11  LEU LEU A . n 
A 1 19  ILE 19  12  12  ILE ILE A . n 
A 1 20  GLU 20  13  13  GLU GLU A . n 
A 1 21  ALA 21  14  14  ALA ALA A . n 
A 1 22  LEU 22  15  15  LEU LEU A . n 
A 1 23  GLU 23  16  16  GLU GLU A . n 
A 1 24  LYS 24  17  17  LYS LYS A . n 
A 1 25  GLY 25  18  18  GLY GLY A . n 
A 1 26  ASP 26  19  19  ASP ASP A . n 
A 1 27  PRO 27  20  20  PRO PRO A . n 
A 1 28  GLU 28  21  21  GLU GLU A . n 
A 1 29  LEU 29  22  22  LEU LEU A . n 
A 1 30  MET 30  23  23  MET MET A . n 
A 1 31  ARG 31  24  24  ARG ARG A . n 
A 1 32  LYS 32  25  25  LYS LYS A . n 
A 1 33  VAL 33  26  26  VAL VAL A . n 
A 1 34  ILE 34  27  27  ILE ILE A . n 
A 1 35  SER 35  28  28  SER SER A . n 
A 1 36  PRO 36  29  29  PRO PRO A . n 
A 1 37  ASP 37  30  30  ASP ASP A . n 
A 1 38  THR 38  31  31  THR THR A . n 
A 1 39  LYS 39  32  32  LYS LYS A . n 
A 1 40  MET 40  33  33  MET MET A . n 
A 1 41  SER 41  34  34  SER SER A . n 
A 1 42  VAL 42  35  35  VAL VAL A . n 
A 1 43  ASN 43  36  36  ASN ASN A . n 
A 1 44  GLY 44  37  37  GLY GLY A . n 
A 1 45  ARG 45  38  38  ARG ARG A . n 
A 1 46  LEU 46  39  39  LEU LEU A . n 
A 1 47  PHE 47  40  40  PHE PHE A . n 
A 1 48  THR 48  41  41  THR THR A . n 
A 1 49  GLY 49  42  42  GLY GLY A . n 
A 1 50  ASP 50  43  43  ASP ASP A . n 
A 1 51  GLU 51  44  44  GLU GLU A . n 
A 1 52  VAL 52  45  45  VAL VAL A . n 
A 1 53  VAL 53  46  46  VAL VAL A . n 
A 1 54  GLU 54  47  47  GLU GLU A . n 
A 1 55  ALA 55  48  48  ALA ALA A . n 
A 1 56  VAL 56  49  49  VAL VAL A . n 
A 1 57  LYS 57  50  50  LYS LYS A . n 
A 1 58  GLU 58  51  51  GLU GLU A . n 
A 1 59  ILE 59  52  52  ILE ILE A . n 
A 1 60  GLN 60  53  53  GLN GLN A . n 
A 1 61  LYS 61  54  54  LYS LYS A . n 
A 1 62  ARG 62  55  55  ARG ARG A . n 
A 1 63  GLY 63  56  56  GLY GLY A . n 
A 1 64  ILE 64  57  57  ILE ILE A . n 
A 1 65  VAL 65  58  58  VAL VAL A . n 
A 1 66  ILE 66  59  59  ILE ILE A . n 
A 1 67  LYS 67  60  60  LYS LYS A . n 
A 1 68  LEU 68  61  61  LEU LEU A . n 
A 1 69  VAL 69  62  62  VAL VAL A . n 
A 1 70  SER 70  63  63  SER SER A . n 
A 1 71  TYR 71  64  64  TYR TYR A . n 
A 1 72  GLU 72  65  65  GLU GLU A . n 
A 1 73  LYS 73  66  66  LYS LYS A . n 
A 1 74  ALA 74  67  67  ALA ALA A . n 
A 1 75  GLY 75  68  68  GLY GLY A . n 
A 1 76  ASN 76  69  69  ASN ASN A . n 
A 1 77  LEU 77  70  70  LEU LEU A . n 
A 1 78  TRP 78  71  71  TRP TRP A . n 
A 1 79  LEU 79  72  72  LEU LEU A . n 
A 1 80  PHE 80  73  73  PHE PHE A . n 
A 1 81  LEU 81  74  74  LEU LEU A . n 
A 1 82  VAL 82  75  75  VAL VAL A . n 
A 1 83  THR 83  76  76  THR THR A . n 
A 1 84  VAL 84  77  77  VAL VAL A . n 
A 1 85  LYS 85  78  78  LYS LYS A . n 
A 1 86  ASN 86  79  79  ASN ASN A . n 
A 1 87  ASN 87  80  80  ASN ASN A . n 
A 1 88  GLY 88  81  81  GLY GLY A . n 
A 1 89  GLN 89  82  82  GLN GLN A . n 
A 1 90  GLU 90  83  83  GLU GLU A . n 
A 1 91  GLU 91  84  84  GLU GLU A . n 
A 1 92  LYS 92  85  85  LYS LYS A . n 
A 1 93  GLN 93  86  86  GLN GLN A . n 
A 1 94  ALA 94  87  87  ALA ALA A . n 
A 1 95  VAL 95  88  88  VAL VAL A . n 
A 1 96  ALA 96  89  89  ALA ALA A . n 
A 1 97  ILE 97  90  90  ILE ILE A . n 
A 1 98  VAL 98  91  91  VAL VAL A . n 
A 1 99  VAL 99  92  92  VAL VAL A . n 
A 1 100 ARG 100 93  93  ARG ARG A . n 
A 1 101 ASN 101 94  94  ASN ASN A . n 
A 1 102 GLY 102 95  95  GLY GLY A . n 
A 1 103 ARG 103 96  96  ARG ARG A . n 
A 1 104 ILE 104 97  97  ILE ILE A . n 
A 1 105 LYS 105 98  98  LYS LYS A . n 
A 1 106 GLU 106 99  99  GLU GLU A . n 
A 1 107 VAL 107 100 100 VAL VAL A . n 
A 1 108 ILE 108 101 101 ILE ILE A . n 
A 1 109 ALA 109 102 102 ALA ALA A . n 
A 1 110 MET 110 103 103 MET MET A . n 
A 1 111 SER 111 104 104 SER SER A . n 
A 1 112 ILE 112 105 105 ILE ILE A . n 
A 1 113 LYS 113 106 ?   ?   ?   A . n 
# 
loop_
_pdbx_nonpoly_scheme.asym_id 
_pdbx_nonpoly_scheme.entity_id 
_pdbx_nonpoly_scheme.mon_id 
_pdbx_nonpoly_scheme.ndb_seq_num 
_pdbx_nonpoly_scheme.pdb_seq_num 
_pdbx_nonpoly_scheme.auth_seq_num 
_pdbx_nonpoly_scheme.pdb_mon_id 
_pdbx_nonpoly_scheme.auth_mon_id 
_pdbx_nonpoly_scheme.pdb_strand_id 
_pdbx_nonpoly_scheme.pdb_ins_code 
B 2 HOH 1  201 14 HOH HOH A . 
B 2 HOH 2  202 17 HOH HOH A . 
B 2 HOH 3  203 15 HOH HOH A . 
B 2 HOH 4  204 12 HOH HOH A . 
B 2 HOH 5  205 2  HOH HOH A . 
B 2 HOH 6  206 18 HOH HOH A . 
B 2 HOH 7  207 10 HOH HOH A . 
B 2 HOH 8  208 6  HOH HOH A . 
B 2 HOH 9  209 7  HOH HOH A . 
B 2 HOH 10 210 9  HOH HOH A . 
B 2 HOH 11 211 1  HOH HOH A . 
B 2 HOH 12 212 19 HOH HOH A . 
B 2 HOH 13 213 5  HOH HOH A . 
B 2 HOH 14 214 8  HOH HOH A . 
B 2 HOH 15 215 16 HOH HOH A . 
B 2 HOH 16 216 3  HOH HOH A . 
B 2 HOH 17 217 4  HOH HOH A . 
B 2 HOH 18 218 13 HOH HOH A . 
B 2 HOH 19 219 11 HOH HOH A . 
# 
loop_
_software.citation_id 
_software.classification 
_software.compiler_name 
_software.compiler_version 
_software.contact_author 
_software.contact_author_email 
_software.date 
_software.description 
_software.dependencies 
_software.hardware 
_software.language 
_software.location 
_software.mods 
_software.name 
_software.os 
_software.os_version 
_software.type 
_software.version 
_software.pdbx_reference_DOI 
_software.pdbx_ordinal 
? refinement       ? ? ? ? ? ? ? ? ? ? ? REFMAC  ? ? ? 5.8.0430 ? 1 
? 'data reduction' ? ? ? ? ? ? ? ? ? ? ? AUTOMAR ? ? ? .        ? 2 
? 'data scaling'   ? ? ? ? ? ? ? ? ? ? ? Aimless ? ? ? .        ? 3 
? phasing          ? ? ? ? ? ? ? ? ? ? ? MOLREP  ? ? ? .        ? 4 
# 
_cell.angle_alpha                  90.00 
_cell.angle_alpha_esd              ? 
_cell.angle_beta                   90.00 
_cell.angle_beta_esd               ? 
_cell.angle_gamma                  120.00 
_cell.angle_gamma_esd              ? 
_cell.entry_id                     9R17 
_cell.details                      ? 
_cell.formula_units_Z              ? 
_cell.length_a                     56.280 
_cell.length_a_esd                 ? 
_cell.length_b                     56.280 
_cell.length_b_esd                 ? 
_cell.length_c                     118.590 
_cell.length_c_esd                 ? 
_cell.volume                       ? 
_cell.volume_esd                   ? 
_cell.Z_PDB                        12 
_cell.reciprocal_angle_alpha       ? 
_cell.reciprocal_angle_beta        ? 
_cell.reciprocal_angle_gamma       ? 
_cell.reciprocal_angle_alpha_esd   ? 
_cell.reciprocal_angle_beta_esd    ? 
_cell.reciprocal_angle_gamma_esd   ? 
_cell.reciprocal_length_a          ? 
_cell.reciprocal_length_b          ? 
_cell.reciprocal_length_c          ? 
_cell.reciprocal_length_a_esd      ? 
_cell.reciprocal_length_b_esd      ? 
_cell.reciprocal_length_c_esd      ? 
_cell.pdbx_unique_axis             ? 
_cell.pdbx_esd_method              ? 
# 
_symmetry.entry_id                         9R17 
_symmetry.cell_setting                     ? 
_symmetry.Int_Tables_number                178 
_symmetry.space_group_name_Hall            ? 
_symmetry.space_group_name_H-M             'P 61 2 2' 
_symmetry.pdbx_full_space_group_name_H-M   ? 
# 
_exptl.absorpt_coefficient_mu     ? 
_exptl.absorpt_correction_T_max   ? 
_exptl.absorpt_correction_T_min   ? 
_exptl.absorpt_correction_type    ? 
_exptl.absorpt_process_details    ? 
_exptl.entry_id                   9R17 
_exptl.crystals_number            1 
_exptl.details                    ? 
_exptl.method                     'X-RAY DIFFRACTION' 
_exptl.method_details             ? 
# 
_exptl_crystal.colour                       ? 
_exptl_crystal.density_diffrn               ? 
_exptl_crystal.density_Matthews             2.17 
_exptl_crystal.density_method               ? 
_exptl_crystal.density_percent_sol          43.24 
_exptl_crystal.description                  ? 
_exptl_crystal.F_000                        ? 
_exptl_crystal.id                           1 
_exptl_crystal.preparation                  ? 
_exptl_crystal.size_max                     ? 
_exptl_crystal.size_mid                     ? 
_exptl_crystal.size_min                     ? 
_exptl_crystal.size_rad                     ? 
_exptl_crystal.colour_lustre                ? 
_exptl_crystal.colour_modifier              ? 
_exptl_crystal.colour_primary               ? 
_exptl_crystal.density_meas                 ? 
_exptl_crystal.density_meas_esd             ? 
_exptl_crystal.density_meas_gt              ? 
_exptl_crystal.density_meas_lt              ? 
_exptl_crystal.density_meas_temp            ? 
_exptl_crystal.density_meas_temp_esd        ? 
_exptl_crystal.density_meas_temp_gt         ? 
_exptl_crystal.density_meas_temp_lt         ? 
_exptl_crystal.pdbx_crystal_image_url       ? 
_exptl_crystal.pdbx_crystal_image_format    ? 
_exptl_crystal.pdbx_mosaicity               ? 
_exptl_crystal.pdbx_mosaicity_esd           ? 
_exptl_crystal.pdbx_mosaic_method           ? 
_exptl_crystal.pdbx_mosaic_block_size       ? 
_exptl_crystal.pdbx_mosaic_block_size_esd   ? 
# 
_exptl_crystal_grow.apparatus       ? 
_exptl_crystal_grow.atmosphere      ? 
_exptl_crystal_grow.crystal_id      1 
_exptl_crystal_grow.details         ? 
_exptl_crystal_grow.method          'VAPOR DIFFUSION, SITTING DROP' 
_exptl_crystal_grow.method_ref      ? 
_exptl_crystal_grow.pH              ? 
_exptl_crystal_grow.pressure        ? 
_exptl_crystal_grow.pressure_esd    ? 
_exptl_crystal_grow.seeding         ? 
_exptl_crystal_grow.seeding_ref     ? 
_exptl_crystal_grow.temp_details    ? 
_exptl_crystal_grow.temp_esd        ? 
_exptl_crystal_grow.time            ? 
_exptl_crystal_grow.pdbx_details    
;2.5 M ammonium sulfate,
0.01 M magnesium acetate,
MES 0.05 M pH 5.6
;
_exptl_crystal_grow.pdbx_pH_range   ? 
_exptl_crystal_grow.temp            293 
# 
_diffrn.ambient_environment              ? 
_diffrn.ambient_temp                     100 
_diffrn.ambient_temp_details             ? 
_diffrn.ambient_temp_esd                 ? 
_diffrn.crystal_id                       1 
_diffrn.crystal_support                  ? 
_diffrn.crystal_treatment                ? 
_diffrn.details                          ? 
_diffrn.id                               1 
_diffrn.ambient_pressure                 ? 
_diffrn.ambient_pressure_esd             ? 
_diffrn.ambient_pressure_gt              ? 
_diffrn.ambient_pressure_lt              ? 
_diffrn.ambient_temp_gt                  ? 
_diffrn.ambient_temp_lt                  ? 
_diffrn.pdbx_serial_crystal_experiment   N 
# 
_diffrn_detector.details                      ? 
_diffrn_detector.detector                     PIXEL 
_diffrn_detector.diffrn_id                    1 
_diffrn_detector.type                         'DECTRIS PILATUS3 6M' 
_diffrn_detector.area_resol_mean              ? 
_diffrn_detector.dtime                        ? 
_diffrn_detector.pdbx_frames_total            ? 
_diffrn_detector.pdbx_collection_time_total   ? 
_diffrn_detector.pdbx_collection_date         2024-07-18 
_diffrn_detector.pdbx_frequency               ? 
_diffrn_detector.id                           ? 
_diffrn_detector.number_of_axes               ? 
# 
_diffrn_radiation.collimation                      ? 
_diffrn_radiation.diffrn_id                        1 
_diffrn_radiation.filter_edge                      ? 
_diffrn_radiation.inhomogeneity                    ? 
_diffrn_radiation.monochromator                    ? 
_diffrn_radiation.polarisn_norm                    ? 
_diffrn_radiation.polarisn_ratio                   ? 
_diffrn_radiation.probe                            ? 
_diffrn_radiation.type                             ? 
_diffrn_radiation.xray_symbol                      ? 
_diffrn_radiation.wavelength_id                    1 
_diffrn_radiation.pdbx_monochromatic_or_laue_m_l   M 
_diffrn_radiation.pdbx_wavelength_list             ? 
_diffrn_radiation.pdbx_wavelength                  ? 
_diffrn_radiation.pdbx_diffrn_protocol             'SINGLE WAVELENGTH' 
_diffrn_radiation.pdbx_analyzer                    ? 
_diffrn_radiation.pdbx_scattering_type             x-ray 
# 
_diffrn_radiation_wavelength.id           1 
_diffrn_radiation_wavelength.wavelength   0.976 
_diffrn_radiation_wavelength.wt           1.0 
# 
_diffrn_source.current                     ? 
_diffrn_source.details                     ? 
_diffrn_source.diffrn_id                   1 
_diffrn_source.power                       ? 
_diffrn_source.size                        ? 
_diffrn_source.source                      SYNCHROTRON 
_diffrn_source.target                      ? 
_diffrn_source.type                        'ALBA BEAMLINE XALOC' 
_diffrn_source.voltage                     ? 
_diffrn_source.take-off_angle              ? 
_diffrn_source.pdbx_wavelength_list        0.976 
_diffrn_source.pdbx_wavelength             ? 
_diffrn_source.pdbx_synchrotron_beamline   XALOC 
_diffrn_source.pdbx_synchrotron_site       ALBA 
# 
_reflns.B_iso_Wilson_estimate                          ? 
_reflns.entry_id                                       9R17 
_reflns.data_reduction_details                         ? 
_reflns.data_reduction_method                          ? 
_reflns.d_resolution_high                              1.5 
_reflns.d_resolution_low                               39.53 
_reflns.details                                        ? 
_reflns.limit_h_max                                    ? 
_reflns.limit_h_min                                    ? 
_reflns.limit_k_max                                    ? 
_reflns.limit_k_min                                    ? 
_reflns.limit_l_max                                    ? 
_reflns.limit_l_min                                    ? 
_reflns.number_all                                     ? 
_reflns.number_obs                                     18616 
_reflns.observed_criterion                             ? 
_reflns.observed_criterion_F_max                       ? 
_reflns.observed_criterion_F_min                       ? 
_reflns.observed_criterion_I_max                       ? 
_reflns.observed_criterion_I_min                       ? 
_reflns.observed_criterion_sigma_F                     ? 
_reflns.observed_criterion_sigma_I                     ? 
_reflns.percent_possible_obs                           100 
_reflns.R_free_details                                 ? 
_reflns.Rmerge_F_all                                   ? 
_reflns.Rmerge_F_obs                                   ? 
_reflns.Friedel_coverage                               ? 
_reflns.number_gt                                      ? 
_reflns.threshold_expression                           ? 
_reflns.pdbx_redundancy                                25.6 
_reflns.pdbx_netI_over_av_sigmaI                       ? 
_reflns.pdbx_netI_over_sigmaI                          24.4 
_reflns.pdbx_res_netI_over_av_sigmaI_2                 ? 
_reflns.pdbx_res_netI_over_sigmaI_2                    ? 
_reflns.pdbx_chi_squared                               ? 
_reflns.pdbx_scaling_rejects                           ? 
_reflns.pdbx_d_res_high_opt                            ? 
_reflns.pdbx_d_res_low_opt                             ? 
_reflns.pdbx_d_res_opt_method                          ? 
_reflns.phase_calculation_details                      ? 
_reflns.pdbx_Rrim_I_all                                ? 
_reflns.pdbx_Rpim_I_all                                ? 
_reflns.pdbx_d_opt                                     ? 
_reflns.pdbx_number_measured_all                       ? 
_reflns.pdbx_diffrn_id                                 1 
_reflns.pdbx_ordinal                                   1 
_reflns.pdbx_CC_half                                   1 
_reflns.pdbx_CC_star                                   ? 
_reflns.pdbx_R_split                                   ? 
_reflns.pdbx_Rmerge_I_obs                              ? 
_reflns.pdbx_Rmerge_I_all                              ? 
_reflns.pdbx_Rsym_value                                ? 
_reflns.pdbx_CC_split_method                           ? 
_reflns.pdbx_aniso_diffraction_limit_axis_1_ortho[1]   ? 
_reflns.pdbx_aniso_diffraction_limit_axis_1_ortho[2]   ? 
_reflns.pdbx_aniso_diffraction_limit_axis_1_ortho[3]   ? 
_reflns.pdbx_aniso_diffraction_limit_axis_2_ortho[1]   ? 
_reflns.pdbx_aniso_diffraction_limit_axis_2_ortho[2]   ? 
_reflns.pdbx_aniso_diffraction_limit_axis_2_ortho[3]   ? 
_reflns.pdbx_aniso_diffraction_limit_axis_3_ortho[1]   ? 
_reflns.pdbx_aniso_diffraction_limit_axis_3_ortho[2]   ? 
_reflns.pdbx_aniso_diffraction_limit_axis_3_ortho[3]   ? 
_reflns.pdbx_aniso_diffraction_limit_1                 ? 
_reflns.pdbx_aniso_diffraction_limit_2                 ? 
_reflns.pdbx_aniso_diffraction_limit_3                 ? 
_reflns.pdbx_aniso_B_tensor_eigenvector_1_ortho[1]     ? 
_reflns.pdbx_aniso_B_tensor_eigenvector_1_ortho[2]     ? 
_reflns.pdbx_aniso_B_tensor_eigenvector_1_ortho[3]     ? 
_reflns.pdbx_aniso_B_tensor_eigenvector_2_ortho[1]     ? 
_reflns.pdbx_aniso_B_tensor_eigenvector_2_ortho[2]     ? 
_reflns.pdbx_aniso_B_tensor_eigenvector_2_ortho[3]     ? 
_reflns.pdbx_aniso_B_tensor_eigenvector_3_ortho[1]     ? 
_reflns.pdbx_aniso_B_tensor_eigenvector_3_ortho[2]     ? 
_reflns.pdbx_aniso_B_tensor_eigenvector_3_ortho[3]     ? 
_reflns.pdbx_aniso_B_tensor_eigenvalue_1               ? 
_reflns.pdbx_aniso_B_tensor_eigenvalue_2               ? 
_reflns.pdbx_aniso_B_tensor_eigenvalue_3               ? 
_reflns.pdbx_orthogonalization_convention              ? 
_reflns.pdbx_percent_possible_ellipsoidal              ? 
_reflns.pdbx_percent_possible_spherical                ? 
_reflns.pdbx_percent_possible_ellipsoidal_anomalous    ? 
_reflns.pdbx_percent_possible_spherical_anomalous      ? 
_reflns.pdbx_redundancy_anomalous                      ? 
_reflns.pdbx_CC_half_anomalous                         ? 
_reflns.pdbx_absDiff_over_sigma_anomalous              ? 
_reflns.pdbx_percent_possible_anomalous                ? 
_reflns.pdbx_observed_signal_threshold                 ? 
_reflns.pdbx_signal_type                               ? 
_reflns.pdbx_signal_details                            ? 
_reflns.pdbx_signal_software_id                        ? 
# 
_reflns_shell.d_res_high                                    1.5 
_reflns_shell.d_res_low                                     1.53 
_reflns_shell.meanI_over_sigI_all                           ? 
_reflns_shell.meanI_over_sigI_obs                           ? 
_reflns_shell.number_measured_all                           ? 
_reflns_shell.number_measured_obs                           ? 
_reflns_shell.number_possible                               ? 
_reflns_shell.number_unique_all                             ? 
_reflns_shell.number_unique_obs                             913 
_reflns_shell.percent_possible_obs                          ? 
_reflns_shell.Rmerge_F_all                                  ? 
_reflns_shell.Rmerge_F_obs                                  ? 
_reflns_shell.meanI_over_sigI_gt                            ? 
_reflns_shell.meanI_over_uI_all                             ? 
_reflns_shell.meanI_over_uI_gt                              ? 
_reflns_shell.number_measured_gt                            ? 
_reflns_shell.number_unique_gt                              ? 
_reflns_shell.percent_possible_gt                           ? 
_reflns_shell.Rmerge_F_gt                                   ? 
_reflns_shell.Rmerge_I_gt                                   ? 
_reflns_shell.pdbx_redundancy                               ? 
_reflns_shell.pdbx_chi_squared                              ? 
_reflns_shell.pdbx_netI_over_sigmaI_all                     ? 
_reflns_shell.pdbx_netI_over_sigmaI_obs                     ? 
_reflns_shell.pdbx_Rrim_I_all                               ? 
_reflns_shell.pdbx_Rpim_I_all                               ? 
_reflns_shell.pdbx_rejects                                  ? 
_reflns_shell.pdbx_ordinal                                  1 
_reflns_shell.pdbx_diffrn_id                                1 
_reflns_shell.pdbx_CC_half                                  0.701 
_reflns_shell.pdbx_CC_star                                  ? 
_reflns_shell.pdbx_R_split                                  ? 
_reflns_shell.percent_possible_all                          ? 
_reflns_shell.Rmerge_I_all                                  ? 
_reflns_shell.Rmerge_I_obs                                  ? 
_reflns_shell.pdbx_Rsym_value                               ? 
_reflns_shell.pdbx_percent_possible_ellipsoidal             ? 
_reflns_shell.pdbx_percent_possible_spherical               ? 
_reflns_shell.pdbx_percent_possible_ellipsoidal_anomalous   ? 
_reflns_shell.pdbx_percent_possible_spherical_anomalous     ? 
_reflns_shell.pdbx_redundancy_anomalous                     ? 
_reflns_shell.pdbx_CC_half_anomalous                        ? 
_reflns_shell.pdbx_absDiff_over_sigma_anomalous             ? 
_reflns_shell.pdbx_percent_possible_anomalous               ? 
# 
_refine.aniso_B[1][1]                            -0.02 
_refine.aniso_B[1][2]                            -0.01 
_refine.aniso_B[1][3]                            -0.00 
_refine.aniso_B[2][2]                            -0.02 
_refine.aniso_B[2][3]                            0.00 
_refine.aniso_B[3][3]                            0.07 
_refine.B_iso_max                                ? 
_refine.B_iso_mean                               32.319 
_refine.B_iso_min                                ? 
_refine.correlation_coeff_Fo_to_Fc               0.960 
_refine.correlation_coeff_Fo_to_Fc_free          0.945 
_refine.details                                  'HYDROGENS HAVE BEEN USED IF PRESENT IN THE INPUT' 
_refine.diff_density_max                         ? 
_refine.diff_density_max_esd                     ? 
_refine.diff_density_min                         ? 
_refine.diff_density_min_esd                     ? 
_refine.diff_density_rms                         ? 
_refine.diff_density_rms_esd                     ? 
_refine.entry_id                                 9R17 
_refine.pdbx_refine_id                           'X-RAY DIFFRACTION' 
_refine.ls_abs_structure_details                 ? 
_refine.ls_abs_structure_Flack                   ? 
_refine.ls_abs_structure_Flack_esd               ? 
_refine.ls_abs_structure_Rogers                  ? 
_refine.ls_abs_structure_Rogers_esd              ? 
_refine.ls_d_res_high                            1.50 
_refine.ls_d_res_low                             37.68 
_refine.ls_extinction_coef                       ? 
_refine.ls_extinction_coef_esd                   ? 
_refine.ls_extinction_expression                 ? 
_refine.ls_extinction_method                     ? 
_refine.ls_goodness_of_fit_all                   ? 
_refine.ls_goodness_of_fit_all_esd               ? 
_refine.ls_goodness_of_fit_obs                   ? 
_refine.ls_goodness_of_fit_obs_esd               ? 
_refine.ls_hydrogen_treatment                    ? 
_refine.ls_matrix_type                           ? 
_refine.ls_number_constraints                    ? 
_refine.ls_number_parameters                     ? 
_refine.ls_number_reflns_all                     ? 
_refine.ls_number_reflns_obs                     17664 
_refine.ls_number_reflns_R_free                  887 
_refine.ls_number_reflns_R_work                  ? 
_refine.ls_number_restraints                     ? 
_refine.ls_percent_reflns_obs                    99.97 
_refine.ls_percent_reflns_R_free                 4.8 
_refine.ls_R_factor_all                          ? 
_refine.ls_R_factor_obs                          0.18576 
_refine.ls_R_factor_R_free                       0.21643 
_refine.ls_R_factor_R_free_error                 ? 
_refine.ls_R_factor_R_free_error_details         ? 
_refine.ls_R_factor_R_work                       0.18432 
_refine.ls_R_Fsqd_factor_obs                     ? 
_refine.ls_R_I_factor_obs                        ? 
_refine.ls_redundancy_reflns_all                 ? 
_refine.ls_redundancy_reflns_obs                 ? 
_refine.ls_restrained_S_all                      ? 
_refine.ls_restrained_S_obs                      ? 
_refine.ls_shift_over_esd_max                    ? 
_refine.ls_shift_over_esd_mean                   ? 
_refine.ls_structure_factor_coef                 ? 
_refine.ls_weighting_details                     ? 
_refine.ls_weighting_scheme                      ? 
_refine.ls_wR_factor_all                         ? 
_refine.ls_wR_factor_obs                         ? 
_refine.ls_wR_factor_R_free                      ? 
_refine.ls_wR_factor_R_work                      ? 
_refine.occupancy_max                            ? 
_refine.occupancy_min                            ? 
_refine.solvent_model_details                    MASK 
_refine.solvent_model_param_bsol                 ? 
_refine.solvent_model_param_ksol                 ? 
_refine.correlation_coeff_I_to_Fcsqd_work        ? 
_refine.correlation_coeff_I_to_Fcsqd_free        ? 
_refine.pdbx_R_complete                          ? 
_refine.ls_R_factor_gt                           ? 
_refine.ls_goodness_of_fit_gt                    ? 
_refine.ls_goodness_of_fit_ref                   ? 
_refine.ls_shift_over_su_max                     ? 
_refine.ls_shift_over_su_max_lt                  ? 
_refine.ls_shift_over_su_mean                    ? 
_refine.ls_shift_over_su_mean_lt                 ? 
_refine.pdbx_ls_sigma_I                          ? 
_refine.pdbx_ls_sigma_F                          ? 
_refine.pdbx_ls_sigma_Fsqd                       ? 
_refine.pdbx_data_cutoff_high_absF               ? 
_refine.pdbx_data_cutoff_high_rms_absF           ? 
_refine.pdbx_data_cutoff_low_absF                ? 
_refine.pdbx_isotropic_thermal_model             ? 
_refine.pdbx_ls_cross_valid_method               THROUGHOUT 
_refine.pdbx_method_to_determine_struct          'MOLECULAR REPLACEMENT' 
_refine.pdbx_starting_model                      ? 
_refine.pdbx_stereochemistry_target_values       'MAXIMUM LIKELIHOOD' 
_refine.pdbx_R_Free_selection_details            RANDOM 
_refine.pdbx_stereochem_target_val_spec_case     ? 
_refine.pdbx_overall_ESU_R                       0.082 
_refine.pdbx_overall_ESU_R_Free                  0.072 
_refine.pdbx_solvent_vdw_probe_radii             1.00 
_refine.pdbx_solvent_ion_probe_radii             0.70 
_refine.pdbx_solvent_shrinkage_radii             0.70 
_refine.pdbx_real_space_R                        ? 
_refine.pdbx_density_correlation                 ? 
_refine.pdbx_pd_number_of_powder_patterns        ? 
_refine.pdbx_pd_number_of_points                 ? 
_refine.pdbx_pd_meas_number_of_points            ? 
_refine.pdbx_pd_proc_ls_prof_R_factor            ? 
_refine.pdbx_pd_proc_ls_prof_wR_factor           ? 
_refine.pdbx_pd_Marquardt_correlation_coeff      ? 
_refine.pdbx_pd_Fsqrd_R_factor                   ? 
_refine.pdbx_pd_ls_matrix_band_width             ? 
_refine.pdbx_overall_phase_error                 ? 
_refine.pdbx_overall_SU_R_free_Cruickshank_DPI   ? 
_refine.pdbx_overall_SU_R_free_Blow_DPI          ? 
_refine.pdbx_overall_SU_R_Blow_DPI               ? 
_refine.pdbx_TLS_residual_ADP_flag               ? 
_refine.pdbx_diffrn_id                           1 
_refine.overall_SU_B                             ? 
_refine.overall_SU_ML                            ? 
_refine.overall_SU_R_Cruickshank_DPI             ? 
_refine.overall_SU_R_free                        ? 
_refine.overall_FOM_free_R_set                   ? 
_refine.overall_FOM_work_R_set                   ? 
_refine.pdbx_average_fsc_overall                 ? 
_refine.pdbx_average_fsc_work                    ? 
_refine.pdbx_average_fsc_free                    ? 
# 
_refine_hist.pdbx_refine_id                   'X-RAY DIFFRACTION' 
_refine_hist.cycle_id                         1 
_refine_hist.details                          ? 
_refine_hist.d_res_high                       1.50 
_refine_hist.d_res_low                        37.68 
_refine_hist.number_atoms_solvent             19 
_refine_hist.number_atoms_total               841 
_refine_hist.number_reflns_all                ? 
_refine_hist.number_reflns_obs                ? 
_refine_hist.number_reflns_R_free             ? 
_refine_hist.number_reflns_R_work             ? 
_refine_hist.R_factor_all                     ? 
_refine_hist.R_factor_obs                     ? 
_refine_hist.R_factor_R_free                  ? 
_refine_hist.R_factor_R_work                  ? 
_refine_hist.pdbx_number_residues_total       ? 
_refine_hist.pdbx_B_iso_mean_ligand           ? 
_refine_hist.pdbx_B_iso_mean_solvent          ? 
_refine_hist.pdbx_number_atoms_protein        822 
_refine_hist.pdbx_number_atoms_nucleic_acid   0 
_refine_hist.pdbx_number_atoms_ligand         0 
_refine_hist.pdbx_number_atoms_lipid          ? 
_refine_hist.pdbx_number_atoms_carb           ? 
_refine_hist.pdbx_pseudo_atom_details         ? 
# 
loop_
_refine_ls_restr.pdbx_refine_id 
_refine_ls_restr.criterion 
_refine_ls_restr.dev_ideal 
_refine_ls_restr.dev_ideal_target 
_refine_ls_restr.number 
_refine_ls_restr.rejects 
_refine_ls_restr.type 
_refine_ls_restr.weight 
_refine_ls_restr.pdbx_Zscore 
_refine_ls_restr.pdbx_restraint_function 
'X-RAY DIFFRACTION' ? 0.018  0.017  837  ? r_bond_refined_d             ? ? ? 
'X-RAY DIFFRACTION' ? 0.000  0.016  878  ? r_bond_other_d               ? ? ? 
'X-RAY DIFFRACTION' ? 1.706  1.863  1125 ? r_angle_refined_deg          ? ? ? 
'X-RAY DIFFRACTION' ? 0.584  1.567  2022 ? r_angle_other_deg            ? ? ? 
'X-RAY DIFFRACTION' ? 12.238 5.268  112  ? r_dihedral_angle_1_deg       ? ? ? 
'X-RAY DIFFRACTION' ? ?      ?      ?    ? r_dihedral_angle_2_deg       ? ? ? 
'X-RAY DIFFRACTION' ? 13.574 10.000 176  ? r_dihedral_angle_3_deg       ? ? ? 
'X-RAY DIFFRACTION' ? ?      ?      ?    ? r_dihedral_angle_4_deg       ? ? ? 
'X-RAY DIFFRACTION' ? 0.101  0.200  133  ? r_chiral_restr               ? ? ? 
'X-RAY DIFFRACTION' ? 0.006  0.020  958  ? r_gen_planes_refined         ? ? ? 
'X-RAY DIFFRACTION' ? 0.009  0.020  170  ? r_gen_planes_other           ? ? ? 
'X-RAY DIFFRACTION' ? ?      ?      ?    ? r_nbd_refined                ? ? ? 
'X-RAY DIFFRACTION' ? ?      ?      ?    ? r_nbd_other                  ? ? ? 
'X-RAY DIFFRACTION' ? ?      ?      ?    ? r_nbtor_refined              ? ? ? 
'X-RAY DIFFRACTION' ? ?      ?      ?    ? r_nbtor_other                ? ? ? 
'X-RAY DIFFRACTION' ? ?      ?      ?    ? r_xyhbond_nbd_refined        ? ? ? 
'X-RAY DIFFRACTION' ? ?      ?      ?    ? r_xyhbond_nbd_other          ? ? ? 
'X-RAY DIFFRACTION' ? ?      ?      ?    ? r_metal_ion_refined          ? ? ? 
'X-RAY DIFFRACTION' ? ?      ?      ?    ? r_metal_ion_other            ? ? ? 
'X-RAY DIFFRACTION' ? ?      ?      ?    ? r_symmetry_vdw_refined       ? ? ? 
'X-RAY DIFFRACTION' ? ?      ?      ?    ? r_symmetry_vdw_other         ? ? ? 
'X-RAY DIFFRACTION' ? ?      ?      ?    ? r_symmetry_hbond_refined     ? ? ? 
'X-RAY DIFFRACTION' ? ?      ?      ?    ? r_symmetry_hbond_other       ? ? ? 
'X-RAY DIFFRACTION' ? ?      ?      ?    ? r_symmetry_metal_ion_refined ? ? ? 
'X-RAY DIFFRACTION' ? ?      ?      ?    ? r_symmetry_metal_ion_other   ? ? ? 
'X-RAY DIFFRACTION' ? 7.483  2.711  421  ? r_mcbond_it                  ? ? ? 
'X-RAY DIFFRACTION' ? 10.295 4.879  525  ? r_mcangle_it                 ? ? ? 
'X-RAY DIFFRACTION' ? 10.330 5.512  526  ? r_mcangle_other              ? ? ? 
'X-RAY DIFFRACTION' ? 11.481 3.447  416  ? r_scbond_it                  ? ? ? 
'X-RAY DIFFRACTION' ? 11.509 ?      417  ? r_scbond_other               ? ? ? 
'X-RAY DIFFRACTION' ? ?      ?      ?    ? r_scangle_it                 ? ? ? 
'X-RAY DIFFRACTION' ? 16.741 6.006  600  ? r_scangle_other              ? ? ? 
'X-RAY DIFFRACTION' ? 19.223 28.31  878  ? r_long_range_B_refined       ? ? ? 
'X-RAY DIFFRACTION' ? 19.211 28.30  878  ? r_long_range_B_other         ? ? ? 
'X-RAY DIFFRACTION' ? 5.305  3.000  837  ? r_rigid_bond_restr           ? ? ? 
'X-RAY DIFFRACTION' ? ?      ?      ?    ? r_sphericity_free            ? ? ? 
'X-RAY DIFFRACTION' ? ?      ?      ?    ? r_sphericity_bonded          ? ? ? 
# 
_refine_ls_shell.pdbx_refine_id                      'X-RAY DIFFRACTION' 
_refine_ls_shell.d_res_high                          1.500 
_refine_ls_shell.d_res_low                           1.539 
_refine_ls_shell.number_reflns_all                   ? 
_refine_ls_shell.number_reflns_obs                   ? 
_refine_ls_shell.number_reflns_R_free                65 
_refine_ls_shell.number_reflns_R_work                1262 
_refine_ls_shell.percent_reflns_obs                  100.00 
_refine_ls_shell.percent_reflns_R_free               ? 
_refine_ls_shell.R_factor_all                        ? 
_refine_ls_shell.R_factor_obs                        ? 
_refine_ls_shell.R_factor_R_free_error               ? 
_refine_ls_shell.R_factor_R_work                     0.169 
_refine_ls_shell.redundancy_reflns_all               ? 
_refine_ls_shell.redundancy_reflns_obs               ? 
_refine_ls_shell.wR_factor_all                       ? 
_refine_ls_shell.wR_factor_obs                       ? 
_refine_ls_shell.wR_factor_R_free                    ? 
_refine_ls_shell.wR_factor_R_work                    ? 
_refine_ls_shell.pdbx_R_complete                     ? 
_refine_ls_shell.correlation_coeff_Fo_to_Fc          ? 
_refine_ls_shell.correlation_coeff_Fo_to_Fc_free     ? 
_refine_ls_shell.correlation_coeff_I_to_Fcsqd_work   ? 
_refine_ls_shell.correlation_coeff_I_to_Fcsqd_free   ? 
_refine_ls_shell.pdbx_total_number_of_bins_used      20 
_refine_ls_shell.pdbx_phase_error                    ? 
_refine_ls_shell.pdbx_fsc_work                       ? 
_refine_ls_shell.pdbx_fsc_free                       ? 
_refine_ls_shell.R_factor_R_free                     0.205 
# 
_struct.entry_id                     9R17 
_struct.title                        'De novo designed homodimeric NTF2-like protein with a hydrophobic pocket' 
_struct.pdbx_model_details           ? 
_struct.pdbx_formula_weight          ? 
_struct.pdbx_formula_weight_method   ? 
_struct.pdbx_model_type_details      ? 
_struct.pdbx_CASP_flag               N 
# 
_struct_keywords.entry_id        9R17 
_struct_keywords.text            'NTF2, DE NOVO PROTEIN' 
_struct_keywords.pdbx_keywords   'DE NOVO PROTEIN' 
# 
loop_
_struct_asym.id 
_struct_asym.pdbx_blank_PDB_chainid_flag 
_struct_asym.pdbx_modified 
_struct_asym.entity_id 
_struct_asym.details 
A N N 1 ? 
B N N 2 ? 
# 
_struct_ref.id                         1 
_struct_ref.db_name                    PDB 
_struct_ref.db_code                    9R17 
_struct_ref.pdbx_db_accession          9R17 
_struct_ref.pdbx_db_isoform            ? 
_struct_ref.entity_id                  1 
_struct_ref.pdbx_seq_one_letter_code   ? 
_struct_ref.pdbx_align_begin           1 
# 
_struct_ref_seq.align_id                      1 
_struct_ref_seq.ref_id                        1 
_struct_ref_seq.pdbx_PDB_id_code              9R17 
_struct_ref_seq.pdbx_strand_id                A 
_struct_ref_seq.seq_align_beg                 1 
_struct_ref_seq.pdbx_seq_align_beg_ins_code   ? 
_struct_ref_seq.seq_align_end                 113 
_struct_ref_seq.pdbx_seq_align_end_ins_code   ? 
_struct_ref_seq.pdbx_db_accession             9R17 
_struct_ref_seq.db_align_beg                  -6 
_struct_ref_seq.pdbx_db_align_beg_ins_code    ? 
_struct_ref_seq.db_align_end                  106 
_struct_ref_seq.pdbx_db_align_end_ins_code    ? 
_struct_ref_seq.pdbx_auth_seq_align_beg       -6 
_struct_ref_seq.pdbx_auth_seq_align_end       106 
# 
_pdbx_struct_assembly.id                   1 
_pdbx_struct_assembly.details              author_and_software_defined_assembly 
_pdbx_struct_assembly.method_details       PISA 
_pdbx_struct_assembly.oligomeric_details   dimeric 
_pdbx_struct_assembly.oligomeric_count     2 
# 
loop_
_pdbx_struct_assembly_prop.biol_id 
_pdbx_struct_assembly_prop.type 
_pdbx_struct_assembly_prop.value 
_pdbx_struct_assembly_prop.details 
1 'ABSA (A^2)' 2050  ? 
1 MORE         -23   ? 
1 'SSA (A^2)'  10560 ? 
# 
_pdbx_struct_assembly_gen.assembly_id       1 
_pdbx_struct_assembly_gen.oper_expression   1,2 
_pdbx_struct_assembly_gen.asym_id_list      A,B 
# 
_pdbx_struct_assembly_auth_evidence.id                     1 
_pdbx_struct_assembly_auth_evidence.assembly_id            1 
_pdbx_struct_assembly_auth_evidence.experimental_support   'gel filtration' 
_pdbx_struct_assembly_auth_evidence.details                ? 
# 
loop_
_pdbx_struct_oper_list.id 
_pdbx_struct_oper_list.type 
_pdbx_struct_oper_list.name 
_pdbx_struct_oper_list.symmetry_operation 
_pdbx_struct_oper_list.matrix[1][1] 
_pdbx_struct_oper_list.matrix[1][2] 
_pdbx_struct_oper_list.matrix[1][3] 
_pdbx_struct_oper_list.vector[1] 
_pdbx_struct_oper_list.matrix[2][1] 
_pdbx_struct_oper_list.matrix[2][2] 
_pdbx_struct_oper_list.matrix[2][3] 
_pdbx_struct_oper_list.vector[2] 
_pdbx_struct_oper_list.matrix[3][1] 
_pdbx_struct_oper_list.matrix[3][2] 
_pdbx_struct_oper_list.matrix[3][3] 
_pdbx_struct_oper_list.vector[3] 
1 'identity operation'         1_555  x,y,z            1.0000000000  0.0000000000  0.0000000000 0.0000000000  0.0000000000  1.0000000000  0.0000000000  0.0000000000  0.0000000000 0.0000000000  1.0000000000 0.0000000000  
2 'crystal symmetry operation' 10_664 -y+1,-x+1,-z-1/6 -0.9953225721 -0.0526062182 0.0810281633 -2.9608914506 -0.0526062182 -0.4083470096 -0.9113096650 18.9896632129 0.0810281633 -0.9113096650 0.4036695817 12.4996505200 
# 
loop_
_struct_conf.conf_type_id 
_struct_conf.id 
_struct_conf.pdbx_PDB_helix_id 
_struct_conf.beg_label_comp_id 
_struct_conf.beg_label_asym_id 
_struct_conf.beg_label_seq_id 
_struct_conf.pdbx_beg_PDB_ins_code 
_struct_conf.end_label_comp_id 
_struct_conf.end_label_asym_id 
_struct_conf.end_label_seq_id 
_struct_conf.pdbx_end_PDB_ins_code 
_struct_conf.beg_auth_comp_id 
_struct_conf.beg_auth_asym_id 
_struct_conf.beg_auth_seq_id 
_struct_conf.end_auth_comp_id 
_struct_conf.end_auth_asym_id 
_struct_conf.end_auth_seq_id 
_struct_conf.pdbx_PDB_helix_class 
_struct_conf.details 
_struct_conf.pdbx_PDB_helix_length 
HELX_P HELX_P1 AA1 PRO A 9  ? GLY A 25 ? PRO A 2  GLY A 18 1 ? 17 
HELX_P HELX_P2 AA2 ASP A 26 ? VAL A 33 ? ASP A 19 VAL A 26 1 ? 8  
HELX_P HELX_P3 AA3 GLY A 49 ? GLY A 63 ? GLY A 42 GLY A 56 1 ? 15 
# 
_struct_conf_type.id          HELX_P 
_struct_conf_type.criteria    ? 
_struct_conf_type.reference   ? 
# 
_struct_sheet.id               AA1 
_struct_sheet.type             ? 
_struct_sheet.number_strands   6 
_struct_sheet.details          ? 
# 
loop_
_struct_sheet_order.sheet_id 
_struct_sheet_order.range_id_1 
_struct_sheet_order.range_id_2 
_struct_sheet_order.offset 
_struct_sheet_order.sense 
AA1 1 2 ? anti-parallel 
AA1 2 3 ? parallel      
AA1 3 4 ? anti-parallel 
AA1 4 5 ? anti-parallel 
AA1 5 6 ? anti-parallel 
# 
loop_
_struct_sheet_range.sheet_id 
_struct_sheet_range.id 
_struct_sheet_range.beg_label_comp_id 
_struct_sheet_range.beg_label_asym_id 
_struct_sheet_range.beg_label_seq_id 
_struct_sheet_range.pdbx_beg_PDB_ins_code 
_struct_sheet_range.end_label_comp_id 
_struct_sheet_range.end_label_asym_id 
_struct_sheet_range.end_label_seq_id 
_struct_sheet_range.pdbx_end_PDB_ins_code 
_struct_sheet_range.beg_auth_comp_id 
_struct_sheet_range.beg_auth_asym_id 
_struct_sheet_range.beg_auth_seq_id 
_struct_sheet_range.end_auth_comp_id 
_struct_sheet_range.end_auth_asym_id 
_struct_sheet_range.end_auth_seq_id 
AA1 1 ARG A 45  ? THR A 48  ? ARG A 38 THR A 41  
AA1 2 ILE A 34  ? VAL A 42  ? ILE A 27 VAL A 35  
AA1 3 ARG A 103 ? ILE A 112 ? ARG A 96 ILE A 105 
AA1 4 GLN A 89  ? ARG A 100 ? GLN A 82 ARG A 93  
AA1 5 LEU A 77  ? ASN A 86  ? LEU A 70 ASN A 79  
AA1 6 VAL A 65  ? ALA A 74  ? VAL A 58 ALA A 67  
# 
loop_
_pdbx_struct_sheet_hbond.sheet_id 
_pdbx_struct_sheet_hbond.range_id_1 
_pdbx_struct_sheet_hbond.range_id_2 
_pdbx_struct_sheet_hbond.range_1_label_atom_id 
_pdbx_struct_sheet_hbond.range_1_label_comp_id 
_pdbx_struct_sheet_hbond.range_1_label_asym_id 
_pdbx_struct_sheet_hbond.range_1_label_seq_id 
_pdbx_struct_sheet_hbond.range_1_PDB_ins_code 
_pdbx_struct_sheet_hbond.range_1_auth_atom_id 
_pdbx_struct_sheet_hbond.range_1_auth_comp_id 
_pdbx_struct_sheet_hbond.range_1_auth_asym_id 
_pdbx_struct_sheet_hbond.range_1_auth_seq_id 
_pdbx_struct_sheet_hbond.range_2_label_atom_id 
_pdbx_struct_sheet_hbond.range_2_label_comp_id 
_pdbx_struct_sheet_hbond.range_2_label_asym_id 
_pdbx_struct_sheet_hbond.range_2_label_seq_id 
_pdbx_struct_sheet_hbond.range_2_PDB_ins_code 
_pdbx_struct_sheet_hbond.range_2_auth_atom_id 
_pdbx_struct_sheet_hbond.range_2_auth_comp_id 
_pdbx_struct_sheet_hbond.range_2_auth_asym_id 
_pdbx_struct_sheet_hbond.range_2_auth_seq_id 
AA1 1 2 O PHE A 47  ? O PHE A 40  N MET A 40  ? N MET A 33  
AA1 2 3 N SER A 41  ? N SER A 34  O ALA A 109 ? O ALA A 102 
AA1 3 4 O ILE A 112 ? O ILE A 105 N LYS A 92  ? N LYS A 85  
AA1 4 5 O GLU A 91  ? O GLU A 84  N VAL A 84  ? N VAL A 77  
AA1 5 6 O LEU A 81  ? O LEU A 74  N VAL A 69  ? N VAL A 62  
# 
_pdbx_entry_details.entry_id                   9R17 
_pdbx_entry_details.compound_details           ? 
_pdbx_entry_details.source_details             ? 
_pdbx_entry_details.nonpolymer_details         ? 
_pdbx_entry_details.sequence_details           ? 
_pdbx_entry_details.has_ligand_of_interest     ? 
_pdbx_entry_details.has_protein_modification   N 
# 
_pdbx_validate_symm_contact.id                1 
_pdbx_validate_symm_contact.PDB_model_num     1 
_pdbx_validate_symm_contact.auth_atom_id_1    O 
_pdbx_validate_symm_contact.auth_asym_id_1    A 
_pdbx_validate_symm_contact.auth_comp_id_1    ASN 
_pdbx_validate_symm_contact.auth_seq_id_1     80 
_pdbx_validate_symm_contact.PDB_ins_code_1    ? 
_pdbx_validate_symm_contact.label_alt_id_1    ? 
_pdbx_validate_symm_contact.site_symmetry_1   1_555 
_pdbx_validate_symm_contact.auth_atom_id_2    O 
_pdbx_validate_symm_contact.auth_asym_id_2    A 
_pdbx_validate_symm_contact.auth_comp_id_2    ASN 
_pdbx_validate_symm_contact.auth_seq_id_2     80 
_pdbx_validate_symm_contact.PDB_ins_code_2    ? 
_pdbx_validate_symm_contact.label_alt_id_2    ? 
_pdbx_validate_symm_contact.site_symmetry_2   8_555 
_pdbx_validate_symm_contact.dist              2.06 
# 
loop_
_pdbx_validate_planes.id 
_pdbx_validate_planes.PDB_model_num 
_pdbx_validate_planes.auth_comp_id 
_pdbx_validate_planes.auth_asym_id 
_pdbx_validate_planes.auth_seq_id 
_pdbx_validate_planes.PDB_ins_code 
_pdbx_validate_planes.label_alt_id 
_pdbx_validate_planes.rmsd 
_pdbx_validate_planes.type 
1 1 ARG A 9  ? ? 0.241 'SIDE CHAIN' 
2 1 ARG A 96 ? ? 0.081 'SIDE CHAIN' 
# 
loop_
_pdbx_unobs_or_zero_occ_residues.id 
_pdbx_unobs_or_zero_occ_residues.PDB_model_num 
_pdbx_unobs_or_zero_occ_residues.polymer_flag 
_pdbx_unobs_or_zero_occ_residues.occupancy_flag 
_pdbx_unobs_or_zero_occ_residues.auth_asym_id 
_pdbx_unobs_or_zero_occ_residues.auth_comp_id 
_pdbx_unobs_or_zero_occ_residues.auth_seq_id 
_pdbx_unobs_or_zero_occ_residues.PDB_ins_code 
_pdbx_unobs_or_zero_occ_residues.label_asym_id 
_pdbx_unobs_or_zero_occ_residues.label_comp_id 
_pdbx_unobs_or_zero_occ_residues.label_seq_id 
1 1 Y 1 A GLY -6  ? A GLY 1   
2 1 Y 1 A HIS -5  ? A HIS 2   
3 1 Y 1 A MET -4  ? A MET 3   
4 1 Y 1 A GLY -3  ? A GLY 4   
5 1 Y 1 A SER -2  ? A SER 5   
6 1 Y 1 A GLY -1  ? A GLY 6   
7 1 Y 1 A SER 0   ? A SER 7   
8 1 Y 1 A LYS 106 ? A LYS 113 
# 
loop_
_chem_comp_atom.comp_id 
_chem_comp_atom.atom_id 
_chem_comp_atom.type_symbol 
_chem_comp_atom.pdbx_aromatic_flag 
_chem_comp_atom.pdbx_stereo_config 
_chem_comp_atom.pdbx_ordinal 
ALA N    N N N 1   
ALA CA   C N S 2   
ALA C    C N N 3   
ALA O    O N N 4   
ALA CB   C N N 5   
ALA OXT  O N N 6   
ALA H    H N N 7   
ALA H2   H N N 8   
ALA HA   H N N 9   
ALA HB1  H N N 10  
ALA HB2  H N N 11  
ALA HB3  H N N 12  
ALA HXT  H N N 13  
ARG N    N N N 14  
ARG CA   C N S 15  
ARG C    C N N 16  
ARG O    O N N 17  
ARG CB   C N N 18  
ARG CG   C N N 19  
ARG CD   C N N 20  
ARG NE   N N N 21  
ARG CZ   C N N 22  
ARG NH1  N N N 23  
ARG NH2  N N N 24  
ARG OXT  O N N 25  
ARG H    H N N 26  
ARG H2   H N N 27  
ARG HA   H N N 28  
ARG HB2  H N N 29  
ARG HB3  H N N 30  
ARG HG2  H N N 31  
ARG HG3  H N N 32  
ARG HD2  H N N 33  
ARG HD3  H N N 34  
ARG HE   H N N 35  
ARG HH11 H N N 36  
ARG HH12 H N N 37  
ARG HH21 H N N 38  
ARG HH22 H N N 39  
ARG HXT  H N N 40  
ASN N    N N N 41  
ASN CA   C N S 42  
ASN C    C N N 43  
ASN O    O N N 44  
ASN CB   C N N 45  
ASN CG   C N N 46  
ASN OD1  O N N 47  
ASN ND2  N N N 48  
ASN OXT  O N N 49  
ASN H    H N N 50  
ASN H2   H N N 51  
ASN HA   H N N 52  
ASN HB2  H N N 53  
ASN HB3  H N N 54  
ASN HD21 H N N 55  
ASN HD22 H N N 56  
ASN HXT  H N N 57  
ASP N    N N N 58  
ASP CA   C N S 59  
ASP C    C N N 60  
ASP O    O N N 61  
ASP CB   C N N 62  
ASP CG   C N N 63  
ASP OD1  O N N 64  
ASP OD2  O N N 65  
ASP OXT  O N N 66  
ASP H    H N N 67  
ASP H2   H N N 68  
ASP HA   H N N 69  
ASP HB2  H N N 70  
ASP HB3  H N N 71  
ASP HD2  H N N 72  
ASP HXT  H N N 73  
GLN N    N N N 74  
GLN CA   C N S 75  
GLN C    C N N 76  
GLN O    O N N 77  
GLN CB   C N N 78  
GLN CG   C N N 79  
GLN CD   C N N 80  
GLN OE1  O N N 81  
GLN NE2  N N N 82  
GLN OXT  O N N 83  
GLN H    H N N 84  
GLN H2   H N N 85  
GLN HA   H N N 86  
GLN HB2  H N N 87  
GLN HB3  H N N 88  
GLN HG2  H N N 89  
GLN HG3  H N N 90  
GLN HE21 H N N 91  
GLN HE22 H N N 92  
GLN HXT  H N N 93  
GLU N    N N N 94  
GLU CA   C N S 95  
GLU C    C N N 96  
GLU O    O N N 97  
GLU CB   C N N 98  
GLU CG   C N N 99  
GLU CD   C N N 100 
GLU OE1  O N N 101 
GLU OE2  O N N 102 
GLU OXT  O N N 103 
GLU H    H N N 104 
GLU H2   H N N 105 
GLU HA   H N N 106 
GLU HB2  H N N 107 
GLU HB3  H N N 108 
GLU HG2  H N N 109 
GLU HG3  H N N 110 
GLU HE2  H N N 111 
GLU HXT  H N N 112 
GLY N    N N N 113 
GLY CA   C N N 114 
GLY C    C N N 115 
GLY O    O N N 116 
GLY OXT  O N N 117 
GLY H    H N N 118 
GLY H2   H N N 119 
GLY HA2  H N N 120 
GLY HA3  H N N 121 
GLY HXT  H N N 122 
HIS N    N N N 123 
HIS CA   C N S 124 
HIS C    C N N 125 
HIS O    O N N 126 
HIS CB   C N N 127 
HIS CG   C Y N 128 
HIS ND1  N Y N 129 
HIS CD2  C Y N 130 
HIS CE1  C Y N 131 
HIS NE2  N Y N 132 
HIS OXT  O N N 133 
HIS H    H N N 134 
HIS H2   H N N 135 
HIS HA   H N N 136 
HIS HB2  H N N 137 
HIS HB3  H N N 138 
HIS HD1  H N N 139 
HIS HD2  H N N 140 
HIS HE1  H N N 141 
HIS HE2  H N N 142 
HIS HXT  H N N 143 
HOH O    O N N 144 
HOH H1   H N N 145 
HOH H2   H N N 146 
ILE N    N N N 147 
ILE CA   C N S 148 
ILE C    C N N 149 
ILE O    O N N 150 
ILE CB   C N S 151 
ILE CG1  C N N 152 
ILE CG2  C N N 153 
ILE CD1  C N N 154 
ILE OXT  O N N 155 
ILE H    H N N 156 
ILE H2   H N N 157 
ILE HA   H N N 158 
ILE HB   H N N 159 
ILE HG12 H N N 160 
ILE HG13 H N N 161 
ILE HG21 H N N 162 
ILE HG22 H N N 163 
ILE HG23 H N N 164 
ILE HD11 H N N 165 
ILE HD12 H N N 166 
ILE HD13 H N N 167 
ILE HXT  H N N 168 
LEU N    N N N 169 
LEU CA   C N S 170 
LEU C    C N N 171 
LEU O    O N N 172 
LEU CB   C N N 173 
LEU CG   C N N 174 
LEU CD1  C N N 175 
LEU CD2  C N N 176 
LEU OXT  O N N 177 
LEU H    H N N 178 
LEU H2   H N N 179 
LEU HA   H N N 180 
LEU HB2  H N N 181 
LEU HB3  H N N 182 
LEU HG   H N N 183 
LEU HD11 H N N 184 
LEU HD12 H N N 185 
LEU HD13 H N N 186 
LEU HD21 H N N 187 
LEU HD22 H N N 188 
LEU HD23 H N N 189 
LEU HXT  H N N 190 
LYS N    N N N 191 
LYS CA   C N S 192 
LYS C    C N N 193 
LYS O    O N N 194 
LYS CB   C N N 195 
LYS CG   C N N 196 
LYS CD   C N N 197 
LYS CE   C N N 198 
LYS NZ   N N N 199 
LYS OXT  O N N 200 
LYS H    H N N 201 
LYS H2   H N N 202 
LYS HA   H N N 203 
LYS HB2  H N N 204 
LYS HB3  H N N 205 
LYS HG2  H N N 206 
LYS HG3  H N N 207 
LYS HD2  H N N 208 
LYS HD3  H N N 209 
LYS HE2  H N N 210 
LYS HE3  H N N 211 
LYS HZ1  H N N 212 
LYS HZ2  H N N 213 
LYS HZ3  H N N 214 
LYS HXT  H N N 215 
MET N    N N N 216 
MET CA   C N S 217 
MET C    C N N 218 
MET O    O N N 219 
MET CB   C N N 220 
MET CG   C N N 221 
MET SD   S N N 222 
MET CE   C N N 223 
MET OXT  O N N 224 
MET H    H N N 225 
MET H2   H N N 226 
MET HA   H N N 227 
MET HB2  H N N 228 
MET HB3  H N N 229 
MET HG2  H N N 230 
MET HG3  H N N 231 
MET HE1  H N N 232 
MET HE2  H N N 233 
MET HE3  H N N 234 
MET HXT  H N N 235 
PHE N    N N N 236 
PHE CA   C N S 237 
PHE C    C N N 238 
PHE O    O N N 239 
PHE CB   C N N 240 
PHE CG   C Y N 241 
PHE CD1  C Y N 242 
PHE CD2  C Y N 243 
PHE CE1  C Y N 244 
PHE CE2  C Y N 245 
PHE CZ   C Y N 246 
PHE OXT  O N N 247 
PHE H    H N N 248 
PHE H2   H N N 249 
PHE HA   H N N 250 
PHE HB2  H N N 251 
PHE HB3  H N N 252 
PHE HD1  H N N 253 
PHE HD2  H N N 254 
PHE HE1  H N N 255 
PHE HE2  H N N 256 
PHE HZ   H N N 257 
PHE HXT  H N N 258 
PRO N    N N N 259 
PRO CA   C N S 260 
PRO C    C N N 261 
PRO O    O N N 262 
PRO CB   C N N 263 
PRO CG   C N N 264 
PRO CD   C N N 265 
PRO OXT  O N N 266 
PRO H    H N N 267 
PRO HA   H N N 268 
PRO HB2  H N N 269 
PRO HB3  H N N 270 
PRO HG2  H N N 271 
PRO HG3  H N N 272 
PRO HD2  H N N 273 
PRO HD3  H N N 274 
PRO HXT  H N N 275 
SER N    N N N 276 
SER CA   C N S 277 
SER C    C N N 278 
SER O    O N N 279 
SER CB   C N N 280 
SER OG   O N N 281 
SER OXT  O N N 282 
SER H    H N N 283 
SER H2   H N N 284 
SER HA   H N N 285 
SER HB2  H N N 286 
SER HB3  H N N 287 
SER HG   H N N 288 
SER HXT  H N N 289 
THR N    N N N 290 
THR CA   C N S 291 
THR C    C N N 292 
THR O    O N N 293 
THR CB   C N R 294 
THR OG1  O N N 295 
THR CG2  C N N 296 
THR OXT  O N N 297 
THR H    H N N 298 
THR H2   H N N 299 
THR HA   H N N 300 
THR HB   H N N 301 
THR HG1  H N N 302 
THR HG21 H N N 303 
THR HG22 H N N 304 
THR HG23 H N N 305 
THR HXT  H N N 306 
TRP N    N N N 307 
TRP CA   C N S 308 
TRP C    C N N 309 
TRP O    O N N 310 
TRP CB   C N N 311 
TRP CG   C Y N 312 
TRP CD1  C Y N 313 
TRP CD2  C Y N 314 
TRP NE1  N Y N 315 
TRP CE2  C Y N 316 
TRP CE3  C Y N 317 
TRP CZ2  C Y N 318 
TRP CZ3  C Y N 319 
TRP CH2  C Y N 320 
TRP OXT  O N N 321 
TRP H    H N N 322 
TRP H2   H N N 323 
TRP HA   H N N 324 
TRP HB2  H N N 325 
TRP HB3  H N N 326 
TRP HD1  H N N 327 
TRP HE1  H N N 328 
TRP HE3  H N N 329 
TRP HZ2  H N N 330 
TRP HZ3  H N N 331 
TRP HH2  H N N 332 
TRP HXT  H N N 333 
TYR N    N N N 334 
TYR CA   C N S 335 
TYR C    C N N 336 
TYR O    O N N 337 
TYR CB   C N N 338 
TYR CG   C Y N 339 
TYR CD1  C Y N 340 
TYR CD2  C Y N 341 
TYR CE1  C Y N 342 
TYR CE2  C Y N 343 
TYR CZ   C Y N 344 
TYR OH   O N N 345 
TYR OXT  O N N 346 
TYR H    H N N 347 
TYR H2   H N N 348 
TYR HA   H N N 349 
TYR HB2  H N N 350 
TYR HB3  H N N 351 
TYR HD1  H N N 352 
TYR HD2  H N N 353 
TYR HE1  H N N 354 
TYR HE2  H N N 355 
TYR HH   H N N 356 
TYR HXT  H N N 357 
VAL N    N N N 358 
VAL CA   C N S 359 
VAL C    C N N 360 
VAL O    O N N 361 
VAL CB   C N N 362 
VAL CG1  C N N 363 
VAL CG2  C N N 364 
VAL OXT  O N N 365 
VAL H    H N N 366 
VAL H2   H N N 367 
VAL HA   H N N 368 
VAL HB   H N N 369 
VAL HG11 H N N 370 
VAL HG12 H N N 371 
VAL HG13 H N N 372 
VAL HG21 H N N 373 
VAL HG22 H N N 374 
VAL HG23 H N N 375 
VAL HXT  H N N 376 
# 
loop_
_chem_comp_bond.comp_id 
_chem_comp_bond.atom_id_1 
_chem_comp_bond.atom_id_2 
_chem_comp_bond.value_order 
_chem_comp_bond.pdbx_aromatic_flag 
_chem_comp_bond.pdbx_stereo_config 
_chem_comp_bond.pdbx_ordinal 
ALA N   CA   sing N N 1   
ALA N   H    sing N N 2   
ALA N   H2   sing N N 3   
ALA CA  C    sing N N 4   
ALA CA  CB   sing N N 5   
ALA CA  HA   sing N N 6   
ALA C   O    doub N N 7   
ALA C   OXT  sing N N 8   
ALA CB  HB1  sing N N 9   
ALA CB  HB2  sing N N 10  
ALA CB  HB3  sing N N 11  
ALA OXT HXT  sing N N 12  
ARG N   CA   sing N N 13  
ARG N   H    sing N N 14  
ARG N   H2   sing N N 15  
ARG CA  C    sing N N 16  
ARG CA  CB   sing N N 17  
ARG CA  HA   sing N N 18  
ARG C   O    doub N N 19  
ARG C   OXT  sing N N 20  
ARG CB  CG   sing N N 21  
ARG CB  HB2  sing N N 22  
ARG CB  HB3  sing N N 23  
ARG CG  CD   sing N N 24  
ARG CG  HG2  sing N N 25  
ARG CG  HG3  sing N N 26  
ARG CD  NE   sing N N 27  
ARG CD  HD2  sing N N 28  
ARG CD  HD3  sing N N 29  
ARG NE  CZ   sing N N 30  
ARG NE  HE   sing N N 31  
ARG CZ  NH1  sing N N 32  
ARG CZ  NH2  doub N N 33  
ARG NH1 HH11 sing N N 34  
ARG NH1 HH12 sing N N 35  
ARG NH2 HH21 sing N N 36  
ARG NH2 HH22 sing N N 37  
ARG OXT HXT  sing N N 38  
ASN N   CA   sing N N 39  
ASN N   H    sing N N 40  
ASN N   H2   sing N N 41  
ASN CA  C    sing N N 42  
ASN CA  CB   sing N N 43  
ASN CA  HA   sing N N 44  
ASN C   O    doub N N 45  
ASN C   OXT  sing N N 46  
ASN CB  CG   sing N N 47  
ASN CB  HB2  sing N N 48  
ASN CB  HB3  sing N N 49  
ASN CG  OD1  doub N N 50  
ASN CG  ND2  sing N N 51  
ASN ND2 HD21 sing N N 52  
ASN ND2 HD22 sing N N 53  
ASN OXT HXT  sing N N 54  
ASP N   CA   sing N N 55  
ASP N   H    sing N N 56  
ASP N   H2   sing N N 57  
ASP CA  C    sing N N 58  
ASP CA  CB   sing N N 59  
ASP CA  HA   sing N N 60  
ASP C   O    doub N N 61  
ASP C   OXT  sing N N 62  
ASP CB  CG   sing N N 63  
ASP CB  HB2  sing N N 64  
ASP CB  HB3  sing N N 65  
ASP CG  OD1  doub N N 66  
ASP CG  OD2  sing N N 67  
ASP OD2 HD2  sing N N 68  
ASP OXT HXT  sing N N 69  
GLN N   CA   sing N N 70  
GLN N   H    sing N N 71  
GLN N   H2   sing N N 72  
GLN CA  C    sing N N 73  
GLN CA  CB   sing N N 74  
GLN CA  HA   sing N N 75  
GLN C   O    doub N N 76  
GLN C   OXT  sing N N 77  
GLN CB  CG   sing N N 78  
GLN CB  HB2  sing N N 79  
GLN CB  HB3  sing N N 80  
GLN CG  CD   sing N N 81  
GLN CG  HG2  sing N N 82  
GLN CG  HG3  sing N N 83  
GLN CD  OE1  doub N N 84  
GLN CD  NE2  sing N N 85  
GLN NE2 HE21 sing N N 86  
GLN NE2 HE22 sing N N 87  
GLN OXT HXT  sing N N 88  
GLU N   CA   sing N N 89  
GLU N   H    sing N N 90  
GLU N   H2   sing N N 91  
GLU CA  C    sing N N 92  
GLU CA  CB   sing N N 93  
GLU CA  HA   sing N N 94  
GLU C   O    doub N N 95  
GLU C   OXT  sing N N 96  
GLU CB  CG   sing N N 97  
GLU CB  HB2  sing N N 98  
GLU CB  HB3  sing N N 99  
GLU CG  CD   sing N N 100 
GLU CG  HG2  sing N N 101 
GLU CG  HG3  sing N N 102 
GLU CD  OE1  doub N N 103 
GLU CD  OE2  sing N N 104 
GLU OE2 HE2  sing N N 105 
GLU OXT HXT  sing N N 106 
GLY N   CA   sing N N 107 
GLY N   H    sing N N 108 
GLY N   H2   sing N N 109 
GLY CA  C    sing N N 110 
GLY CA  HA2  sing N N 111 
GLY CA  HA3  sing N N 112 
GLY C   O    doub N N 113 
GLY C   OXT  sing N N 114 
GLY OXT HXT  sing N N 115 
HIS N   CA   sing N N 116 
HIS N   H    sing N N 117 
HIS N   H2   sing N N 118 
HIS CA  C    sing N N 119 
HIS CA  CB   sing N N 120 
HIS CA  HA   sing N N 121 
HIS C   O    doub N N 122 
HIS C   OXT  sing N N 123 
HIS CB  CG   sing N N 124 
HIS CB  HB2  sing N N 125 
HIS CB  HB3  sing N N 126 
HIS CG  ND1  sing Y N 127 
HIS CG  CD2  doub Y N 128 
HIS ND1 CE1  doub Y N 129 
HIS ND1 HD1  sing N N 130 
HIS CD2 NE2  sing Y N 131 
HIS CD2 HD2  sing N N 132 
HIS CE1 NE2  sing Y N 133 
HIS CE1 HE1  sing N N 134 
HIS NE2 HE2  sing N N 135 
HIS OXT HXT  sing N N 136 
HOH O   H1   sing N N 137 
HOH O   H2   sing N N 138 
ILE N   CA   sing N N 139 
ILE N   H    sing N N 140 
ILE N   H2   sing N N 141 
ILE CA  C    sing N N 142 
ILE CA  CB   sing N N 143 
ILE CA  HA   sing N N 144 
ILE C   O    doub N N 145 
ILE C   OXT  sing N N 146 
ILE CB  CG1  sing N N 147 
ILE CB  CG2  sing N N 148 
ILE CB  HB   sing N N 149 
ILE CG1 CD1  sing N N 150 
ILE CG1 HG12 sing N N 151 
ILE CG1 HG13 sing N N 152 
ILE CG2 HG21 sing N N 153 
ILE CG2 HG22 sing N N 154 
ILE CG2 HG23 sing N N 155 
ILE CD1 HD11 sing N N 156 
ILE CD1 HD12 sing N N 157 
ILE CD1 HD13 sing N N 158 
ILE OXT HXT  sing N N 159 
LEU N   CA   sing N N 160 
LEU N   H    sing N N 161 
LEU N   H2   sing N N 162 
LEU CA  C    sing N N 163 
LEU CA  CB   sing N N 164 
LEU CA  HA   sing N N 165 
LEU C   O    doub N N 166 
LEU C   OXT  sing N N 167 
LEU CB  CG   sing N N 168 
LEU CB  HB2  sing N N 169 
LEU CB  HB3  sing N N 170 
LEU CG  CD1  sing N N 171 
LEU CG  CD2  sing N N 172 
LEU CG  HG   sing N N 173 
LEU CD1 HD11 sing N N 174 
LEU CD1 HD12 sing N N 175 
LEU CD1 HD13 sing N N 176 
LEU CD2 HD21 sing N N 177 
LEU CD2 HD22 sing N N 178 
LEU CD2 HD23 sing N N 179 
LEU OXT HXT  sing N N 180 
LYS N   CA   sing N N 181 
LYS N   H    sing N N 182 
LYS N   H2   sing N N 183 
LYS CA  C    sing N N 184 
LYS CA  CB   sing N N 185 
LYS CA  HA   sing N N 186 
LYS C   O    doub N N 187 
LYS C   OXT  sing N N 188 
LYS CB  CG   sing N N 189 
LYS CB  HB2  sing N N 190 
LYS CB  HB3  sing N N 191 
LYS CG  CD   sing N N 192 
LYS CG  HG2  sing N N 193 
LYS CG  HG3  sing N N 194 
LYS CD  CE   sing N N 195 
LYS CD  HD2  sing N N 196 
LYS CD  HD3  sing N N 197 
LYS CE  NZ   sing N N 198 
LYS CE  HE2  sing N N 199 
LYS CE  HE3  sing N N 200 
LYS NZ  HZ1  sing N N 201 
LYS NZ  HZ2  sing N N 202 
LYS NZ  HZ3  sing N N 203 
LYS OXT HXT  sing N N 204 
MET N   CA   sing N N 205 
MET N   H    sing N N 206 
MET N   H2   sing N N 207 
MET CA  C    sing N N 208 
MET CA  CB   sing N N 209 
MET CA  HA   sing N N 210 
MET C   O    doub N N 211 
MET C   OXT  sing N N 212 
MET CB  CG   sing N N 213 
MET CB  HB2  sing N N 214 
MET CB  HB3  sing N N 215 
MET CG  SD   sing N N 216 
MET CG  HG2  sing N N 217 
MET CG  HG3  sing N N 218 
MET SD  CE   sing N N 219 
MET CE  HE1  sing N N 220 
MET CE  HE2  sing N N 221 
MET CE  HE3  sing N N 222 
MET OXT HXT  sing N N 223 
PHE N   CA   sing N N 224 
PHE N   H    sing N N 225 
PHE N   H2   sing N N 226 
PHE CA  C    sing N N 227 
PHE CA  CB   sing N N 228 
PHE CA  HA   sing N N 229 
PHE C   O    doub N N 230 
PHE C   OXT  sing N N 231 
PHE CB  CG   sing N N 232 
PHE CB  HB2  sing N N 233 
PHE CB  HB3  sing N N 234 
PHE CG  CD1  doub Y N 235 
PHE CG  CD2  sing Y N 236 
PHE CD1 CE1  sing Y N 237 
PHE CD1 HD1  sing N N 238 
PHE CD2 CE2  doub Y N 239 
PHE CD2 HD2  sing N N 240 
PHE CE1 CZ   doub Y N 241 
PHE CE1 HE1  sing N N 242 
PHE CE2 CZ   sing Y N 243 
PHE CE2 HE2  sing N N 244 
PHE CZ  HZ   sing N N 245 
PHE OXT HXT  sing N N 246 
PRO N   CA   sing N N 247 
PRO N   CD   sing N N 248 
PRO N   H    sing N N 249 
PRO CA  C    sing N N 250 
PRO CA  CB   sing N N 251 
PRO CA  HA   sing N N 252 
PRO C   O    doub N N 253 
PRO C   OXT  sing N N 254 
PRO CB  CG   sing N N 255 
PRO CB  HB2  sing N N 256 
PRO CB  HB3  sing N N 257 
PRO CG  CD   sing N N 258 
PRO CG  HG2  sing N N 259 
PRO CG  HG3  sing N N 260 
PRO CD  HD2  sing N N 261 
PRO CD  HD3  sing N N 262 
PRO OXT HXT  sing N N 263 
SER N   CA   sing N N 264 
SER N   H    sing N N 265 
SER N   H2   sing N N 266 
SER CA  C    sing N N 267 
SER CA  CB   sing N N 268 
SER CA  HA   sing N N 269 
SER C   O    doub N N 270 
SER C   OXT  sing N N 271 
SER CB  OG   sing N N 272 
SER CB  HB2  sing N N 273 
SER CB  HB3  sing N N 274 
SER OG  HG   sing N N 275 
SER OXT HXT  sing N N 276 
THR N   CA   sing N N 277 
THR N   H    sing N N 278 
THR N   H2   sing N N 279 
THR CA  C    sing N N 280 
THR CA  CB   sing N N 281 
THR CA  HA   sing N N 282 
THR C   O    doub N N 283 
THR C   OXT  sing N N 284 
THR CB  OG1  sing N N 285 
THR CB  CG2  sing N N 286 
THR CB  HB   sing N N 287 
THR OG1 HG1  sing N N 288 
THR CG2 HG21 sing N N 289 
THR CG2 HG22 sing N N 290 
THR CG2 HG23 sing N N 291 
THR OXT HXT  sing N N 292 
TRP N   CA   sing N N 293 
TRP N   H    sing N N 294 
TRP N   H2   sing N N 295 
TRP CA  C    sing N N 296 
TRP CA  CB   sing N N 297 
TRP CA  HA   sing N N 298 
TRP C   O    doub N N 299 
TRP C   OXT  sing N N 300 
TRP CB  CG   sing N N 301 
TRP CB  HB2  sing N N 302 
TRP CB  HB3  sing N N 303 
TRP CG  CD1  doub Y N 304 
TRP CG  CD2  sing Y N 305 
TRP CD1 NE1  sing Y N 306 
TRP CD1 HD1  sing N N 307 
TRP CD2 CE2  doub Y N 308 
TRP CD2 CE3  sing Y N 309 
TRP NE1 CE2  sing Y N 310 
TRP NE1 HE1  sing N N 311 
TRP CE2 CZ2  sing Y N 312 
TRP CE3 CZ3  doub Y N 313 
TRP CE3 HE3  sing N N 314 
TRP CZ2 CH2  doub Y N 315 
TRP CZ2 HZ2  sing N N 316 
TRP CZ3 CH2  sing Y N 317 
TRP CZ3 HZ3  sing N N 318 
TRP CH2 HH2  sing N N 319 
TRP OXT HXT  sing N N 320 
TYR N   CA   sing N N 321 
TYR N   H    sing N N 322 
TYR N   H2   sing N N 323 
TYR CA  C    sing N N 324 
TYR CA  CB   sing N N 325 
TYR CA  HA   sing N N 326 
TYR C   O    doub N N 327 
TYR C   OXT  sing N N 328 
TYR CB  CG   sing N N 329 
TYR CB  HB2  sing N N 330 
TYR CB  HB3  sing N N 331 
TYR CG  CD1  doub Y N 332 
TYR CG  CD2  sing Y N 333 
TYR CD1 CE1  sing Y N 334 
TYR CD1 HD1  sing N N 335 
TYR CD2 CE2  doub Y N 336 
TYR CD2 HD2  sing N N 337 
TYR CE1 CZ   doub Y N 338 
TYR CE1 HE1  sing N N 339 
TYR CE2 CZ   sing Y N 340 
TYR CE2 HE2  sing N N 341 
TYR CZ  OH   sing N N 342 
TYR OH  HH   sing N N 343 
TYR OXT HXT  sing N N 344 
VAL N   CA   sing N N 345 
VAL N   H    sing N N 346 
VAL N   H2   sing N N 347 
VAL CA  C    sing N N 348 
VAL CA  CB   sing N N 349 
VAL CA  HA   sing N N 350 
VAL C   O    doub N N 351 
VAL C   OXT  sing N N 352 
VAL CB  CG1  sing N N 353 
VAL CB  CG2  sing N N 354 
VAL CB  HB   sing N N 355 
VAL CG1 HG11 sing N N 356 
VAL CG1 HG12 sing N N 357 
VAL CG1 HG13 sing N N 358 
VAL CG2 HG21 sing N N 359 
VAL CG2 HG22 sing N N 360 
VAL CG2 HG23 sing N N 361 
VAL OXT HXT  sing N N 362 
# 
loop_
_pdbx_audit_support.funding_organization 
_pdbx_audit_support.country 
_pdbx_audit_support.grant_number 
_pdbx_audit_support.ordinal 
'Spanish Ministry of Science, Innovation, and Universities' Spain RYC2018-025295-I 1 
'Spanish Ministry of Science, Innovation, and Universities' Spain EUR2020-112164   2 
'Spanish Ministry of Science, Innovation, and Universities' Spain CNS2023-144990   3 
# 
_pdbx_initial_refinement_model.id               1 
_pdbx_initial_refinement_model.entity_id_list   ? 
_pdbx_initial_refinement_model.type             'in silico model' 
_pdbx_initial_refinement_model.source_name      Other 
_pdbx_initial_refinement_model.accession_code   ? 
_pdbx_initial_refinement_model.details          'computational model' 
# 
_atom_sites.entry_id                    9R17 
_atom_sites.Cartn_transf_matrix[1][1]   ? 
_atom_sites.Cartn_transf_matrix[1][2]   ? 
_atom_sites.Cartn_transf_matrix[1][3]   ? 
_atom_sites.Cartn_transf_matrix[2][1]   ? 
_atom_sites.Cartn_transf_matrix[2][2]   ? 
_atom_sites.Cartn_transf_matrix[2][3]   ? 
_atom_sites.Cartn_transf_matrix[3][1]   ? 
_atom_sites.Cartn_transf_matrix[3][2]   ? 
_atom_sites.Cartn_transf_matrix[3][3]   ? 
_atom_sites.Cartn_transf_vector[1]      ? 
_atom_sites.Cartn_transf_vector[2]      ? 
_atom_sites.Cartn_transf_vector[3]      ? 
_atom_sites.Cartn_transform_axes        ? 
_atom_sites.fract_transf_matrix[1][1]   0.01170995 
_atom_sites.fract_transf_matrix[1][2]   0.01672005 
_atom_sites.fract_transf_matrix[1][3]   -0.00206542 
_atom_sites.fract_transf_matrix[2][1]   0.01270193 
_atom_sites.fract_transf_matrix[2][2]   0.00556092 
_atom_sites.fract_transf_matrix[2][3]   0.01512232 
_atom_sites.fract_transf_matrix[3][1]   0.00611402 
_atom_sites.fract_transf_matrix[3][2]   -0.00470274 
_atom_sites.fract_transf_matrix[3][3]   -0.00340611 
_atom_sites.fract_transf_vector[1]      0.385159 
_atom_sites.fract_transf_vector[2]      0.357828 
_atom_sites.fract_transf_vector[3]      -0.008338 
_atom_sites.solution_primary            ? 
_atom_sites.solution_secondary          ? 
_atom_sites.solution_hydrogens          ? 
_atom_sites.special_details             ? 
# 
loop_
_atom_type.symbol 
C 
N 
O 
S 
# 
loop_
_atom_site.group_PDB 
_atom_site.id 
_atom_site.type_symbol 
_atom_site.label_atom_id 
_atom_site.label_alt_id 
_atom_site.label_comp_id 
_atom_site.label_asym_id 
_atom_site.label_entity_id 
_atom_site.label_seq_id 
_atom_site.pdbx_PDB_ins_code 
_atom_site.Cartn_x 
_atom_site.Cartn_y 
_atom_site.Cartn_z 
_atom_site.occupancy 
_atom_site.B_iso_or_equiv 
_atom_site.pdbx_formal_charge 
_atom_site.auth_seq_id 
_atom_site.auth_comp_id 
_atom_site.auth_asym_id 
_atom_site.auth_atom_id 
_atom_site.pdbx_PDB_model_num 
ATOM   1   N N   . MET A 1 8   ? 19.202  -2.390  8.278   1.00 58.37 ? 1   MET A N   1 
ATOM   2   C CA  . MET A 1 8   ? 17.929  -1.706  7.988   1.00 56.50 ? 1   MET A CA  1 
ATOM   3   C C   . MET A 1 8   ? 16.902  -2.103  9.050   1.00 47.40 ? 1   MET A C   1 
ATOM   4   O O   . MET A 1 8   ? 16.688  -3.296  9.290   1.00 51.33 ? 1   MET A O   1 
ATOM   5   C CB  . MET A 1 8   ? 17.446  -2.067  6.578   1.00 60.80 ? 1   MET A CB  1 
ATOM   6   C CG  . MET A 1 8   ? 16.009  -1.764  6.355   1.00 61.88 ? 1   MET A CG  1 
ATOM   7   S SD  . MET A 1 8   ? 15.514  -1.782  4.614   1.00 64.12 ? 1   MET A SD  1 
ATOM   8   C CE  . MET A 1 8   ? 16.330  -3.282  4.031   1.00 71.24 ? 1   MET A CE  1 
ATOM   9   N N   . PRO A 1 9   ? 16.257  -1.135  9.745   1.00 48.06 ? 2   PRO A N   1 
ATOM   10  C CA  . PRO A 1 9   ? 15.283  -1.477  10.778  1.00 47.42 ? 2   PRO A CA  1 
ATOM   11  C C   . PRO A 1 9   ? 14.046  -2.172  10.220  1.00 43.15 ? 2   PRO A C   1 
ATOM   12  O O   . PRO A 1 9   ? 13.723  -2.021  9.040   1.00 42.28 ? 2   PRO A O   1 
ATOM   13  C CB  . PRO A 1 9   ? 14.956  -0.132  11.445  1.00 48.84 ? 2   PRO A CB  1 
ATOM   14  C CG  . PRO A 1 9   ? 15.426  0.909   10.510  1.00 50.49 ? 2   PRO A CG  1 
ATOM   15  C CD  . PRO A 1 9   ? 16.475  0.315   9.605   1.00 47.76 ? 2   PRO A CD  1 
ATOM   16  N N   . GLU A 1 10  ? 13.380  -2.937  11.086  1.00 41.23 ? 3   GLU A N   1 
ATOM   17  C CA  . GLU A 1 10  ? 12.226  -3.720  10.685  1.00 41.08 ? 3   GLU A CA  1 
ATOM   18  C C   . GLU A 1 10  ? 11.140  -2.821  10.091  1.00 38.74 ? 3   GLU A C   1 
ATOM   19  O O   . GLU A 1 10  ? 10.419  -3.243  9.189   1.00 36.36 ? 3   GLU A O   1 
ATOM   20  C CB  . GLU A 1 10  ? 11.664  -4.553  11.865  1.00 44.74 ? 3   GLU A CB  1 
ATOM   21  C CG  . GLU A 1 10  ? 10.862  -3.735  12.876  1.00 51.62 ? 3   GLU A CG  1 
ATOM   22  C CD  . GLU A 1 10  ? 10.385  -4.445  14.129  1.00 59.16 ? 3   GLU A CD  1 
ATOM   23  O OE1 . GLU A 1 10  ? 10.135  -5.671  14.075  1.00 57.65 ? 3   GLU A OE1 1 
ATOM   24  O OE2 . GLU A 1 10  ? 10.215  -3.751  15.157  1.00 71.72 ? 3   GLU A OE2 1 
ATOM   25  N N   . GLU A 1 11  ? 10.981  -1.611  10.634  1.00 41.82 ? 4   GLU A N   1 
ATOM   26  C CA  . GLU A 1 11  ? 9.916   -0.728  10.174  1.00 41.32 ? 4   GLU A CA  1 
ATOM   27  C C   . GLU A 1 11  ? 10.168  -0.307  8.737   1.00 35.56 ? 4   GLU A C   1 
ATOM   28  O O   . GLU A 1 11  ? 9.233   -0.255  7.949   1.00 34.89 ? 4   GLU A O   1 
ATOM   29  C CB  . GLU A 1 11  ? 9.725   0.518   11.073  1.00 48.78 ? 4   GLU A CB  1 
ATOM   30  C CG  . GLU A 1 11  ? 8.660   0.293   12.148  1.00 54.43 ? 4   GLU A CG  1 
ATOM   31  C CD  . GLU A 1 11  ? 8.952   -0.905  13.008  1.00 54.40 ? 4   GLU A CD  1 
ATOM   32  O OE1 . GLU A 1 11  ? 10.005  -0.869  13.689  1.00 69.76 ? 4   GLU A OE1 1 
ATOM   33  O OE2 . GLU A 1 11  ? 8.168   -1.888  12.986  1.00 44.83 ? 4   GLU A OE2 1 
ATOM   34  N N   . GLU A 1 12  ? 11.438  -0.050  8.404   1.00 33.64 ? 5   GLU A N   1 
ATOM   35  C CA  . GLU A 1 12  ? 11.802  0.322   7.048   1.00 32.55 ? 5   GLU A CA  1 
ATOM   36  C C   . GLU A 1 12  ? 11.636  -0.850  6.086   1.00 33.85 ? 5   GLU A C   1 
ATOM   37  O O   . GLU A 1 12  ? 11.182  -0.664  4.970   1.00 31.55 ? 5   GLU A O   1 
ATOM   38  C CB  . GLU A 1 12  ? 13.254  0.845   7.018   1.00 39.23 ? 5   GLU A CB  1 
ATOM   39  C CG  . GLU A 1 12  ? 13.702  1.282   5.633   1.00 46.51 ? 5   GLU A CG  1 
ATOM   40  C CD  . GLU A 1 12  ? 15.158  1.687   5.561   1.00 55.38 ? 5   GLU A CD  1 
ATOM   41  O OE1 . GLU A 1 12  ? 15.680  2.210   6.573   1.00 57.35 ? 5   GLU A OE1 1 
ATOM   42  O OE2 . GLU A 1 12  ? 15.766  1.503   4.480   1.00 59.26 ? 5   GLU A OE2 1 
ATOM   43  N N   . LYS A 1 13  ? 11.983  -2.063  6.509   1.00 32.70 ? 6   LYS A N   1 
ATOM   44  C CA  . LYS A 1 13  ? 11.810  -3.228  5.657   1.00 33.18 ? 6   LYS A CA  1 
ATOM   45  C C   . LYS A 1 13  ? 10.331  -3.393  5.324   1.00 29.28 ? 6   LYS A C   1 
ATOM   46  O O   . LYS A 1 13  ? 9.980   -3.691  4.189   1.00 31.22 ? 6   LYS A O   1 
ATOM   47  C CB  . LYS A 1 13  ? 12.353  -4.491  6.306   1.00 38.26 ? 6   LYS A CB  1 
ATOM   48  C CG  . LYS A 1 13  ? 13.867  -4.581  6.295   1.00 46.33 ? 6   LYS A CG  1 
ATOM   49  C CD  . LYS A 1 13  ? 14.391  -5.957  6.737   1.00 50.69 ? 6   LYS A CD  1 
ATOM   50  C CE  . LYS A 1 13  ? 15.884  -5.968  6.892   1.00 56.53 ? 6   LYS A CE  1 
ATOM   51  N NZ  . LYS A 1 13  ? 16.343  -7.180  7.623   1.00 60.50 ? 6   LYS A NZ  1 
ATOM   52  N N   . ALA A 1 14  ? 9.458   -3.176  6.313   1.00 31.37 ? 7   ALA A N   1 
ATOM   53  C CA  . ALA A 1 14  ? 8.034   -3.380  6.093   1.00 30.40 ? 7   ALA A CA  1 
ATOM   54  C C   . ALA A 1 14  ? 7.491   -2.331  5.121   1.00 26.41 ? 7   ALA A C   1 
ATOM   55  O O   . ALA A 1 14  ? 6.733   -2.648  4.218   1.00 28.39 ? 7   ALA A O   1 
ATOM   56  C CB  . ALA A 1 14  ? 7.308   -3.320  7.417   1.00 30.95 ? 7   ALA A CB  1 
ATOM   57  N N   . ALA A 1 15  ? 7.843   -1.056  5.328   1.00 27.94 ? 8   ALA A N   1 
ATOM   58  C CA  . ALA A 1 15  ? 7.462   0.013   4.413   1.00 27.02 ? 8   ALA A CA  1 
ATOM   59  C C   . ALA A 1 15  ? 7.950   -0.258  3.001   1.00 27.18 ? 8   ALA A C   1 
ATOM   60  O O   . ALA A 1 15  ? 7.197   -0.082  2.046   1.00 27.93 ? 8   ALA A O   1 
ATOM   61  C CB  . ALA A 1 15  ? 8.049   1.328   4.900   1.00 28.72 ? 8   ALA A CB  1 
ATOM   62  N N   . ARG A 1 16  ? 9.208   -0.694  2.866   1.00 27.43 ? 9   ARG A N   1 
ATOM   63  C CA  . ARG A 1 16  ? 9.722   -1.038  1.551   1.00 27.95 ? 9   ARG A CA  1 
ATOM   64  C C   . ARG A 1 16  ? 8.935   -2.144  0.855   1.00 27.37 ? 9   ARG A C   1 
ATOM   65  O O   . ARG A 1 16  ? 8.687   -2.072  -0.338  1.00 28.86 ? 9   ARG A O   1 
ATOM   66  C CB  . ARG A 1 16  ? 11.201  -1.400  1.648   1.00 33.48 ? 9   ARG A CB  1 
ATOM   67  C CG  . ARG A 1 16  ? 12.114  -0.193  1.799   1.00 40.03 ? 9   ARG A CG  1 
ATOM   68  C CD  . ARG A 1 16  ? 13.543  -0.663  1.857   1.00 46.43 ? 9   ARG A CD  1 
ATOM   69  N NE  . ARG A 1 16  ? 14.563  0.374   1.704   1.00 57.20 ? 9   ARG A NE  1 
ATOM   70  C CZ  . ARG A 1 16  ? 14.704  1.149   0.634   1.00 65.66 ? 9   ARG A CZ  1 
ATOM   71  N NH1 . ARG A 1 16  ? 14.678  2.468   0.728   1.00 72.65 ? 9   ARG A NH1 1 
ATOM   72  N NH2 . ARG A 1 16  ? 15.046  0.592   -0.523  1.00 73.13 ? 9   ARG A NH2 1 
ATOM   73  N N   . LEU A 1 17  ? 8.548   -3.171  1.596   1.00 27.35 ? 10  LEU A N   1 
ATOM   74  C CA  . LEU A 1 17  ? 7.809   -4.286  1.032   1.00 27.90 ? 10  LEU A CA  1 
ATOM   75  C C   . LEU A 1 17  ? 6.395   -3.838  0.644   1.00 26.67 ? 10  LEU A C   1 
ATOM   76  O O   . LEU A 1 17  ? 5.832   -4.300  -0.342  1.00 25.85 ? 10  LEU A O   1 
ATOM   77  C CB  . LEU A 1 17  ? 7.737   -5.409  2.043   1.00 32.16 ? 10  LEU A CB  1 
ATOM   78  C CG  . LEU A 1 17  ? 8.933   -6.358  2.123   1.00 37.58 ? 10  LEU A CG  1 
ATOM   79  C CD1 . LEU A 1 17  ? 8.790   -7.313  3.267   1.00 39.88 ? 10  LEU A CD1 1 
ATOM   80  C CD2 . LEU A 1 17  ? 9.067   -7.210  0.864   1.00 41.20 ? 10  LEU A CD2 1 
ATOM   81  N N   . LEU A 1 18  ? 5.766   -3.001  1.475   1.00 25.68 ? 11  LEU A N   1 
ATOM   82  C CA  . LEU A 1 18  ? 4.459   -2.480  1.114   1.00 25.31 ? 11  LEU A CA  1 
ATOM   83  C C   . LEU A 1 18  ? 4.523   -1.756  -0.232  1.00 24.15 ? 11  LEU A C   1 
ATOM   84  O O   . LEU A 1 18  ? 3.709   -2.035  -1.117  1.00 24.70 ? 11  LEU A O   1 
ATOM   85  C CB  . LEU A 1 18  ? 3.875   -1.516  2.170   1.00 28.28 ? 11  LEU A CB  1 
ATOM   86  C CG  . LEU A 1 18  ? 2.631   -0.842  1.575   1.00 35.67 ? 11  LEU A CG  1 
ATOM   87  C CD1 . LEU A 1 18  ? 1.407   -1.683  1.877   1.00 33.56 ? 11  LEU A CD1 1 
ATOM   88  C CD2 . LEU A 1 18  ? 2.550   0.538   1.872   1.00 37.29 ? 11  LEU A CD2 1 
ATOM   89  N N   . ILE A 1 19  ? 5.506   -0.859  -0.380  1.00 25.22 ? 12  ILE A N   1 
ATOM   90  C CA  . ILE A 1 19  ? 5.649   -0.126  -1.620  1.00 25.75 ? 12  ILE A CA  1 
ATOM   91  C C   . ILE A 1 19  ? 5.932   -1.067  -2.782  1.00 27.37 ? 12  ILE A C   1 
ATOM   92  O O   . ILE A 1 19  ? 5.341   -0.928  -3.851  1.00 26.42 ? 12  ILE A O   1 
ATOM   93  C CB  . ILE A 1 19  ? 6.709   0.995   -1.483  1.00 26.31 ? 12  ILE A CB  1 
ATOM   94  C CG1 . ILE A 1 19  ? 6.184   2.080   -0.556  1.00 29.34 ? 12  ILE A CG1 1 
ATOM   95  C CG2 . ILE A 1 19  ? 7.143   1.632   -2.819  1.00 28.82 ? 12  ILE A CG2 1 
ATOM   96  C CD1 . ILE A 1 19  ? 4.837   2.667   -0.892  1.00 31.69 ? 12  ILE A CD1 1 
ATOM   97  N N   . GLU A 1 20  ? 6.808   -2.042  -2.563  1.00 26.91 ? 13  GLU A N   1 
ATOM   98  C CA  . GLU A 1 20  ? 7.123   -3.007  -3.602  1.00 25.35 ? 13  GLU A CA  1 
ATOM   99  C C   . GLU A 1 20  ? 5.879   -3.823  -3.968  1.00 25.90 ? 13  GLU A C   1 
ATOM   100 O O   . GLU A 1 20  ? 5.619   -4.042  -5.140  1.00 26.57 ? 13  GLU A O   1 
ATOM   101 C CB  . GLU A 1 20  ? 8.312   -3.869  -3.177  1.00 31.35 ? 13  GLU A CB  1 
ATOM   102 C CG  . GLU A 1 20  ? 8.804   -4.771  -4.287  1.00 35.47 ? 13  GLU A CG  1 
ATOM   103 C CD  . GLU A 1 20  ? 9.917   -5.727  -3.898  1.00 42.13 ? 13  GLU A CD  1 
ATOM   104 O OE1 . GLU A 1 20  ? 10.328  -5.716  -2.711  1.00 47.91 ? 13  GLU A OE1 1 
ATOM   105 O OE2 . GLU A 1 20  ? 10.381  -6.489  -4.783  1.00 49.58 ? 13  GLU A OE2 1 
ATOM   106 N N   . ALA A 1 21  ? 5.045   -4.172  -2.987  1.00 23.67 ? 14  ALA A N   1 
ATOM   107 C CA  . ALA A 1 21  ? 3.847   -4.931  -3.287  1.00 24.52 ? 14  ALA A CA  1 
ATOM   108 C C   . ALA A 1 21  ? 2.932   -4.125  -4.189  1.00 22.84 ? 14  ALA A C   1 
ATOM   109 O O   . ALA A 1 21  ? 2.338   -4.689  -5.110  1.00 25.06 ? 14  ALA A O   1 
ATOM   110 C CB  . ALA A 1 21  ? 3.102   -5.337  -2.042  1.00 23.76 ? 14  ALA A CB  1 
ATOM   111 N N   . LEU A 1 22  ? 2.810   -2.824  -3.917  1.00 23.26 ? 15  LEU A N   1 
ATOM   112 C CA  . LEU A 1 22  ? 1.979   -1.968  -4.750  1.00 24.27 ? 15  LEU A CA  1 
ATOM   113 C C   . LEU A 1 22  ? 2.596   -1.742  -6.128  1.00 24.92 ? 15  LEU A C   1 
ATOM   114 O O   . LEU A 1 22  ? 1.885   -1.838  -7.127  1.00 27.38 ? 15  LEU A O   1 
ATOM   115 C CB  . LEU A 1 22  ? 1.742   -0.620  -4.065  1.00 26.88 ? 15  LEU A CB  1 
ATOM   116 C CG  . LEU A 1 22  ? 1.034   -0.704  -2.729  1.00 27.48 ? 15  LEU A CG  1 
ATOM   117 C CD1 . LEU A 1 22  ? 0.858   0.635   -2.124  1.00 28.33 ? 15  LEU A CD1 1 
ATOM   118 C CD2 . LEU A 1 22  ? -0.344  -1.319  -2.882  1.00 30.10 ? 15  LEU A CD2 1 
ATOM   119 N N   . GLU A 1 23  ? 3.910   -1.494  -6.186  1.00 25.92 ? 16  GLU A N   1 
ATOM   120 C CA  . GLU A 1 23  ? 4.600   -1.241  -7.446  1.00 26.54 ? 16  GLU A CA  1 
ATOM   121 C C   . GLU A 1 23  ? 4.639   -2.454  -8.382  1.00 27.87 ? 16  GLU A C   1 
ATOM   122 O O   . GLU A 1 23  ? 4.565   -2.304  -9.620  1.00 31.83 ? 16  GLU A O   1 
ATOM   123 C CB  . GLU A 1 23  ? 6.021   -0.730  -7.182  1.00 27.52 ? 16  GLU A CB  1 
ATOM   124 C CG  . GLU A 1 23  ? 6.042   0.649   -6.586  1.00 28.26 ? 16  GLU A CG  1 
ATOM   125 C CD  . GLU A 1 23  ? 7.426   1.241   -6.442  1.00 34.03 ? 16  GLU A CD  1 
ATOM   126 O OE1 . GLU A 1 23  ? 8.391   0.447   -6.392  1.00 41.11 ? 16  GLU A OE1 1 
ATOM   127 O OE2 . GLU A 1 23  ? 7.553   2.489   -6.403  1.00 35.10 ? 16  GLU A OE2 1 
ATOM   128 N N   . LYS A 1 24  ? 4.652   -3.655  -7.800  1.00 28.38 ? 17  LYS A N   1 
ATOM   129 C CA  . LYS A 1 24  ? 4.715   -4.882  -8.576  1.00 29.54 ? 17  LYS A CA  1 
ATOM   130 C C   . LYS A 1 24  ? 3.383   -5.625  -8.614  1.00 32.49 ? 17  LYS A C   1 
ATOM   131 O O   . LYS A 1 24  ? 3.246   -6.619  -9.327  1.00 36.07 ? 17  LYS A O   1 
ATOM   132 C CB  . LYS A 1 24  ? 5.744   -5.831  -8.012  1.00 31.15 ? 17  LYS A CB  1 
ATOM   133 C CG  . LYS A 1 24  ? 7.121   -5.329  -8.170  1.00 32.72 ? 17  LYS A CG  1 
ATOM   134 C CD  . LYS A 1 24  ? 8.107   -6.352  -7.723  1.00 39.75 ? 17  LYS A CD  1 
ATOM   135 C CE  . LYS A 1 24  ? 9.529   -5.879  -7.795  1.00 43.35 ? 17  LYS A CE  1 
ATOM   136 N NZ  . LYS A 1 24  ? 10.435  -6.998  -7.514  1.00 46.26 ? 17  LYS A NZ  1 
ATOM   137 N N   . GLY A 1 25  ? 2.387   -5.092  -7.913  1.00 27.54 ? 18  GLY A N   1 
ATOM   138 C CA  . GLY A 1 25  ? 1.093   -5.737  -7.844  1.00 30.22 ? 18  GLY A CA  1 
ATOM   139 C C   . GLY A 1 25  ? 1.208   -7.181  -7.370  1.00 30.58 ? 18  GLY A C   1 
ATOM   140 O O   . GLY A 1 25  ? 0.600   -8.072  -7.974  1.00 34.38 ? 18  GLY A O   1 
ATOM   141 N N   . ASP A 1 26  ? 1.974   -7.382  -6.281  1.00 28.52 ? 19  ASP A N   1 
ATOM   142 C CA  . ASP A 1 26  ? 2.405   -8.701  -5.860  1.00 28.82 ? 19  ASP A CA  1 
ATOM   143 C C   . ASP A 1 26  ? 1.717   -9.061  -4.556  1.00 25.96 ? 19  ASP A C   1 
ATOM   144 O O   . ASP A 1 26  ? 2.085   -8.592  -3.477  1.00 25.90 ? 19  ASP A O   1 
ATOM   145 C CB  . ASP A 1 26  ? 3.901   -8.832  -5.700  1.00 32.22 ? 19  ASP A CB  1 
ATOM   146 C CG  . ASP A 1 26  ? 4.375   -10.266 -5.413  1.00 36.94 ? 19  ASP A CG  1 
ATOM   147 O OD1 . ASP A 1 26  ? 3.544   -11.111 -4.993  1.00 40.24 ? 19  ASP A OD1 1 
ATOM   148 O OD2 . ASP A 1 26  ? 5.590   -10.544 -5.601  1.00 48.27 ? 19  ASP A OD2 1 
ATOM   149 N N   . PRO A 1 27  ? 0.690   -9.927  -4.615  1.00 25.49 ? 20  PRO A N   1 
ATOM   150 C CA  . PRO A 1 27  ? -0.018  -10.294 -3.407  1.00 25.35 ? 20  PRO A CA  1 
ATOM   151 C C   . PRO A 1 27  ? 0.857   -11.049 -2.429  1.00 25.72 ? 20  PRO A C   1 
ATOM   152 O O   . PRO A 1 27  ? 0.625   -10.945 -1.232  1.00 27.44 ? 20  PRO A O   1 
ATOM   153 C CB  . PRO A 1 27  ? -1.142  -11.133 -3.909  1.00 27.67 ? 20  PRO A CB  1 
ATOM   154 C CG  . PRO A 1 27  ? -0.697  -11.607 -5.252  1.00 30.41 ? 20  PRO A CG  1 
ATOM   155 C CD  . PRO A 1 27  ? 0.105   -10.532 -5.822  1.00 27.55 ? 20  PRO A CD  1 
ATOM   156 N N   . GLU A 1 28  ? 1.851   -11.800 -2.933  1.00 24.80 ? 21  GLU A N   1 
ATOM   157 C CA  . GLU A 1 28  ? 2.640   -12.560 -1.980  1.00 28.47 ? 21  GLU A CA  1 
ATOM   158 C C   . GLU A 1 28  ? 3.568   -11.655 -1.169  1.00 25.68 ? 21  GLU A C   1 
ATOM   159 O O   . GLU A 1 28  ? 3.885   -11.980 -0.018  1.00 26.95 ? 21  GLU A O   1 
ATOM   160 C CB  . GLU A 1 28  ? 3.298   -13.715 -2.658  1.00 35.33 ? 21  GLU A CB  1 
ATOM   161 C CG  . GLU A 1 28  ? 2.299   -14.617 -3.438  1.00 36.88 ? 21  GLU A CG  1 
ATOM   162 C CD  . GLU A 1 28  ? 0.845   -14.949 -2.978  1.00 41.12 ? 21  GLU A CD  1 
ATOM   163 O OE1 . GLU A 1 28  ? 0.585   -15.119 -1.756  1.00 39.31 ? 21  GLU A OE1 1 
ATOM   164 O OE2 . GLU A 1 28  ? -0.036  -15.096 -3.879  1.00 42.98 ? 21  GLU A OE2 1 
ATOM   165 N N   . LEU A 1 29  ? 4.003   -10.522 -1.753  1.00 25.98 ? 22  LEU A N   1 
ATOM   166 C CA  . LEU A 1 29  ? 4.723   -9.531  -0.959  1.00 25.98 ? 22  LEU A CA  1 
ATOM   167 C C   . LEU A 1 29  ? 3.784   -8.874  0.053   1.00 23.70 ? 22  LEU A C   1 
ATOM   168 O O   . LEU A 1 29  ? 4.187   -8.654  1.194   1.00 26.75 ? 22  LEU A O   1 
ATOM   169 C CB  . LEU A 1 29  ? 5.358   -8.473  -1.838  1.00 27.60 ? 22  LEU A CB  1 
ATOM   170 C CG  . LEU A 1 29  ? 6.409   -8.947  -2.798  1.00 30.24 ? 22  LEU A CG  1 
ATOM   171 C CD1 . LEU A 1 29  ? 7.011   -7.767  -3.555  1.00 31.58 ? 22  LEU A CD1 1 
ATOM   172 C CD2 . LEU A 1 29  ? 7.495   -9.711  -2.077  1.00 34.46 ? 22  LEU A CD2 1 
ATOM   173 N N   . MET A 1 30  ? 2.542   -8.542  -0.354  1.00 21.94 ? 23  MET A N   1 
ATOM   174 C CA  . MET A 1 30  ? 1.595   -7.930  0.554   1.00 22.67 ? 23  MET A CA  1 
ATOM   175 C C   . MET A 1 30  ? 1.360   -8.835  1.761   1.00 22.48 ? 23  MET A C   1 
ATOM   176 O O   . MET A 1 30  ? 1.294   -8.358  2.883   1.00 23.20 ? 23  MET A O   1 
ATOM   177 C CB  . MET A 1 30  ? 0.292   -7.607  -0.123  1.00 22.88 ? 23  MET A CB  1 
ATOM   178 C CG  . MET A 1 30  ? -0.669  -6.735  0.696   1.00 24.10 ? 23  MET A CG  1 
ATOM   179 S SD  . MET A 1 30  ? 0.029   -5.116  1.029   1.00 31.66 ? 23  MET A SD  1 
ATOM   180 C CE  . MET A 1 30  ? -0.253  -4.314  -0.298  1.00 33.11 ? 23  MET A CE  1 
ATOM   181 N N   . ARG A 1 31  ? 1.264   -10.137 1.524   1.00 23.42 ? 24  ARG A N   1 
ATOM   182 C CA  . ARG A 1 31  ? 1.063   -11.084 2.616   1.00 23.02 ? 24  ARG A CA  1 
ATOM   183 C C   . ARG A 1 31  ? 2.181   -11.084 3.657   1.00 23.90 ? 24  ARG A C   1 
ATOM   184 O O   . ARG A 1 31  ? 1.943   -11.468 4.801   1.00 27.98 ? 24  ARG A O   1 
ATOM   185 C CB  . ARG A 1 31  ? 0.867   -12.511 2.121   1.00 22.60 ? 24  ARG A CB  1 
ATOM   186 C CG  . ARG A 1 31  ? -0.417  -12.763 1.374   1.00 23.40 ? 24  ARG A CG  1 
ATOM   187 C CD  . ARG A 1 31  ? -0.509  -14.195 1.046   1.00 26.25 ? 24  ARG A CD  1 
ATOM   188 N NE  . ARG A 1 31  ? -1.695  -14.509 0.285   1.00 29.22 ? 24  ARG A NE  1 
ATOM   189 C CZ  . ARG A 1 31  ? -2.869  -14.709 0.839   1.00 34.99 ? 24  ARG A CZ  1 
ATOM   190 N NH1 . ARG A 1 31  ? -3.077  -14.493 2.134   1.00 38.12 ? 24  ARG A NH1 1 
ATOM   191 N NH2 . ARG A 1 31  ? -3.856  -15.129 0.074   1.00 41.35 ? 24  ARG A NH2 1 
ATOM   192 N N   . LYS A 1 32  ? 3.398   -10.656 3.283   1.00 24.43 ? 25  LYS A N   1 
ATOM   193 C CA  . LYS A 1 32  ? 4.511   -10.613 4.229   1.00 24.86 ? 25  LYS A CA  1 
ATOM   194 C C   . LYS A 1 32  ? 4.420   -9.481  5.249   1.00 26.16 ? 25  LYS A C   1 
ATOM   195 O O   . LYS A 1 32  ? 5.071   -9.558  6.290   1.00 29.95 ? 25  LYS A O   1 
ATOM   196 C CB  . LYS A 1 32  ? 5.837   -10.430 3.527   1.00 28.13 ? 25  LYS A CB  1 
ATOM   197 C CG  . LYS A 1 32  ? 6.169   -11.561 2.674   1.00 29.81 ? 25  LYS A CG  1 
ATOM   198 C CD  . LYS A 1 32  ? 7.413   -11.348 1.917   1.00 33.29 ? 25  LYS A CD  1 
ATOM   199 C CE  . LYS A 1 32  ? 7.643   -12.556 1.063   1.00 37.97 ? 25  LYS A CE  1 
ATOM   200 N NZ  . LYS A 1 32  ? 9.034   -12.849 0.916   1.00 39.14 ? 25  LYS A NZ  1 
ATOM   201 N N   . VAL A 1 33  ? 3.587   -8.470  4.960   1.00 25.53 ? 26  VAL A N   1 
ATOM   202 C CA  . VAL A 1 33  ? 3.568   -7.268  5.768   1.00 27.53 ? 26  VAL A CA  1 
ATOM   203 C C   . VAL A 1 33  ? 2.222   -6.984  6.423   1.00 24.53 ? 26  VAL A C   1 
ATOM   204 O O   . VAL A 1 33  ? 2.125   -6.078  7.220   1.00 29.38 ? 26  VAL A O   1 
ATOM   205 C CB  . VAL A 1 33  ? 4.099   -6.020  5.033   1.00 29.33 ? 26  VAL A CB  1 
ATOM   206 C CG1 . VAL A 1 33  ? 5.584   -6.180  4.725   1.00 34.61 ? 26  VAL A CG1 1 
ATOM   207 C CG2 . VAL A 1 33  ? 3.319   -5.704  3.783   1.00 28.49 ? 26  VAL A CG2 1 
ATOM   208 N N   . ILE A 1 34  ? 1.184   -7.742  6.081   1.00 27.43 ? 27  ILE A N   1 
ATOM   209 C CA  . ILE A 1 34  ? -0.104  -7.522  6.694   1.00 26.11 ? 27  ILE A CA  1 
ATOM   210 C C   . ILE A 1 34  ? -0.443  -8.681  7.619   1.00 29.69 ? 27  ILE A C   1 
ATOM   211 O O   . ILE A 1 34  ? 0.288   -9.658  7.721   1.00 30.51 ? 27  ILE A O   1 
ATOM   212 C CB  . ILE A 1 34  ? -1.218  -7.251  5.651   1.00 28.79 ? 27  ILE A CB  1 
ATOM   213 C CG1 . ILE A 1 34  ? -1.545  -8.443  4.820   1.00 31.42 ? 27  ILE A CG1 1 
ATOM   214 C CG2 . ILE A 1 34  ? -0.848  -6.077  4.789   1.00 30.66 ? 27  ILE A CG2 1 
ATOM   215 C CD1 . ILE A 1 34  ? -2.803  -8.205  4.042   1.00 33.47 ? 27  ILE A CD1 1 
ATOM   216 N N   . SER A 1 35  ? -1.539  -8.492  8.341   1.00 27.94 ? 28  SER A N   1 
ATOM   217 C CA  . SER A 1 35  ? -2.002  -9.496  9.255   1.00 30.18 ? 28  SER A CA  1 
ATOM   218 C C   . SER A 1 35  ? -3.482  -9.704  8.940   1.00 28.77 ? 28  SER A C   1 
ATOM   219 O O   . SER A 1 35  ? -4.133  -8.938  8.225   1.00 29.01 ? 28  SER A O   1 
ATOM   220 C CB  . SER A 1 35  ? -1.688  -9.102  10.704  1.00 34.05 ? 28  SER A CB  1 
ATOM   221 O OG  . SER A 1 35  ? -2.769  -8.437  11.312  1.00 41.13 ? 28  SER A OG  1 
ATOM   222 N N   . PRO A 1 36  ? -4.086  -10.782 9.445   1.00 29.84 ? 29  PRO A N   1 
ATOM   223 C CA  . PRO A 1 36  ? -5.506  -10.999 9.207   1.00 30.34 ? 29  PRO A CA  1 
ATOM   224 C C   . PRO A 1 36  ? -6.453  -9.861  9.617   1.00 33.35 ? 29  PRO A C   1 
ATOM   225 O O   . PRO A 1 36  ? -7.552  -9.787  9.068   1.00 35.91 ? 29  PRO A O   1 
ATOM   226 C CB  . PRO A 1 36  ? -5.777  -12.298 9.977   1.00 33.24 ? 29  PRO A CB  1 
ATOM   227 C CG  . PRO A 1 36  ? -4.415  -13.008 10.000  1.00 35.73 ? 29  PRO A CG  1 
ATOM   228 C CD  . PRO A 1 36  ? -3.421  -11.882 10.162  1.00 30.37 ? 29  PRO A CD  1 
ATOM   229 N N   . ASP A 1 37  ? -6.086  -8.970  10.558  1.00 34.40 ? 30  ASP A N   1 
ATOM   230 C CA  . ASP A 1 37  ? -6.993  -7.863  10.862  1.00 37.89 ? 30  ASP A CA  1 
ATOM   231 C C   . ASP A 1 37  ? -6.558  -6.499  10.326  1.00 34.42 ? 30  ASP A C   1 
ATOM   232 O O   . ASP A 1 37  ? -7.092  -5.476  10.744  1.00 33.29 ? 30  ASP A O   1 
ATOM   233 C CB  . ASP A 1 37  ? -7.264  -7.685  12.344  1.00 41.17 ? 30  ASP A CB  1 
ATOM   234 C CG  . ASP A 1 37  ? -6.024  -7.549  13.118  1.00 43.13 ? 30  ASP A CG  1 
ATOM   235 O OD1 . ASP A 1 37  ? -4.949  -7.657  12.511  1.00 46.24 ? 30  ASP A OD1 1 
ATOM   236 O OD2 . ASP A 1 37  ? -6.114  -7.426  14.366  1.00 53.41 ? 30  ASP A OD2 1 
ATOM   237 N N   . THR A 1 38  ? -5.594  -6.481  9.405   1.00 30.10 ? 31  THR A N   1 
ATOM   238 C CA  . THR A 1 38  ? -5.252  -5.249  8.730   1.00 24.56 ? 31  THR A CA  1 
ATOM   239 C C   . THR A 1 38  ? -6.479  -4.640  8.044   1.00 25.44 ? 31  THR A C   1 
ATOM   240 O O   . THR A 1 38  ? -7.210  -5.360  7.371   1.00 27.47 ? 31  THR A O   1 
ATOM   241 C CB  . THR A 1 38  ? -4.167  -5.508  7.720   1.00 23.25 ? 31  THR A CB  1 
ATOM   242 O OG1 . THR A 1 38  ? -2.989  -5.974  8.399   1.00 25.74 ? 31  THR A OG1 1 
ATOM   243 C CG2 . THR A 1 38  ? -3.845  -4.287  6.914   1.00 23.61 ? 31  THR A CG2 1 
ATOM   244 N N   . LYS A 1 39  ? -6.658  -3.310  8.190   1.00 25.02 ? 32  LYS A N   1 
ATOM   245 C CA  . LYS A 1 39  ? -7.747  -2.563  7.575   1.00 25.49 ? 32  LYS A CA  1 
ATOM   246 C C   . LYS A 1 39  ? -7.131  -1.625  6.548   1.00 24.00 ? 32  LYS A C   1 
ATOM   247 O O   . LYS A 1 39  ? -6.154  -0.932  6.846   1.00 25.93 ? 32  LYS A O   1 
ATOM   248 C CB  . LYS A 1 39  ? -8.512  -1.734  8.591   1.00 30.38 ? 32  LYS A CB  1 
ATOM   249 C CG  . LYS A 1 39  ? -9.278  -2.529  9.600   1.00 37.92 ? 32  LYS A CG  1 
ATOM   250 C CD  . LYS A 1 39  ? -9.967  -1.646  10.664  1.00 45.32 ? 32  LYS A CD  1 
ATOM   251 C CE  . LYS A 1 39  ? -11.074 -0.798  10.102  1.00 54.25 ? 32  LYS A CE  1 
ATOM   252 N NZ  . LYS A 1 39  ? -12.121 -0.538  11.141  1.00 61.02 ? 32  LYS A NZ  1 
ATOM   253 N N   . MET A 1 40  ? -7.759  -1.542  5.374   1.00 24.34 ? 33  MET A N   1 
ATOM   254 C CA  . MET A 1 40  ? -7.345  -0.604  4.349   1.00 22.96 ? 33  MET A CA  1 
ATOM   255 C C   . MET A 1 40  ? -8.566  0.132   3.805   1.00 23.88 ? 33  MET A C   1 
ATOM   256 O O   . MET A 1 40  ? -9.549  -0.488  3.400   1.00 27.69 ? 33  MET A O   1 
ATOM   257 C CB  . MET A 1 40  ? -6.647  -1.301  3.181   1.00 23.77 ? 33  MET A CB  1 
ATOM   258 C CG  . MET A 1 40  ? -6.360  -0.342  2.030   1.00 24.06 ? 33  MET A CG  1 
ATOM   259 S SD  . MET A 1 40  ? -5.233  -1.048  0.802   1.00 27.26 ? 33  MET A SD  1 
ATOM   260 C CE  . MET A 1 40  ? -6.399  -2.115  -0.043  1.00 26.81 ? 33  MET A CE  1 
ATOM   261 N N   . SER A 1 41  ? -8.487  1.452   3.738   1.00 19.58 ? 34  SER A N   1 
ATOM   262 C CA  . SER A 1 41  ? -9.529  2.265   3.149   1.00 19.51 ? 34  SER A CA  1 
ATOM   263 C C   . SER A 1 41  ? -8.959  2.845   1.860   1.00 19.46 ? 34  SER A C   1 
ATOM   264 O O   . SER A 1 41  ? -7.917  3.499   1.912   1.00 20.76 ? 34  SER A O   1 
ATOM   265 C CB  . SER A 1 41  ? -9.969  3.411   4.068   1.00 21.51 ? 34  SER A CB  1 
ATOM   266 O OG  . SER A 1 41  ? -10.920 4.258   3.423   1.00 23.25 ? 34  SER A OG  1 
ATOM   267 N N   . VAL A 1 42  ? -9.655  2.687   0.725   1.00 18.37 ? 35  VAL A N   1 
ATOM   268 C CA  . VAL A 1 42  ? -9.262  3.307   -0.533  1.00 17.90 ? 35  VAL A CA  1 
ATOM   269 C C   . VAL A 1 42  ? -10.377 4.282   -0.893  1.00 18.00 ? 35  VAL A C   1 
ATOM   270 O O   . VAL A 1 42  ? -11.485 3.884   -1.280  1.00 19.25 ? 35  VAL A O   1 
ATOM   271 C CB  . VAL A 1 42  ? -9.048  2.299   -1.645  1.00 19.50 ? 35  VAL A CB  1 
ATOM   272 C CG1 . VAL A 1 42  ? -8.690  3.050   -2.918  1.00 20.01 ? 35  VAL A CG1 1 
ATOM   273 C CG2 . VAL A 1 42  ? -7.991  1.255   -1.213  1.00 21.67 ? 35  VAL A CG2 1 
ATOM   274 N N   . ASN A 1 43  ? -10.155 5.563   -0.631  1.00 18.88 ? 36  ASN A N   1 
ATOM   275 C CA  . ASN A 1 43  ? -11.186 6.585   -0.815  1.00 17.75 ? 36  ASN A CA  1 
ATOM   276 C C   . ASN A 1 43  ? -12.486 6.263   -0.085  1.00 19.19 ? 36  ASN A C   1 
ATOM   277 O O   . ASN A 1 43  ? -13.569 6.582   -0.558  1.00 21.13 ? 36  ASN A O   1 
ATOM   278 C CB  . ASN A 1 43  ? -11.407 6.894   -2.256  1.00 19.41 ? 36  ASN A CB  1 
ATOM   279 C CG  . ASN A 1 43  ? -10.246 7.566   -2.941  1.00 19.16 ? 36  ASN A CG  1 
ATOM   280 O OD1 . ASN A 1 43  ? -9.678  8.515   -2.400  1.00 19.77 ? 36  ASN A OD1 1 
ATOM   281 N ND2 . ASN A 1 43  ? -9.911  7.096   -4.126  1.00 21.60 ? 36  ASN A ND2 1 
ATOM   282 N N   . GLY A 1 44  ? -12.375 5.572   1.055   1.00 19.15 ? 37  GLY A N   1 
ATOM   283 C CA  . GLY A 1 44  ? -13.539 5.192   1.833   1.00 20.27 ? 37  GLY A CA  1 
ATOM   284 C C   . GLY A 1 44  ? -14.096 3.789   1.662   1.00 21.36 ? 37  GLY A C   1 
ATOM   285 O O   . GLY A 1 44  ? -14.935 3.368   2.454   1.00 23.90 ? 37  GLY A O   1 
ATOM   286 N N   . ARG A 1 45  ? -13.640 3.083   0.631   1.00 20.13 ? 38  ARG A N   1 
ATOM   287 C CA  . ARG A 1 45  ? -13.961 1.678   0.469   1.00 19.94 ? 38  ARG A CA  1 
ATOM   288 C C   . ARG A 1 45  ? -13.064 0.874   1.401   1.00 20.21 ? 38  ARG A C   1 
ATOM   289 O O   . ARG A 1 45  ? -11.864 0.937   1.289   1.00 19.97 ? 38  ARG A O   1 
ATOM   290 C CB  . ARG A 1 45  ? -13.787 1.239   -0.969  1.00 21.67 ? 38  ARG A CB  1 
ATOM   291 C CG  . ARG A 1 45  ? -14.210 -0.182  -1.172  1.00 24.19 ? 38  ARG A CG  1 
ATOM   292 C CD  . ARG A 1 45  ? -14.085 -0.605  -2.569  1.00 28.03 ? 38  ARG A CD  1 
ATOM   293 N NE  . ARG A 1 45  ? -14.410 -2.027  -2.649  1.00 33.56 ? 38  ARG A NE  1 
ATOM   294 C CZ  . ARG A 1 45  ? -14.404 -2.712  -3.766  1.00 40.13 ? 38  ARG A CZ  1 
ATOM   295 N NH1 . ARG A 1 45  ? -14.363 -2.104  -4.936  1.00 46.62 ? 38  ARG A NH1 1 
ATOM   296 N NH2 . ARG A 1 45  ? -14.489 -4.039  -3.716  1.00 44.82 ? 38  ARG A NH2 1 
ATOM   297 N N   . LEU A 1 46  ? -13.678 0.068   2.264   1.00 21.67 ? 39  LEU A N   1 
ATOM   298 C CA  . LEU A 1 46  ? -12.973 -0.694  3.276   1.00 22.79 ? 39  LEU A CA  1 
ATOM   299 C C   . LEU A 1 46  ? -12.667 -2.115  2.815   1.00 21.72 ? 39  LEU A C   1 
ATOM   300 O O   . LEU A 1 46  ? -13.544 -2.811  2.310   1.00 23.88 ? 39  LEU A O   1 
ATOM   301 C CB  . LEU A 1 46  ? -13.736 -0.770  4.580   1.00 27.25 ? 39  LEU A CB  1 
ATOM   302 C CG  . LEU A 1 46  ? -13.034 -1.678  5.657   1.00 34.67 ? 39  LEU A CG  1 
ATOM   303 C CD1 . LEU A 1 46  ? -11.679 -1.122  6.166   1.00 36.33 ? 39  LEU A CD1 1 
ATOM   304 C CD2 . LEU A 1 46  ? -13.925 -1.900  6.823   1.00 41.38 ? 39  LEU A CD2 1 
ATOM   305 N N   . PHE A 1 47  ? -11.421 -2.529  3.032   1.00 23.81 ? 40  PHE A N   1 
ATOM   306 C CA  . PHE A 1 47  ? -10.936 -3.879  2.795   1.00 23.41 ? 40  PHE A CA  1 
ATOM   307 C C   . PHE A 1 47  ? -10.342 -4.371  4.114   1.00 24.38 ? 40  PHE A C   1 
ATOM   308 O O   . PHE A 1 47  ? -9.559  -3.651  4.753   1.00 26.37 ? 40  PHE A O   1 
ATOM   309 C CB  . PHE A 1 47  ? -9.856  -3.908  1.718   1.00 23.00 ? 40  PHE A CB  1 
ATOM   310 C CG  . PHE A 1 47  ? -10.267 -3.336  0.375   1.00 24.43 ? 40  PHE A CG  1 
ATOM   311 C CD1 . PHE A 1 47  ? -10.293 -1.960  0.160   1.00 24.98 ? 40  PHE A CD1 1 
ATOM   312 C CD2 . PHE A 1 47  ? -10.585 -4.168  -0.681  1.00 26.75 ? 40  PHE A CD2 1 
ATOM   313 C CE1 . PHE A 1 47  ? -10.665 -1.441  -1.078  1.00 25.39 ? 40  PHE A CE1 1 
ATOM   314 C CE2 . PHE A 1 47  ? -10.946 -3.643  -1.919  1.00 27.67 ? 40  PHE A CE2 1 
ATOM   315 C CZ  . PHE A 1 47  ? -11.017 -2.293  -2.100  1.00 25.06 ? 40  PHE A CZ  1 
ATOM   316 N N   . THR A 1 48  ? -10.619 -5.624  4.468   1.00 26.19 ? 41  THR A N   1 
ATOM   317 C CA  . THR A 1 48  ? -10.005 -6.190  5.646   1.00 28.40 ? 41  THR A CA  1 
ATOM   318 C C   . THR A 1 48  ? -9.260  -7.484  5.334   1.00 28.57 ? 41  THR A C   1 
ATOM   319 O O   . THR A 1 48  ? -9.793  -8.350  4.658   1.00 30.05 ? 41  THR A O   1 
ATOM   320 C CB  . THR A 1 48  ? -11.046 -6.433  6.691   1.00 33.08 ? 41  THR A CB  1 
ATOM   321 O OG1 . THR A 1 48  ? -11.712 -5.198  6.948   1.00 37.18 ? 41  THR A OG1 1 
ATOM   322 C CG2 . THR A 1 48  ? -10.434 -7.004  7.948   1.00 34.38 ? 41  THR A CG2 1 
ATOM   323 N N   . GLY A 1 49  ? -8.054  -7.635  5.917   1.00 30.14 ? 42  GLY A N   1 
ATOM   324 C CA  . GLY A 1 49  ? -7.305  -8.877  5.835   1.00 30.90 ? 42  GLY A CA  1 
ATOM   325 C C   . GLY A 1 49  ? -7.067  -9.349  4.404   1.00 30.80 ? 42  GLY A C   1 
ATOM   326 O O   . GLY A 1 49  ? -6.443  -8.639  3.629   1.00 29.29 ? 42  GLY A O   1 
ATOM   327 N N   . ASP A 1 50  ? -7.498  -10.570 4.088   1.00 32.45 ? 43  ASP A N   1 
ATOM   328 C CA  . ASP A 1 50  ? -7.312  -11.129 2.755   1.00 32.83 ? 43  ASP A CA  1 
ATOM   329 C C   . ASP A 1 50  ? -7.943  -10.301 1.641   1.00 27.50 ? 43  ASP A C   1 
ATOM   330 O O   . ASP A 1 50  ? -7.493  -10.389 0.493   1.00 28.28 ? 43  ASP A O   1 
ATOM   331 C CB  . ASP A 1 50  ? -7.851  -12.580 2.673   1.00 35.87 ? 43  ASP A CB  1 
ATOM   332 C CG  . ASP A 1 50  ? -6.953  -13.663 3.249   1.00 45.88 ? 43  ASP A CG  1 
ATOM   333 O OD1 . ASP A 1 50  ? -5.734  -13.397 3.444   1.00 53.48 ? 43  ASP A OD1 1 
ATOM   334 O OD2 . ASP A 1 50  ? -7.466  -14.769 3.530   1.00 56.84 ? 43  ASP A OD2 1 
ATOM   335 N N   . GLU A 1 51  ? -8.941  -9.461  1.962   1.00 27.61 ? 44  GLU A N   1 
ATOM   336 C CA  . GLU A 1 51  ? -9.483  -8.528  0.967   1.00 26.14 ? 44  GLU A CA  1 
ATOM   337 C C   . GLU A 1 51  ? -8.429  -7.559  0.460   1.00 23.05 ? 44  GLU A C   1 
ATOM   338 O O   . GLU A 1 51  ? -8.501  -7.104  -0.677  1.00 24.20 ? 44  GLU A O   1 
ATOM   339 C CB  . GLU A 1 51  ? -10.662 -7.755  1.487   1.00 28.14 ? 44  GLU A CB  1 
ATOM   340 C CG  . GLU A 1 51  ? -11.818 -8.615  1.876   1.00 31.46 ? 44  GLU A CG  1 
ATOM   341 C CD  . GLU A 1 51  ? -12.976 -7.892  2.516   1.00 32.17 ? 44  GLU A CD  1 
ATOM   342 O OE1 . GLU A 1 51  ? -12.766 -6.795  3.060   1.00 29.70 ? 44  GLU A OE1 1 
ATOM   343 O OE2 . GLU A 1 51  ? -14.113 -8.421  2.471   1.00 40.91 ? 44  GLU A OE2 1 
ATOM   344 N N   . VAL A 1 52  ? -7.478  -7.226  1.318   1.00 23.86 ? 45  VAL A N   1 
ATOM   345 C CA  . VAL A 1 52  ? -6.378  -6.343  0.983   1.00 22.61 ? 45  VAL A CA  1 
ATOM   346 C C   . VAL A 1 52  ? -5.490  -7.011  -0.053  1.00 22.08 ? 45  VAL A C   1 
ATOM   347 O O   . VAL A 1 52  ? -5.069  -6.347  -1.009  1.00 24.23 ? 45  VAL A O   1 
ATOM   348 C CB  . VAL A 1 52  ? -5.557  -5.939  2.229   1.00 23.80 ? 45  VAL A CB  1 
ATOM   349 C CG1 . VAL A 1 52  ? -4.428  -5.002  1.855   1.00 25.55 ? 45  VAL A CG1 1 
ATOM   350 C CG2 . VAL A 1 52  ? -6.460  -5.247  3.251   1.00 25.19 ? 45  VAL A CG2 1 
ATOM   351 N N   . VAL A 1 53  ? -5.211  -8.314  0.159   1.00 23.00 ? 46  VAL A N   1 
ATOM   352 C CA  . VAL A 1 53  ? -4.389  -9.073  -0.763  1.00 25.38 ? 46  VAL A CA  1 
ATOM   353 C C   . VAL A 1 53  ? -5.097  -9.127  -2.117  1.00 24.59 ? 46  VAL A C   1 
ATOM   354 O O   . VAL A 1 53  ? -4.465  -8.974  -3.156  1.00 27.27 ? 46  VAL A O   1 
ATOM   355 C CB  . VAL A 1 53  ? -4.106  -10.510 -0.202  1.00 26.62 ? 46  VAL A CB  1 
ATOM   356 C CG1 . VAL A 1 53  ? -3.239  -11.357 -1.127  1.00 29.00 ? 46  VAL A CG1 1 
ATOM   357 C CG2 . VAL A 1 53  ? -3.492  -10.412 1.173   1.00 28.63 ? 46  VAL A CG2 1 
ATOM   358 N N   . GLU A 1 54  ? -6.414  -9.380  -2.119  1.00 24.37 ? 47  GLU A N   1 
ATOM   359 C CA  . GLU A 1 54  ? -7.161  -9.467  -3.360  1.00 26.95 ? 47  GLU A CA  1 
ATOM   360 C C   . GLU A 1 54  ? -7.174  -8.130  -4.096  1.00 25.37 ? 47  GLU A C   1 
ATOM   361 O O   . GLU A 1 54  ? -7.079  -8.086  -5.326  1.00 26.89 ? 47  GLU A O   1 
ATOM   362 C CB  . GLU A 1 54  ? -8.595  -9.918  -3.068  1.00 29.15 ? 47  GLU A CB  1 
ATOM   363 C CG  . GLU A 1 54  ? -8.745  -11.397 -2.827  1.00 38.09 ? 47  GLU A CG  1 
ATOM   364 C CD  . GLU A 1 54  ? -8.136  -12.311 -3.888  1.00 45.94 ? 47  GLU A CD  1 
ATOM   365 O OE1 . GLU A 1 54  ? -8.480  -12.184 -5.092  1.00 52.63 ? 47  GLU A OE1 1 
ATOM   366 O OE2 . GLU A 1 54  ? -7.300  -13.157 -3.499  1.00 55.75 ? 47  GLU A OE2 1 
ATOM   367 N N   . ALA A 1 55  ? -7.193  -7.026  -3.342  1.00 23.57 ? 48  ALA A N   1 
ATOM   368 C CA  . ALA A 1 55  ? -7.143  -5.708  -3.953  1.00 23.35 ? 48  ALA A CA  1 
ATOM   369 C C   . ALA A 1 55  ? -5.814  -5.482  -4.676  1.00 24.27 ? 48  ALA A C   1 
ATOM   370 O O   . ALA A 1 55  ? -5.790  -4.878  -5.730  1.00 25.70 ? 48  ALA A O   1 
ATOM   371 C CB  . ALA A 1 55  ? -7.385  -4.643  -2.908  1.00 24.55 ? 48  ALA A CB  1 
ATOM   372 N N   . VAL A 1 56  ? -4.705  -5.975  -4.125  1.00 25.36 ? 49  VAL A N   1 
ATOM   373 C CA  . VAL A 1 56  ? -3.416  -5.919  -4.798  1.00 27.52 ? 49  VAL A CA  1 
ATOM   374 C C   . VAL A 1 56  ? -3.361  -6.731  -6.085  1.00 28.81 ? 49  VAL A C   1 
ATOM   375 O O   . VAL A 1 56  ? -2.834  -6.281  -7.104  1.00 30.92 ? 49  VAL A O   1 
ATOM   376 C CB  . VAL A 1 56  ? -2.310  -6.390  -3.823  1.00 30.37 ? 49  VAL A CB  1 
ATOM   377 C CG1 . VAL A 1 56  ? -0.951  -6.439  -4.520  1.00 32.70 ? 49  VAL A CG1 1 
ATOM   378 C CG2 . VAL A 1 56  ? -2.287  -5.466  -2.651  1.00 31.65 ? 49  VAL A CG2 1 
ATOM   379 N N   . LYS A 1 57  ? -3.954  -7.917  -6.055  1.00 28.72 ? 50  LYS A N   1 
ATOM   380 C CA  . LYS A 1 57  ? -4.058  -8.740  -7.245  1.00 30.00 ? 50  LYS A CA  1 
ATOM   381 C C   . LYS A 1 57  ? -4.816  -8.000  -8.334  1.00 29.72 ? 50  LYS A C   1 
ATOM   382 O O   . LYS A 1 57  ? -4.521  -8.179  -9.501  1.00 33.25 ? 50  LYS A O   1 
ATOM   383 C CB  . LYS A 1 57  ? -4.765  -10.072 -6.934  1.00 34.13 ? 50  LYS A CB  1 
ATOM   384 C CG  . LYS A 1 57  ? -4.503  -11.199 -7.858  1.00 42.06 ? 50  LYS A CG  1 
ATOM   385 C CD  . LYS A 1 57  ? -5.139  -12.479 -7.279  1.00 48.45 ? 50  LYS A CD  1 
ATOM   386 C CE  . LYS A 1 57  ? -4.971  -12.644 -5.752  1.00 51.73 ? 50  LYS A CE  1 
ATOM   387 N NZ  . LYS A 1 57  ? -5.236  -14.057 -5.310  1.00 55.25 ? 50  LYS A NZ  1 
ATOM   388 N N   . GLU A 1 58  ? -5.806  -7.189  -7.957  1.00 30.26 ? 51  GLU A N   1 
ATOM   389 C CA  . GLU A 1 58  ? -6.593  -6.504  -8.969  1.00 32.86 ? 51  GLU A CA  1 
ATOM   390 C C   . GLU A 1 58  ? -5.778  -5.368  -9.601  1.00 29.53 ? 51  GLU A C   1 
ATOM   391 O O   . GLU A 1 58  ? -5.980  -5.085  -10.782 1.00 31.52 ? 51  GLU A O   1 
ATOM   392 C CB  . GLU A 1 58  ? -7.956  -6.075  -8.392  1.00 35.35 ? 51  GLU A CB  1 
ATOM   393 C CG  . GLU A 1 58  ? -8.998  -5.613  -9.367  1.00 41.49 ? 51  GLU A CG  1 
ATOM   394 C CD  . GLU A 1 58  ? -9.467  -6.607  -10.419 1.00 42.56 ? 51  GLU A CD  1 
ATOM   395 O OE1 . GLU A 1 58  ? -9.182  -7.821  -10.277 1.00 47.94 ? 51  GLU A OE1 1 
ATOM   396 O OE2 . GLU A 1 58  ? -10.119 -6.155  -11.398 1.00 47.47 ? 51  GLU A OE2 1 
ATOM   397 N N   . ILE A 1 59  ? -4.853  -4.744  -8.853  1.00 31.47 ? 52  ILE A N   1 
ATOM   398 C CA  . ILE A 1 59  ? -3.904  -3.766  -9.399  1.00 30.90 ? 52  ILE A CA  1 
ATOM   399 C C   . ILE A 1 59  ? -3.185  -4.344  -10.614 1.00 29.40 ? 52  ILE A C   1 
ATOM   400 O O   . ILE A 1 59  ? -3.129  -3.742  -11.704 1.00 32.25 ? 52  ILE A O   1 
ATOM   401 C CB  . ILE A 1 59  ? -2.835  -3.315  -8.318  1.00 34.11 ? 52  ILE A CB  1 
ATOM   402 C CG1 . ILE A 1 59  ? -3.441  -2.475  -7.220  1.00 36.81 ? 52  ILE A CG1 1 
ATOM   403 C CG2 . ILE A 1 59  ? -1.627  -2.549  -8.934  1.00 38.57 ? 52  ILE A CG2 1 
ATOM   404 C CD1 . ILE A 1 59  ? -2.434  -2.215  -6.072  1.00 37.82 ? 52  ILE A CD1 1 
ATOM   405 N N   . GLN A 1 60  ? -2.631  -5.530  -10.411 1.00 28.56 ? 53  GLN A N   1 
ATOM   406 C CA  A GLN A 1 60  ? -1.879  -6.143  -11.485 0.50 28.03 ? 53  GLN A CA  1 
ATOM   407 C CA  B GLN A 1 60  ? -1.921  -6.346  -11.389 0.50 29.67 ? 53  GLN A CA  1 
ATOM   408 C C   . GLN A 1 60  ? -2.795  -6.588  -12.617 1.00 26.60 ? 53  GLN A C   1 
ATOM   409 O O   . GLN A 1 60  ? -2.472  -6.253  -13.759 1.00 30.46 ? 53  GLN A O   1 
ATOM   410 C CB  A GLN A 1 60  ? -0.970  -7.236  -10.946 0.50 28.61 ? 53  GLN A CB  1 
ATOM   411 C CB  B GLN A 1 60  ? -1.576  -7.676  -10.607 0.50 33.51 ? 53  GLN A CB  1 
ATOM   412 C CG  A GLN A 1 60  ? -0.285  -8.016  -11.996 0.50 33.13 ? 53  GLN A CG  1 
ATOM   413 C CG  B GLN A 1 60  ? -0.547  -8.684  -11.133 0.50 36.34 ? 53  GLN A CG  1 
ATOM   414 C CD  A GLN A 1 60  ? -1.134  -9.208  -12.300 0.50 34.53 ? 53  GLN A CD  1 
ATOM   415 C CD  B GLN A 1 60  ? 0.039   -9.586  -10.012 0.50 39.73 ? 53  GLN A CD  1 
ATOM   416 O OE1 A GLN A 1 60  ? -1.665  -9.911  -11.384 0.50 41.38 ? 53  GLN A OE1 1 
ATOM   417 O OE1 B GLN A 1 60  ? -0.661  -10.209 -9.136  0.50 34.48 ? 53  GLN A OE1 1 
ATOM   418 N NE2 A GLN A 1 60  ? -1.244  -9.492  -13.519 0.50 38.09 ? 53  GLN A NE2 1 
ATOM   419 N NE2 B GLN A 1 60  ? 1.391   -9.651  -9.987  0.50 40.13 ? 53  GLN A NE2 1 
ATOM   420 N N   . LYS A 1 61  ? -3.965  -7.178  -12.322 1.00 27.15 ? 54  LYS A N   1 
ATOM   421 C CA  . LYS A 1 61  ? -4.849  -7.646  -13.369 1.00 28.31 ? 54  LYS A CA  1 
ATOM   422 C C   . LYS A 1 61  ? -5.314  -6.492  -14.258 1.00 26.81 ? 54  LYS A C   1 
ATOM   423 O O   . LYS A 1 61  ? -5.481  -6.681  -15.454 1.00 29.96 ? 54  LYS A O   1 
ATOM   424 C CB  . LYS A 1 61  ? -6.021  -8.424  -12.754 1.00 31.06 ? 54  LYS A CB  1 
ATOM   425 C CG  . LYS A 1 61  ? -5.610  -9.824  -12.221 1.00 40.02 ? 54  LYS A CG  1 
ATOM   426 C CD  . LYS A 1 61  ? -6.576  -10.403 -11.138 1.00 49.04 ? 54  LYS A CD  1 
ATOM   427 C CE  . LYS A 1 61  ? -7.894  -10.902 -11.634 1.00 57.85 ? 54  LYS A CE  1 
ATOM   428 N NZ  . LYS A 1 61  ? -7.842  -12.360 -11.944 1.00 65.63 ? 54  LYS A NZ  1 
ATOM   429 N N   . ARG A 1 62  ? -5.486  -5.304  -13.673 1.00 25.36 ? 55  ARG A N   1 
ATOM   430 C CA  . ARG A 1 62  ? -5.982  -4.135  -14.378 1.00 26.23 ? 55  ARG A CA  1 
ATOM   431 C C   . ARG A 1 62  ? -4.897  -3.309  -15.056 1.00 26.80 ? 55  ARG A C   1 
ATOM   432 O O   . ARG A 1 62  ? -5.202  -2.388  -15.794 1.00 31.12 ? 55  ARG A O   1 
ATOM   433 C CB  . ARG A 1 62  ? -6.713  -3.242  -13.426 1.00 28.15 ? 55  ARG A CB  1 
ATOM   434 C CG  . ARG A 1 62  ? -7.990  -3.864  -12.948 1.00 28.91 ? 55  ARG A CG  1 
ATOM   435 C CD  . ARG A 1 62  ? -8.790  -2.828  -12.219 1.00 34.66 ? 55  ARG A CD  1 
ATOM   436 N NE  . ARG A 1 62  ? -9.899  -3.471  -11.546 1.00 39.08 ? 55  ARG A NE  1 
ATOM   437 C CZ  . ARG A 1 62  ? -10.828 -2.848  -10.842 1.00 42.91 ? 55  ARG A CZ  1 
ATOM   438 N NH1 . ARG A 1 62  ? -10.865 -1.526  -10.750 1.00 44.39 ? 55  ARG A NH1 1 
ATOM   439 N NH2 . ARG A 1 62  ? -11.749 -3.574  -10.222 1.00 44.37 ? 55  ARG A NH2 1 
ATOM   440 N N   . GLY A 1 63  ? -3.644  -3.693  -14.865 1.00 27.35 ? 56  GLY A N   1 
ATOM   441 C CA  . GLY A 1 63  ? -2.566  -2.989  -15.523 1.00 28.84 ? 56  GLY A CA  1 
ATOM   442 C C   . GLY A 1 63  ? -2.328  -1.606  -14.933 1.00 28.21 ? 56  GLY A C   1 
ATOM   443 O O   . GLY A 1 63  ? -1.860  -0.717  -15.645 1.00 29.83 ? 56  GLY A O   1 
ATOM   444 N N   . ILE A 1 64  ? -2.618  -1.453  -13.637 1.00 26.63 ? 57  ILE A N   1 
ATOM   445 C CA  . ILE A 1 64  ? -2.434  -0.186  -12.952 1.00 24.51 ? 57  ILE A CA  1 
ATOM   446 C C   . ILE A 1 64  ? -0.993  -0.065  -12.486 1.00 26.91 ? 57  ILE A C   1 
ATOM   447 O O   . ILE A 1 64  ? -0.488  -0.966  -11.840 1.00 31.94 ? 57  ILE A O   1 
ATOM   448 C CB  . ILE A 1 64  ? -3.414  -0.023  -11.781 1.00 26.41 ? 57  ILE A CB  1 
ATOM   449 C CG1 . ILE A 1 64  ? -4.896  -0.001  -12.348 1.00 30.29 ? 57  ILE A CG1 1 
ATOM   450 C CG2 . ILE A 1 64  ? -3.100  1.190   -10.874 1.00 28.03 ? 57  ILE A CG2 1 
ATOM   451 C CD1 . ILE A 1 64  ? -5.906  -0.041  -11.317 1.00 32.27 ? 57  ILE A CD1 1 
ATOM   452 N N   . VAL A 1 65  ? -0.375  1.074   -12.804 1.00 26.99 ? 58  VAL A N   1 
ATOM   453 C CA  . VAL A 1 65  ? 1.035   1.308   -12.543 1.00 27.14 ? 58  VAL A CA  1 
ATOM   454 C C   . VAL A 1 65  ? 1.149   2.292   -11.390 1.00 26.06 ? 58  VAL A C   1 
ATOM   455 O O   . VAL A 1 65  ? 0.669   3.409   -11.495 1.00 25.56 ? 58  VAL A O   1 
ATOM   456 C CB  . VAL A 1 65  ? 1.757   1.845   -13.812 1.00 30.55 ? 58  VAL A CB  1 
ATOM   457 C CG1 . VAL A 1 65  ? 3.185   2.243   -13.517 1.00 32.79 ? 58  VAL A CG1 1 
ATOM   458 C CG2 . VAL A 1 65  ? 1.691   0.825   -14.943 1.00 33.62 ? 58  VAL A CG2 1 
ATOM   459 N N   . ILE A 1 66  ? 1.828   1.872   -10.322 1.00 26.01 ? 59  ILE A N   1 
ATOM   460 C CA  . ILE A 1 66  ? 1.984   2.695   -9.131  1.00 23.63 ? 59  ILE A CA  1 
ATOM   461 C C   . ILE A 1 66  ? 3.475   2.973   -8.970  1.00 24.50 ? 59  ILE A C   1 
ATOM   462 O O   . ILE A 1 66  ? 4.271   2.060   -9.115  1.00 28.28 ? 59  ILE A O   1 
ATOM   463 C CB  . ILE A 1 66  ? 1.386   2.002   -7.879  1.00 23.90 ? 59  ILE A CB  1 
ATOM   464 C CG1 . ILE A 1 66  ? -0.136  1.731   -8.085  1.00 24.25 ? 59  ILE A CG1 1 
ATOM   465 C CG2 . ILE A 1 66  ? 1.647   2.772   -6.624  1.00 25.62 ? 59  ILE A CG2 1 
ATOM   466 C CD1 . ILE A 1 66  ? -0.688  0.863   -7.103  1.00 24.95 ? 59  ILE A CD1 1 
ATOM   467 N N   . LYS A 1 67  ? 3.839   4.230   -8.660  1.00 25.76 ? 60  LYS A N   1 
ATOM   468 C CA  . LYS A 1 67  ? 5.231   4.612   -8.459  1.00 28.21 ? 60  LYS A CA  1 
ATOM   469 C C   . LYS A 1 67  ? 5.330   5.550   -7.264  1.00 23.46 ? 60  LYS A C   1 
ATOM   470 O O   . LYS A 1 67  ? 4.510   6.435   -7.081  1.00 23.27 ? 60  LYS A O   1 
ATOM   471 C CB  . LYS A 1 67  ? 5.765   5.318   -9.698  1.00 33.41 ? 60  LYS A CB  1 
ATOM   472 C CG  . LYS A 1 67  ? 7.233   5.573   -9.722  1.00 41.82 ? 60  LYS A CG  1 
ATOM   473 C CD  . LYS A 1 67  ? 7.769   5.562   -11.171 1.00 50.89 ? 60  LYS A CD  1 
ATOM   474 C CE  . LYS A 1 67  ? 9.218   5.989   -11.261 1.00 57.60 ? 60  LYS A CE  1 
ATOM   475 N NZ  . LYS A 1 67  ? 10.068  5.299   -10.243 1.00 56.77 ? 60  LYS A NZ  1 
ATOM   476 N N   . LEU A 1 68  ? 6.358   5.325   -6.454  1.00 24.85 ? 61  LEU A N   1 
ATOM   477 C CA  . LEU A 1 68  ? 6.608   6.166   -5.299  1.00 24.56 ? 61  LEU A CA  1 
ATOM   478 C C   . LEU A 1 68  ? 7.205   7.501   -5.722  1.00 25.03 ? 61  LEU A C   1 
ATOM   479 O O   . LEU A 1 68  ? 8.101   7.552   -6.573  1.00 29.29 ? 61  LEU A O   1 
ATOM   480 C CB  . LEU A 1 68  ? 7.609   5.483   -4.388  1.00 25.89 ? 61  LEU A CB  1 
ATOM   481 C CG  . LEU A 1 68  ? 7.962   6.222   -3.136  1.00 25.88 ? 61  LEU A CG  1 
ATOM   482 C CD1 . LEU A 1 68  ? 6.765   6.418   -2.247  1.00 24.65 ? 61  LEU A CD1 1 
ATOM   483 C CD2 . LEU A 1 68  ? 9.031   5.512   -2.390  1.00 29.46 ? 61  LEU A CD2 1 
ATOM   484 N N   . VAL A 1 69  ? 6.660   8.571   -5.142  1.00 22.99 ? 62  VAL A N   1 
ATOM   485 C CA  . VAL A 1 69  ? 7.146   9.918   -5.350  1.00 25.42 ? 62  VAL A CA  1 
ATOM   486 C C   . VAL A 1 69  ? 7.973   10.420  -4.176  1.00 23.92 ? 62  VAL A C   1 
ATOM   487 O O   . VAL A 1 69  ? 9.084   10.931  -4.358  1.00 30.08 ? 62  VAL A O   1 
ATOM   488 C CB  . VAL A 1 69  ? 5.998   10.886  -5.637  1.00 24.38 ? 62  VAL A CB  1 
ATOM   489 C CG1 . VAL A 1 69  ? 6.504   12.316  -5.836  1.00 27.79 ? 62  VAL A CG1 1 
ATOM   490 C CG2 . VAL A 1 69  ? 5.230   10.431  -6.863  1.00 25.76 ? 62  VAL A CG2 1 
ATOM   491 N N   . SER A 1 70  ? 7.410   10.310  -2.968  1.00 22.42 ? 63  SER A N   1 
ATOM   492 C CA  . SER A 1 70  ? 8.139   10.729  -1.786  1.00 22.27 ? 63  SER A CA  1 
ATOM   493 C C   . SER A 1 70  ? 7.465   10.118  -0.570  1.00 21.43 ? 63  SER A C   1 
ATOM   494 O O   . SER A 1 70  ? 6.422   9.487   -0.687  1.00 21.46 ? 63  SER A O   1 
ATOM   495 C CB  . SER A 1 70  ? 8.184   12.242  -1.700  1.00 25.93 ? 63  SER A CB  1 
ATOM   496 O OG  . SER A 1 70  ? 9.195   12.665  -0.810  1.00 32.49 ? 63  SER A OG  1 
ATOM   497 N N   . TYR A 1 71  ? 8.114   10.262  0.574   1.00 20.49 ? 64  TYR A N   1 
ATOM   498 C CA  . TYR A 1 71  ? 7.574   9.734   1.815   1.00 22.22 ? 64  TYR A CA  1 
ATOM   499 C C   . TYR A 1 71  ? 8.128   10.512  3.005   1.00 21.99 ? 64  TYR A C   1 
ATOM   500 O O   . TYR A 1 71  ? 9.151   11.171  2.896   1.00 23.47 ? 64  TYR A O   1 
ATOM   501 C CB  . TYR A 1 71  ? 7.879   8.241   1.959   1.00 23.39 ? 64  TYR A CB  1 
ATOM   502 C CG  . TYR A 1 71  ? 9.349   7.945   2.055   1.00 25.75 ? 64  TYR A CG  1 
ATOM   503 C CD1 . TYR A 1 71  ? 10.154  7.914   0.928   1.00 31.11 ? 64  TYR A CD1 1 
ATOM   504 C CD2 . TYR A 1 71  ? 9.942   7.734   3.272   1.00 30.91 ? 64  TYR A CD2 1 
ATOM   505 C CE1 . TYR A 1 71  ? 11.503  7.656   1.015   1.00 33.85 ? 64  TYR A CE1 1 
ATOM   506 C CE2 . TYR A 1 71  ? 11.284  7.476   3.376   1.00 33.25 ? 64  TYR A CE2 1 
ATOM   507 C CZ  . TYR A 1 71  ? 12.068  7.462   2.246   1.00 33.82 ? 64  TYR A CZ  1 
ATOM   508 O OH  . TYR A 1 71  ? 13.391  7.178   2.407   1.00 43.59 ? 64  TYR A OH  1 
ATOM   509 N N   . GLU A 1 72  ? 7.451   10.326  4.136   1.00 22.34 ? 65  GLU A N   1 
ATOM   510 C CA  . GLU A 1 72  ? 7.833   10.828  5.427   1.00 23.74 ? 65  GLU A CA  1 
ATOM   511 C C   . GLU A 1 72  ? 7.422   9.814   6.482   1.00 24.30 ? 65  GLU A C   1 
ATOM   512 O O   . GLU A 1 72  ? 6.557   8.965   6.285   1.00 23.48 ? 65  GLU A O   1 
ATOM   513 C CB  . GLU A 1 72  ? 7.163   12.156  5.719   1.00 27.20 ? 65  GLU A CB  1 
ATOM   514 C CG  . GLU A 1 72  ? 7.488   13.291  4.775   1.00 30.60 ? 65  GLU A CG  1 
ATOM   515 C CD  . GLU A 1 72  ? 8.917   13.792  4.661   1.00 30.06 ? 65  GLU A CD  1 
ATOM   516 O OE1 . GLU A 1 72  ? 9.810   13.367  5.441   1.00 32.17 ? 65  GLU A OE1 1 
ATOM   517 O OE2 . GLU A 1 72  ? 9.141   14.640  3.749   1.00 35.69 ? 65  GLU A OE2 1 
ATOM   518 N N   . LYS A 1 73  ? 8.013   9.977   7.657   1.00 29.37 ? 66  LYS A N   1 
ATOM   519 C CA  . LYS A 1 73  ? 7.799   9.076   8.769   1.00 29.72 ? 66  LYS A CA  1 
ATOM   520 C C   . LYS A 1 73  ? 7.791   9.841   10.086  1.00 28.90 ? 66  LYS A C   1 
ATOM   521 O O   . LYS A 1 73  ? 8.548   10.801  10.274  1.00 31.96 ? 66  LYS A O   1 
ATOM   522 C CB  . LYS A 1 73  ? 8.899   8.001   8.753   1.00 33.11 ? 66  LYS A CB  1 
ATOM   523 C CG  . LYS A 1 73  ? 8.861   7.028   9.894   1.00 35.93 ? 66  LYS A CG  1 
ATOM   524 C CD  . LYS A 1 73  ? 10.162  6.226   9.929   1.00 38.34 ? 66  LYS A CD  1 
ATOM   525 C CE  . LYS A 1 73  ? 10.157  5.134   10.978  1.00 42.13 ? 66  LYS A CE  1 
ATOM   526 N NZ  . LYS A 1 73  ? 10.007  5.695   12.336  1.00 40.07 ? 66  LYS A NZ  1 
ATOM   527 N N   . ALA A 1 74  ? 6.913   9.402   10.993  1.00 27.95 ? 67  ALA A N   1 
ATOM   528 C CA  . ALA A 1 74  ? 6.873   9.914   12.363  1.00 28.60 ? 67  ALA A CA  1 
ATOM   529 C C   . ALA A 1 74  ? 6.483   8.750   13.271  1.00 28.41 ? 67  ALA A C   1 
ATOM   530 O O   . ALA A 1 74  ? 5.319   8.322   13.297  1.00 27.79 ? 67  ALA A O   1 
ATOM   531 C CB  . ALA A 1 74  ? 5.881   11.041  12.515  1.00 29.17 ? 67  ALA A CB  1 
ATOM   532 N N   . GLY A 1 75  ? 7.449   8.212   14.001  1.00 29.43 ? 68  GLY A N   1 
ATOM   533 C CA  . GLY A 1 75  ? 7.172   7.030   14.806  1.00 29.28 ? 68  GLY A CA  1 
ATOM   534 C C   . GLY A 1 75  ? 6.699   5.864   13.947  1.00 29.94 ? 68  GLY A C   1 
ATOM   535 O O   . GLY A 1 75  ? 7.328   5.529   12.951  1.00 31.49 ? 68  GLY A O   1 
ATOM   536 N N   . ASN A 1 76  ? 5.547   5.305   14.313  1.00 28.82 ? 69  ASN A N   1 
ATOM   537 C CA  . ASN A 1 76  ? 4.973   4.164   13.619  1.00 28.08 ? 69  ASN A CA  1 
ATOM   538 C C   . ASN A 1 76  ? 4.200   4.559   12.365  1.00 27.66 ? 69  ASN A C   1 
ATOM   539 O O   . ASN A 1 76  ? 3.809   3.692   11.593  1.00 28.60 ? 69  ASN A O   1 
ATOM   540 C CB  . ASN A 1 76  ? 4.039   3.402   14.555  1.00 31.06 ? 69  ASN A CB  1 
ATOM   541 C CG  . ASN A 1 76  ? 4.689   2.702   15.676  1.00 34.59 ? 69  ASN A CG  1 
ATOM   542 O OD1 . ASN A 1 76  ? 5.841   2.271   15.630  1.00 40.33 ? 69  ASN A OD1 1 
ATOM   543 N ND2 . ASN A 1 76  ? 3.904   2.515   16.697  1.00 43.49 ? 69  ASN A ND2 1 
ATOM   544 N N   . LEU A 1 77  ? 3.980   5.857   12.168  1.00 24.77 ? 70  LEU A N   1 
ATOM   545 C CA  . LEU A 1 77  ? 3.212   6.358   11.035  1.00 23.12 ? 70  LEU A CA  1 
ATOM   546 C C   . LEU A 1 77  ? 4.131   6.715   9.863   1.00 22.38 ? 70  LEU A C   1 
ATOM   547 O O   . LEU A 1 77  ? 5.170   7.379   10.030  1.00 24.61 ? 70  LEU A O   1 
ATOM   548 C CB  . LEU A 1 77  ? 2.420   7.592   11.547  1.00 23.98 ? 70  LEU A CB  1 
ATOM   549 C CG  . LEU A 1 77  ? 1.595   8.345   10.550  1.00 24.67 ? 70  LEU A CG  1 
ATOM   550 C CD1 . LEU A 1 77  ? 0.532   7.487   10.032  1.00 25.41 ? 70  LEU A CD1 1 
ATOM   551 C CD2 . LEU A 1 77  ? 1.019   9.602   11.202  1.00 26.83 ? 70  LEU A CD2 1 
ATOM   552 N N   . TRP A 1 78  ? 3.723   6.287   8.668   1.00 21.59 ? 71  TRP A N   1 
ATOM   553 C CA  . TRP A 1 78  ? 4.385   6.607   7.424   1.00 22.15 ? 71  TRP A CA  1 
ATOM   554 C C   . TRP A 1 78  ? 3.351   7.243   6.501   1.00 20.73 ? 71  TRP A C   1 
ATOM   555 O O   . TRP A 1 78  ? 2.189   6.859   6.501   1.00 22.29 ? 71  TRP A O   1 
ATOM   556 C CB  . TRP A 1 78  ? 4.984   5.418   6.726   1.00 22.91 ? 71  TRP A CB  1 
ATOM   557 C CG  . TRP A 1 78  ? 6.081   4.730   7.430   1.00 24.18 ? 71  TRP A CG  1 
ATOM   558 C CD1 . TRP A 1 78  ? 6.010   4.036   8.596   1.00 26.66 ? 71  TRP A CD1 1 
ATOM   559 C CD2 . TRP A 1 78  ? 7.429   4.643   6.987   1.00 24.33 ? 71  TRP A CD2 1 
ATOM   560 N NE1 . TRP A 1 78  ? 7.220   3.505   8.893   1.00 28.51 ? 71  TRP A NE1 1 
ATOM   561 C CE2 . TRP A 1 78  ? 8.126   3.880   7.929   1.00 27.18 ? 71  TRP A CE2 1 
ATOM   562 C CE3 . TRP A 1 78  ? 8.121   5.150   5.892   1.00 27.47 ? 71  TRP A CE3 1 
ATOM   563 C CZ2 . TRP A 1 78  ? 9.471   3.576   7.790   1.00 27.54 ? 71  TRP A CZ2 1 
ATOM   564 C CZ3 . TRP A 1 78  ? 9.469   4.868   5.771   1.00 29.24 ? 71  TRP A CZ3 1 
ATOM   565 C CH2 . TRP A 1 78  ? 10.129  4.090   6.716   1.00 30.80 ? 71  TRP A CH2 1 
ATOM   566 N N   . LEU A 1 79  ? 3.807   8.162   5.663   1.00 19.89 ? 72  LEU A N   1 
ATOM   567 C CA  . LEU A 1 79  ? 2.958   8.766   4.651   1.00 18.70 ? 72  LEU A CA  1 
ATOM   568 C C   . LEU A 1 79  ? 3.746   8.786   3.343   1.00 19.35 ? 72  LEU A C   1 
ATOM   569 O O   . LEU A 1 79  ? 4.878   9.242   3.298   1.00 19.97 ? 72  LEU A O   1 
ATOM   570 C CB  . LEU A 1 79  ? 2.532   10.198  5.069   1.00 19.42 ? 72  LEU A CB  1 
ATOM   571 C CG  . LEU A 1 79  ? 1.631   10.933  4.102   1.00 19.96 ? 72  LEU A CG  1 
ATOM   572 C CD1 . LEU A 1 79  ? 0.322   10.196  3.937   1.00 21.45 ? 72  LEU A CD1 1 
ATOM   573 C CD2 . LEU A 1 79  ? 1.327   12.279  4.609   1.00 23.02 ? 72  LEU A CD2 1 
ATOM   574 N N   . PHE A 1 80  ? 3.135   8.223   2.297   1.00 19.57 ? 73  PHE A N   1 
ATOM   575 C CA  . PHE A 1 80  ? 3.722   8.125   0.972   1.00 18.80 ? 73  PHE A CA  1 
ATOM   576 C C   . PHE A 1 80  ? 2.893   8.940   0.001   1.00 19.05 ? 73  PHE A C   1 
ATOM   577 O O   . PHE A 1 80  ? 1.685   8.975   0.120   1.00 20.55 ? 73  PHE A O   1 
ATOM   578 C CB  . PHE A 1 80  ? 3.710   6.688   0.483   1.00 20.79 ? 73  PHE A CB  1 
ATOM   579 C CG  . PHE A 1 80  ? 4.366   5.730   1.429   1.00 21.66 ? 73  PHE A CG  1 
ATOM   580 C CD1 . PHE A 1 80  ? 5.725   5.515   1.395   1.00 23.03 ? 73  PHE A CD1 1 
ATOM   581 C CD2 . PHE A 1 80  ? 3.626   5.029   2.348   1.00 24.52 ? 73  PHE A CD2 1 
ATOM   582 C CE1 . PHE A 1 80  ? 6.338   4.644   2.301   1.00 24.15 ? 73  PHE A CE1 1 
ATOM   583 C CE2 . PHE A 1 80  ? 4.230   4.148   3.217   1.00 26.24 ? 73  PHE A CE2 1 
ATOM   584 C CZ  . PHE A 1 80  ? 5.582   3.954   3.192   1.00 24.56 ? 73  PHE A CZ  1 
ATOM   585 N N   . LEU A 1 81  ? 3.572   9.530   -0.971  1.00 19.10 ? 74  LEU A N   1 
ATOM   586 C CA  . LEU A 1 81  ? 2.938   10.105  -2.137  1.00 19.05 ? 74  LEU A CA  1 
ATOM   587 C C   . LEU A 1 81  ? 3.310   9.191   -3.292  1.00 18.87 ? 74  LEU A C   1 
ATOM   588 O O   . LEU A 1 81  ? 4.482   8.929   -3.516  1.00 19.63 ? 74  LEU A O   1 
ATOM   589 C CB  . LEU A 1 81  ? 3.405   11.523  -2.381  1.00 21.28 ? 74  LEU A CB  1 
ATOM   590 C CG  . LEU A 1 81  ? 2.821   12.244  -3.454  1.00 29.41 ? 74  LEU A CG  1 
ATOM   591 C CD1 . LEU A 1 81  ? 1.367   12.429  -3.279  1.00 29.08 ? 74  LEU A CD1 1 
ATOM   592 C CD2 . LEU A 1 81  ? 3.503   13.623  -3.608  1.00 33.93 ? 74  LEU A CD2 1 
ATOM   593 N N   . VAL A 1 82  ? 2.291   8.717   -4.000  1.00 19.88 ? 75  VAL A N   1 
ATOM   594 C CA  . VAL A 1 82  ? 2.500   7.832   -5.143  1.00 19.97 ? 75  VAL A CA  1 
ATOM   595 C C   . VAL A 1 82  ? 1.732   8.378   -6.349  1.00 19.99 ? 75  VAL A C   1 
ATOM   596 O O   . VAL A 1 82  ? 0.772   9.118   -6.175  1.00 20.87 ? 75  VAL A O   1 
ATOM   597 C CB  . VAL A 1 82  ? 2.054   6.381   -4.858  1.00 19.96 ? 75  VAL A CB  1 
ATOM   598 C CG1 . VAL A 1 82  ? 2.818   5.796   -3.700  1.00 21.31 ? 75  VAL A CG1 1 
ATOM   599 C CG2 . VAL A 1 82  ? 0.538   6.247   -4.624  1.00 21.56 ? 75  VAL A CG2 1 
ATOM   600 N N   . THR A 1 83  ? 2.198   8.010   -7.554  1.00 19.30 ? 76  THR A N   1 
ATOM   601 C CA  . THR A 1 83  ? 1.412   8.210   -8.756  1.00 21.68 ? 76  THR A CA  1 
ATOM   602 C C   . THR A 1 83  ? 0.744   6.887   -9.089  1.00 21.90 ? 76  THR A C   1 
ATOM   603 O O   . THR A 1 83  ? 1.317   5.832   -8.863  1.00 23.69 ? 76  THR A O   1 
ATOM   604 C CB  . THR A 1 83  ? 2.245   8.664   -9.932  1.00 27.05 ? 76  THR A CB  1 
ATOM   605 O OG1 . THR A 1 83  ? 3.244   7.704   -10.219 1.00 30.52 ? 76  THR A OG1 1 
ATOM   606 C CG2 . THR A 1 83  ? 2.879   9.991   -9.733  1.00 28.70 ? 76  THR A CG2 1 
ATOM   607 N N   . VAL A 1 84  ? -0.467  6.990   -9.638  1.00 21.63 ? 77  VAL A N   1 
ATOM   608 C CA  . VAL A 1 84  ? -1.271  5.850   -10.034 1.00 21.54 ? 77  VAL A CA  1 
ATOM   609 C C   . VAL A 1 84  ? -1.752  6.107   -11.455 1.00 21.41 ? 77  VAL A C   1 
ATOM   610 O O   . VAL A 1 84  ? -2.433  7.097   -11.679 1.00 24.99 ? 77  VAL A O   1 
ATOM   611 C CB  . VAL A 1 84  ? -2.413  5.701   -9.060  1.00 22.04 ? 77  VAL A CB  1 
ATOM   612 C CG1 . VAL A 1 84  ? -3.204  4.461   -9.415  1.00 24.05 ? 77  VAL A CG1 1 
ATOM   613 C CG2 . VAL A 1 84  ? -1.906  5.598   -7.626  1.00 22.73 ? 77  VAL A CG2 1 
ATOM   614 N N   . LYS A 1 85  ? -1.368  5.217   -12.376 1.00 23.48 ? 78  LYS A N   1 
ATOM   615 C CA  . LYS A 1 85  ? -1.625  5.390   -13.790 1.00 26.62 ? 78  LYS A CA  1 
ATOM   616 C C   . LYS A 1 85  ? -2.367  4.181   -14.335 1.00 27.42 ? 78  LYS A C   1 
ATOM   617 O O   . LYS A 1 85  ? -2.012  3.039   -14.053 1.00 29.73 ? 78  LYS A O   1 
ATOM   618 C CB  . LYS A 1 85  ? -0.316  5.485   -14.545 1.00 31.52 ? 78  LYS A CB  1 
ATOM   619 C CG  . LYS A 1 85  ? 0.503   6.679   -14.268 1.00 37.23 ? 78  LYS A CG  1 
ATOM   620 C CD  . LYS A 1 85  ? 1.737   6.683   -15.166 1.00 47.09 ? 78  LYS A CD  1 
ATOM   621 C CE  . LYS A 1 85  ? 1.399   6.786   -16.640 1.00 51.74 ? 78  LYS A CE  1 
ATOM   622 N NZ  . LYS A 1 85  ? 2.480   6.236   -17.516 1.00 62.35 ? 78  LYS A NZ  1 
ATOM   623 N N   . ASN A 1 86  ? -3.419  4.463   -15.092 1.00 32.96 ? 79  ASN A N   1 
ATOM   624 C CA  . ASN A 1 86  ? -4.203  3.449   -15.778 1.00 38.23 ? 79  ASN A CA  1 
ATOM   625 C C   . ASN A 1 86  ? -4.429  3.957   -17.200 1.00 39.21 ? 79  ASN A C   1 
ATOM   626 O O   . ASN A 1 86  ? -5.381  4.701   -17.431 1.00 43.47 ? 79  ASN A O   1 
ATOM   627 C CB  . ASN A 1 86  ? -5.494  3.227   -15.036 1.00 40.24 ? 79  ASN A CB  1 
ATOM   628 C CG  . ASN A 1 86  ? -6.290  2.057   -15.557 1.00 45.51 ? 79  ASN A CG  1 
ATOM   629 O OD1 . ASN A 1 86  ? -6.000  1.475   -16.604 1.00 50.41 ? 79  ASN A OD1 1 
ATOM   630 N ND2 . ASN A 1 86  ? -7.312  1.697   -14.838 1.00 51.09 ? 79  ASN A ND2 1 
ATOM   631 N N   . ASN A 1 87  ? -3.547  3.570   -18.133 1.00 43.15 ? 80  ASN A N   1 
ATOM   632 C CA  . ASN A 1 87  ? -3.660  3.952   -19.537 1.00 47.84 ? 80  ASN A CA  1 
ATOM   633 C C   . ASN A 1 87  ? -3.944  5.431   -19.794 1.00 54.58 ? 80  ASN A C   1 
ATOM   634 O O   . ASN A 1 87  ? -5.032  5.787   -20.233 1.00 62.59 ? 80  ASN A O   1 
ATOM   635 C CB  . ASN A 1 87  ? -4.804  3.201   -20.233 1.00 47.99 ? 80  ASN A CB  1 
ATOM   636 C CG  . ASN A 1 87  ? -4.787  1.708   -20.071 1.00 57.74 ? 80  ASN A CG  1 
ATOM   637 O OD1 . ASN A 1 87  ? -5.668  1.106   -19.442 1.00 65.56 ? 80  ASN A OD1 1 
ATOM   638 N ND2 . ASN A 1 87  ? -3.802  1.077   -20.632 1.00 57.42 ? 80  ASN A ND2 1 
ATOM   639 N N   . GLY A 1 88  ? -2.986  6.307   -19.519 1.00 55.50 ? 81  GLY A N   1 
ATOM   640 C CA  . GLY A 1 88  ? -3.198  7.721   -19.797 1.00 57.09 ? 81  GLY A CA  1 
ATOM   641 C C   . GLY A 1 88  ? -4.102  8.459   -18.807 1.00 55.75 ? 81  GLY A C   1 
ATOM   642 O O   . GLY A 1 88  ? -4.181  9.686   -18.844 1.00 57.41 ? 81  GLY A O   1 
ATOM   643 N N   . GLN A 1 89  ? -4.777  7.719   -17.920 1.00 47.95 ? 82  GLN A N   1 
ATOM   644 C CA  . GLN A 1 89  ? -5.416  8.319   -16.763 1.00 44.07 ? 82  GLN A CA  1 
ATOM   645 C C   . GLN A 1 89  ? -4.360  8.279   -15.665 1.00 38.26 ? 82  GLN A C   1 
ATOM   646 O O   . GLN A 1 89  ? -3.771  7.233   -15.431 1.00 41.47 ? 82  GLN A O   1 
ATOM   647 C CB  . GLN A 1 89  ? -6.625  7.511   -16.306 1.00 53.31 ? 82  GLN A CB  1 
ATOM   648 C CG  . GLN A 1 89  ? -7.623  8.314   -15.484 1.00 58.70 ? 82  GLN A CG  1 
ATOM   649 C CD  . GLN A 1 89  ? -8.629  8.996   -16.361 1.00 66.34 ? 82  GLN A CD  1 
ATOM   650 O OE1 . GLN A 1 89  ? -9.633  9.541   -15.886 1.00 79.55 ? 82  GLN A OE1 1 
ATOM   651 N NE2 . GLN A 1 89  ? -8.398  8.964   -17.661 1.00 69.34 ? 82  GLN A NE2 1 
ATOM   652 N N   . GLU A 1 90  ? -4.098  9.408   -15.006 1.00 33.67 ? 83  GLU A N   1 
ATOM   653 C CA  . GLU A 1 90  ? -3.069  9.445   -13.975 1.00 29.45 ? 83  GLU A CA  1 
ATOM   654 C C   . GLU A 1 90  ? -3.518  10.331  -12.830 1.00 28.23 ? 83  GLU A C   1 
ATOM   655 O O   . GLU A 1 90  ? -4.173  11.335  -13.018 1.00 31.22 ? 83  GLU A O   1 
ATOM   656 C CB  . GLU A 1 90  ? -1.728  9.961   -14.525 1.00 37.81 ? 83  GLU A CB  1 
ATOM   657 C CG  . GLU A 1 90  ? -0.585  9.944   -13.540 1.00 44.60 ? 83  GLU A CG  1 
ATOM   658 C CD  . GLU A 1 90  ? 0.775   10.216  -14.154 1.00 55.00 ? 83  GLU A CD  1 
ATOM   659 O OE1 . GLU A 1 90  ? 0.859   10.463  -15.383 1.00 62.84 ? 83  GLU A OE1 1 
ATOM   660 O OE2 . GLU A 1 90  ? 1.763   10.189  -13.384 1.00 63.21 ? 83  GLU A OE2 1 
ATOM   661 N N   . GLU A 1 91  ? -3.211  9.912   -11.614 1.00 24.48 ? 84  GLU A N   1 
ATOM   662 C CA  . GLU A 1 91  ? -3.456  10.731  -10.452 1.00 23.80 ? 84  GLU A CA  1 
ATOM   663 C C   . GLU A 1 91  ? -2.362  10.482  -9.419  1.00 21.73 ? 84  GLU A C   1 
ATOM   664 O O   . GLU A 1 91  ? -1.585  9.530   -9.506  1.00 24.24 ? 84  GLU A O   1 
ATOM   665 C CB  . GLU A 1 91  ? -4.805  10.423  -9.820  1.00 26.43 ? 84  GLU A CB  1 
ATOM   666 C CG  . GLU A 1 91  ? -4.889  9.072   -9.182  1.00 26.14 ? 84  GLU A CG  1 
ATOM   667 C CD  . GLU A 1 91  ? -6.255  8.698   -8.688  1.00 30.91 ? 84  GLU A CD  1 
ATOM   668 O OE1 . GLU A 1 91  ? -7.222  9.094   -9.362  1.00 37.53 ? 84  GLU A OE1 1 
ATOM   669 O OE2 . GLU A 1 91  ? -6.377  7.966   -7.694  1.00 29.87 ? 84  GLU A OE2 1 
ATOM   670 N N   . LYS A 1 92  ? -2.350  11.351  -8.411  1.00 22.35 ? 85  LYS A N   1 
ATOM   671 C CA  . LYS A 1 92  ? -1.548  11.104  -7.232  1.00 22.05 ? 85  LYS A CA  1 
ATOM   672 C C   . LYS A 1 92  ? -2.466  10.591  -6.134  1.00 21.02 ? 85  LYS A C   1 
ATOM   673 O O   . LYS A 1 92  ? -3.619  10.985  -6.058  1.00 22.82 ? 85  LYS A O   1 
ATOM   674 C CB  . LYS A 1 92  ? -0.861  12.360  -6.771  1.00 27.21 ? 85  LYS A CB  1 
ATOM   675 C CG  . LYS A 1 92  ? 0.293   12.738  -7.643  1.00 34.21 ? 85  LYS A CG  1 
ATOM   676 C CD  . LYS A 1 92  ? 1.057   13.865  -7.048  1.00 43.41 ? 85  LYS A CD  1 
ATOM   677 C CE  . LYS A 1 92  ? 2.242   14.224  -7.850  1.00 49.86 ? 85  LYS A CE  1 
ATOM   678 N NZ  . LYS A 1 92  ? 2.705   15.554  -7.454  1.00 52.94 ? 85  LYS A NZ  1 
ATOM   679 N N   . GLN A 1 93  ? -1.905  9.748   -5.280  1.00 19.51 ? 86  GLN A N   1 
ATOM   680 C CA  . GLN A 1 93  ? -2.563  9.324   -4.061  1.00 18.50 ? 86  GLN A CA  1 
ATOM   681 C C   . GLN A 1 93  ? -1.609  9.524   -2.879  1.00 17.06 ? 86  GLN A C   1 
ATOM   682 O O   . GLN A 1 93  ? -0.404  9.352   -3.005  1.00 19.82 ? 86  GLN A O   1 
ATOM   683 C CB  . GLN A 1 93  ? -3.011  7.858   -4.091  1.00 19.90 ? 86  GLN A CB  1 
ATOM   684 C CG  . GLN A 1 93  ? -4.121  7.606   -5.062  1.00 21.72 ? 86  GLN A CG  1 
ATOM   685 C CD  . GLN A 1 93  ? -4.544  6.161   -5.069  1.00 22.65 ? 86  GLN A CD  1 
ATOM   686 O OE1 . GLN A 1 93  ? -4.171  5.336   -4.220  1.00 23.18 ? 86  GLN A OE1 1 
ATOM   687 N NE2 . GLN A 1 93  ? -5.356  5.864   -6.055  1.00 25.86 ? 86  GLN A NE2 1 
ATOM   688 N N   . ALA A 1 94  ? -2.205  9.930   -1.760  1.00 17.01 ? 87  ALA A N   1 
ATOM   689 C CA  . ALA A 1 94  ? -1.542  9.887   -0.480  1.00 17.80 ? 87  ALA A CA  1 
ATOM   690 C C   . ALA A 1 94  ? -1.903  8.563   0.169   1.00 17.92 ? 87  ALA A C   1 
ATOM   691 O O   . ALA A 1 94  ? -3.082  8.211   0.196   1.00 19.17 ? 87  ALA A O   1 
ATOM   692 C CB  . ALA A 1 94  ? -1.963  11.074  0.367   1.00 19.80 ? 87  ALA A CB  1 
ATOM   693 N N   . VAL A 1 95  ? -0.868  7.857   0.647   1.00 18.61 ? 88  VAL A N   1 
ATOM   694 C CA  . VAL A 1 95  ? -1.048  6.565   1.280   1.00 18.86 ? 88  VAL A CA  1 
ATOM   695 C C   . VAL A 1 95  ? -0.399  6.612   2.660   1.00 19.47 ? 88  VAL A C   1 
ATOM   696 O O   . VAL A 1 95  ? 0.809   6.758   2.776   1.00 20.14 ? 88  VAL A O   1 
ATOM   697 C CB  . VAL A 1 95  ? -0.427  5.447   0.440   1.00 19.53 ? 88  VAL A CB  1 
ATOM   698 C CG1 . VAL A 1 95  ? -0.678  4.083   1.078   1.00 21.52 ? 88  VAL A CG1 1 
ATOM   699 C CG2 . VAL A 1 95  ? -0.948  5.453   -0.994  1.00 20.12 ? 88  VAL A CG2 1 
ATOM   700 N N   . ALA A 1 96  ? -1.224  6.511   3.689   1.00 19.14 ? 89  ALA A N   1 
ATOM   701 C CA  . ALA A 1 96  ? -0.752  6.511   5.064   1.00 19.72 ? 89  ALA A CA  1 
ATOM   702 C C   . ALA A 1 96  ? -0.800  5.086   5.585   1.00 20.51 ? 89  ALA A C   1 
ATOM   703 O O   . ALA A 1 96  ? -1.760  4.366   5.288   1.00 20.67 ? 89  ALA A O   1 
ATOM   704 C CB  . ALA A 1 96  ? -1.659  7.382   5.908   1.00 20.89 ? 89  ALA A CB  1 
ATOM   705 N N   . ILE A 1 97  ? 0.216   4.708   6.367   1.00 21.84 ? 90  ILE A N   1 
ATOM   706 C CA  . ILE A 1 97  ? 0.263   3.390   6.977   1.00 21.44 ? 90  ILE A CA  1 
ATOM   707 C C   . ILE A 1 97  ? 0.715   3.513   8.420   1.00 22.27 ? 90  ILE A C   1 
ATOM   708 O O   . ILE A 1 97  ? 1.492   4.404   8.760   1.00 23.71 ? 90  ILE A O   1 
ATOM   709 C CB  . ILE A 1 97  ? 1.160   2.356   6.235   1.00 25.43 ? 90  ILE A CB  1 
ATOM   710 C CG1 . ILE A 1 97  ? 2.632   2.690   6.318   1.00 27.45 ? 90  ILE A CG1 1 
ATOM   711 C CG2 . ILE A 1 97  ? 0.766   2.183   4.756   1.00 26.95 ? 90  ILE A CG2 1 
ATOM   712 C CD1 . ILE A 1 97  ? 3.573   1.624   5.657   1.00 27.23 ? 90  ILE A CD1 1 
ATOM   713 N N   . VAL A 1 98  ? 0.221   2.595   9.244   1.00 24.15 ? 91  VAL A N   1 
ATOM   714 C CA  . VAL A 1 98  ? 0.743   2.426   10.584  1.00 25.48 ? 91  VAL A CA  1 
ATOM   715 C C   . VAL A 1 98  ? 1.461   1.070   10.619  1.00 25.53 ? 91  VAL A C   1 
ATOM   716 O O   . VAL A 1 98  ? 0.844   0.041   10.310  1.00 28.61 ? 91  VAL A O   1 
ATOM   717 C CB  . VAL A 1 98  ? -0.372  2.493   11.629  1.00 27.44 ? 91  VAL A CB  1 
ATOM   718 C CG1 . VAL A 1 98  ? 0.182   2.235   13.000  1.00 30.41 ? 91  VAL A CG1 1 
ATOM   719 C CG2 . VAL A 1 98  ? -1.130  3.784   11.602  1.00 28.84 ? 91  VAL A CG2 1 
ATOM   720 N N   . VAL A 1 99  ? 2.752   1.091   10.971  1.00 27.91 ? 92  VAL A N   1 
ATOM   721 C CA  . VAL A 1 99  ? 3.597   -0.088  11.056  1.00 30.51 ? 92  VAL A CA  1 
ATOM   722 C C   . VAL A 1 99  ? 3.927   -0.335  12.517  1.00 36.55 ? 92  VAL A C   1 
ATOM   723 O O   . VAL A 1 99  ? 4.444   0.552   13.175  1.00 38.19 ? 92  VAL A O   1 
ATOM   724 C CB  . VAL A 1 99  ? 4.959   0.060   10.349  1.00 34.19 ? 92  VAL A CB  1 
ATOM   725 C CG1 . VAL A 1 99  ? 5.771   -1.224  10.522  1.00 36.69 ? 92  VAL A CG1 1 
ATOM   726 C CG2 . VAL A 1 99  ? 4.844   0.447   8.907   1.00 32.20 ? 92  VAL A CG2 1 
ATOM   727 N N   . ARG A 1 100 ? 3.654   -1.534  12.995  1.00 35.83 ? 93  ARG A N   1 
ATOM   728 C CA  . ARG A 1 100 ? 3.967   -1.908  14.358  1.00 37.73 ? 93  ARG A CA  1 
ATOM   729 C C   . ARG A 1 100 ? 4.679   -3.267  14.313  1.00 34.77 ? 93  ARG A C   1 
ATOM   730 O O   . ARG A 1 100 ? 4.170   -4.213  13.742  1.00 34.26 ? 93  ARG A O   1 
ATOM   731 C CB  . ARG A 1 100 ? 2.671   -1.940  15.191  1.00 44.38 ? 93  ARG A CB  1 
ATOM   732 C CG  . ARG A 1 100 ? 2.063   -0.571  15.497  1.00 50.61 ? 93  ARG A CG  1 
ATOM   733 C CD  . ARG A 1 100 ? 0.940   -0.626  16.554  1.00 57.92 ? 93  ARG A CD  1 
ATOM   734 N NE  . ARG A 1 100 ? 0.100   0.572   16.499  1.00 67.08 ? 93  ARG A NE  1 
ATOM   735 C CZ  . ARG A 1 100 ? -1.182  0.594   16.129  1.00 71.21 ? 93  ARG A CZ  1 
ATOM   736 N NH1 . ARG A 1 100 ? -1.880  -0.521  15.978  1.00 80.28 ? 93  ARG A NH1 1 
ATOM   737 N NH2 . ARG A 1 100 ? -1.779  1.766   15.913  1.00 69.79 ? 93  ARG A NH2 1 
ATOM   738 N N   . ASN A 1 101 ? 5.905   -3.348  14.832  1.00 35.84 ? 94  ASN A N   1 
ATOM   739 C CA  . ASN A 1 101 ? 6.650   -4.596  14.886  1.00 35.54 ? 94  ASN A CA  1 
ATOM   740 C C   . ASN A 1 101 ? 6.784   -5.318  13.549  1.00 32.91 ? 94  ASN A C   1 
ATOM   741 O O   . ASN A 1 101 ? 6.676   -6.544  13.471  1.00 35.80 ? 94  ASN A O   1 
ATOM   742 C CB  . ASN A 1 101 ? 5.995   -5.501  15.922  1.00 35.99 ? 94  ASN A CB  1 
ATOM   743 C CG  . ASN A 1 101 ? 5.992   -4.851  17.278  1.00 39.80 ? 94  ASN A CG  1 
ATOM   744 O OD1 . ASN A 1 101 ? 4.952   -4.694  17.944  1.00 44.33 ? 94  ASN A OD1 1 
ATOM   745 N ND2 . ASN A 1 101 ? 7.173   -4.484  17.706  1.00 41.23 ? 94  ASN A ND2 1 
ATOM   746 N N   . GLY A 1 102 ? 6.944   -4.539  12.478  1.00 32.81 ? 95  GLY A N   1 
ATOM   747 C CA  . GLY A 1 102 ? 7.150   -5.075  11.146  1.00 33.28 ? 95  GLY A CA  1 
ATOM   748 C C   . GLY A 1 102 ? 5.883   -5.485  10.399  1.00 32.58 ? 95  GLY A C   1 
ATOM   749 O O   . GLY A 1 102 ? 5.976   -6.025  9.303   1.00 35.00 ? 95  GLY A O   1 
ATOM   750 N N   . ARG A 1 103 ? 4.702   -5.213  10.967  1.00 29.36 ? 96  ARG A N   1 
ATOM   751 C CA  . ARG A 1 103 ? 3.457   -5.486  10.276  1.00 28.00 ? 96  ARG A CA  1 
ATOM   752 C C   . ARG A 1 103 ? 2.592   -4.234  10.202  1.00 27.03 ? 96  ARG A C   1 
ATOM   753 O O   . ARG A 1 103 ? 2.611   -3.355  11.066  1.00 31.18 ? 96  ARG A O   1 
ATOM   754 C CB  . ARG A 1 103 ? 2.636   -6.604  10.919  1.00 27.98 ? 96  ARG A CB  1 
ATOM   755 C CG  . ARG A 1 103 ? 3.285   -7.986  10.856  1.00 30.75 ? 96  ARG A CG  1 
ATOM   756 C CD  . ARG A 1 103 ? 3.315   -8.594  9.499   1.00 33.36 ? 96  ARG A CD  1 
ATOM   757 N NE  . ARG A 1 103 ? 3.977   -9.894  9.533   1.00 32.27 ? 96  ARG A NE  1 
ATOM   758 C CZ  . ARG A 1 103 ? 3.574   -10.956 8.880   1.00 37.13 ? 96  ARG A CZ  1 
ATOM   759 N NH1 . ARG A 1 103 ? 2.355   -11.024 8.378   1.00 40.51 ? 96  ARG A NH1 1 
ATOM   760 N NH2 . ARG A 1 103 ? 4.419   -11.976 8.715   1.00 37.03 ? 96  ARG A NH2 1 
ATOM   761 N N   . ILE A 1 104 ? 1.782   -4.192  9.153   1.00 25.17 ? 97  ILE A N   1 
ATOM   762 C CA  . ILE A 1 104 ? 0.946   -3.049  8.898   1.00 26.06 ? 97  ILE A CA  1 
ATOM   763 C C   . ILE A 1 104 ? -0.444  -3.348  9.429   1.00 27.31 ? 97  ILE A C   1 
ATOM   764 O O   . ILE A 1 104 ? -1.060  -4.320  9.000   1.00 33.12 ? 97  ILE A O   1 
ATOM   765 C CB  . ILE A 1 104 ? 0.975   -2.753  7.409   1.00 27.21 ? 97  ILE A CB  1 
ATOM   766 C CG1 . ILE A 1 104 ? 2.422   -2.350  7.042   1.00 31.78 ? 97  ILE A CG1 1 
ATOM   767 C CG2 . ILE A 1 104 ? -0.063  -1.711  7.120   1.00 28.96 ? 97  ILE A CG2 1 
ATOM   768 C CD1 . ILE A 1 104 ? 2.704   -2.252  5.627   1.00 34.48 ? 97  ILE A CD1 1 
ATOM   769 N N   . LYS A 1 105 ? -0.940  -2.438  10.274  1.00 29.39 ? 98  LYS A N   1 
ATOM   770 C CA  . LYS A 1 105 ? -2.261  -2.520  10.872  1.00 33.67 ? 98  LYS A CA  1 
ATOM   771 C C   . LYS A 1 105 ? -3.380  -1.787  10.138  1.00 28.24 ? 98  LYS A C   1 
ATOM   772 O O   . LYS A 1 105 ? -4.524  -2.253  10.105  1.00 28.79 ? 98  LYS A O   1 
ATOM   773 C CB  . LYS A 1 105 ? -2.124  -1.946  12.310  1.00 38.26 ? 98  LYS A CB  1 
ATOM   774 C CG  . LYS A 1 105 ? -0.993  -2.631  13.107  1.00 46.01 ? 98  LYS A CG  1 
ATOM   775 C CD  . LYS A 1 105 ? -1.171  -4.172  13.103  1.00 50.89 ? 98  LYS A CD  1 
ATOM   776 C CE  . LYS A 1 105 ? 0.110   -4.947  13.324  1.00 53.09 ? 98  LYS A CE  1 
ATOM   777 N NZ  . LYS A 1 105 ? -0.150  -6.426  13.539  1.00 51.89 ? 98  LYS A NZ  1 
ATOM   778 N N   . GLU A 1 106 ? -3.031  -0.638  9.559   1.00 26.75 ? 99  GLU A N   1 
ATOM   779 C CA  . GLU A 1 106 ? -3.994  0.288   8.994   1.00 25.26 ? 99  GLU A CA  1 
ATOM   780 C C   . GLU A 1 106 ? -3.316  0.936   7.794   1.00 21.95 ? 99  GLU A C   1 
ATOM   781 O O   . GLU A 1 106 ? -2.149  1.291   7.862   1.00 23.50 ? 99  GLU A O   1 
ATOM   782 C CB  . GLU A 1 106 ? -4.369  1.378   10.035  1.00 29.83 ? 99  GLU A CB  1 
ATOM   783 C CG  . GLU A 1 106 ? -5.182  0.884   11.218  1.00 33.26 ? 99  GLU A CG  1 
ATOM   784 C CD  . GLU A 1 106 ? -4.816  1.340   12.625  1.00 39.08 ? 99  GLU A CD  1 
ATOM   785 O OE1 . GLU A 1 106 ? -3.676  1.823   12.800  1.00 46.11 ? 99  GLU A OE1 1 
ATOM   786 O OE2 . GLU A 1 106 ? -5.643  1.172   13.566  1.00 45.54 ? 99  GLU A OE2 1 
ATOM   787 N N   . VAL A 1 107 ? -4.086  1.076   6.716   1.00 22.77 ? 100 VAL A N   1 
ATOM   788 C CA  . VAL A 1 107 ? -3.689  1.713   5.476   1.00 21.96 ? 100 VAL A CA  1 
ATOM   789 C C   . VAL A 1 107 ? -4.839  2.589   5.009   1.00 20.57 ? 100 VAL A C   1 
ATOM   790 O O   . VAL A 1 107 ? -5.980  2.141   4.986   1.00 22.16 ? 100 VAL A O   1 
ATOM   791 C CB  . VAL A 1 107 ? -3.376  0.717   4.381   1.00 22.24 ? 100 VAL A CB  1 
ATOM   792 C CG1 . VAL A 1 107 ? -2.967  1.434   3.086   1.00 22.69 ? 100 VAL A CG1 1 
ATOM   793 C CG2 . VAL A 1 107 ? -2.348  -0.325  4.819   1.00 26.45 ? 100 VAL A CG2 1 
ATOM   794 N N   . ILE A 1 108 ? -4.545  3.833   4.622   1.00 20.36 ? 101 ILE A N   1 
ATOM   795 C CA  . ILE A 1 108 ? -5.501  4.658   3.901   1.00 20.05 ? 101 ILE A CA  1 
ATOM   796 C C   . ILE A 1 108 ? -4.865  5.181   2.635   1.00 20.38 ? 101 ILE A C   1 
ATOM   797 O O   . ILE A 1 108 ? -3.775  5.714   2.678   1.00 21.88 ? 101 ILE A O   1 
ATOM   798 C CB  . ILE A 1 108 ? -6.023  5.891   4.707   1.00 21.28 ? 101 ILE A CB  1 
ATOM   799 C CG1 . ILE A 1 108 ? -6.691  5.427   5.979   1.00 24.43 ? 101 ILE A CG1 1 
ATOM   800 C CG2 . ILE A 1 108 ? -6.937  6.768   3.851   1.00 22.46 ? 101 ILE A CG2 1 
ATOM   801 C CD1 . ILE A 1 108 ? -7.085  6.582   6.912   1.00 25.46 ? 101 ILE A CD1 1 
ATOM   802 N N   . ALA A 1 109 ? -5.585  5.067   1.521   1.00 18.58 ? 102 ALA A N   1 
ATOM   803 C CA  . ALA A 1 109 ? -5.191  5.706   0.274   1.00 18.58 ? 102 ALA A CA  1 
ATOM   804 C C   . ALA A 1 109 ? -6.282  6.698   -0.123  1.00 19.06 ? 102 ALA A C   1 
ATOM   805 O O   . ALA A 1 109 ? -7.469  6.393   -0.082  1.00 20.51 ? 102 ALA A O   1 
ATOM   806 C CB  . ALA A 1 109 ? -4.993  4.691   -0.807  1.00 20.34 ? 102 ALA A CB  1 
ATOM   807 N N   . MET A 1 110 ? -5.862  7.919   -0.435  1.00 17.88 ? 103 MET A N   1 
ATOM   808 C CA  . MET A 1 110 ? -6.751  8.980   -0.904  1.00 19.57 ? 103 MET A CA  1 
ATOM   809 C C   . MET A 1 110 ? -6.230  9.591   -2.184  1.00 18.44 ? 103 MET A C   1 
ATOM   810 O O   . MET A 1 110 ? -5.068  9.964   -2.264  1.00 18.63 ? 103 MET A O   1 
ATOM   811 C CB  . MET A 1 110 ? -6.911  10.122  0.115   1.00 24.20 ? 103 MET A CB  1 
ATOM   812 C CG  . MET A 1 110 ? -7.904  9.828   1.197   1.00 31.39 ? 103 MET A CG  1 
ATOM   813 S SD  . MET A 1 110 ? -7.983  11.293  2.336   1.00 35.45 ? 103 MET A SD  1 
ATOM   814 C CE  . MET A 1 110 ? -8.246  12.580  1.089   1.00 34.76 ? 103 MET A CE  1 
ATOM   815 N N   . SER A 1 111 ? -7.140  9.680   -3.146  1.00 18.47 ? 104 SER A N   1 
ATOM   816 C CA  . SER A 1 111 ? -6.862  10.357  -4.401  1.00 19.65 ? 104 SER A CA  1 
ATOM   817 C C   . SER A 1 111 ? -6.744  11.866  -4.228  1.00 22.71 ? 104 SER A C   1 
ATOM   818 O O   . SER A 1 111 ? -7.550  12.438  -3.527  1.00 25.07 ? 104 SER A O   1 
ATOM   819 C CB  . SER A 1 111 ? -7.954  10.024  -5.397  1.00 21.67 ? 104 SER A CB  1 
ATOM   820 O OG  . SER A 1 111 ? -7.977  8.642   -5.664  1.00 23.73 ? 104 SER A OG  1 
ATOM   821 N N   . ILE A 1 112 ? -5.729  12.450  -4.875  1.00 25.45 ? 105 ILE A N   1 
ATOM   822 C CA  . ILE A 1 112 ? -5.500  13.887  -4.935  1.00 32.09 ? 105 ILE A CA  1 
ATOM   823 C C   . ILE A 1 112 ? -5.616  14.353  -6.374  1.00 38.86 ? 105 ILE A C   1 
ATOM   824 O O   . ILE A 1 112 ? -5.129  13.667  -7.270  1.00 44.65 ? 105 ILE A O   1 
ATOM   825 C CB  . ILE A 1 112 ? -4.119  14.301  -4.450  1.00 37.17 ? 105 ILE A CB  1 
ATOM   826 C CG1 . ILE A 1 112 ? -3.633  13.568  -3.191  1.00 35.60 ? 105 ILE A CG1 1 
ATOM   827 C CG2 . ILE A 1 112 ? -4.094  15.793  -4.273  1.00 39.55 ? 105 ILE A CG2 1 
ATOM   828 C CD1 . ILE A 1 112 ? -4.625  13.489  -2.116  1.00 38.90 ? 105 ILE A CD1 1 
HETATM 829 O O   . HOH B 2 .   ? 19.190  -1.153  10.338  1.00 61.31 ? 201 HOH A O   1 
HETATM 830 O O   . HOH B 2 .   ? -8.453  -10.193 -6.967  1.00 48.43 ? 202 HOH A O   1 
HETATM 831 O O   . HOH B 2 .   ? -12.338 5.898   5.100   1.00 32.87 ? 203 HOH A O   1 
HETATM 832 O O   . HOH B 2 .   ? 2.373   -5.425  17.251  1.00 47.75 ? 204 HOH A O   1 
HETATM 833 O O   . HOH B 2 .   ? 4.222   -14.543 0.987   1.00 23.47 ? 205 HOH A O   1 
HETATM 834 O O   . HOH B 2 .   ? 2.606   -13.904 7.850   1.00 37.84 ? 206 HOH A O   1 
HETATM 835 O O   . HOH B 2 .   ? 2.447   5.514   -11.908 1.00 34.39 ? 207 HOH A O   1 
HETATM 836 O O   . HOH B 2 .   ? -10.844 -7.278  -2.230  1.00 32.46 ? 208 HOH A O   1 
HETATM 837 O O   . HOH B 2 .   ? -2.469  -15.043 -2.394  1.00 54.03 ? 209 HOH A O   1 
HETATM 838 O O   . HOH B 2 .   ? -7.847  -2.338  -16.860 1.00 42.39 ? 210 HOH A O   1 
HETATM 839 O O   . HOH B 2 .   ? -12.317 2.945   -3.856  1.00 23.32 ? 211 HOH A O   1 
HETATM 840 O O   . HOH B 2 .   ? -14.235 -3.906  -0.247  1.00 41.40 ? 212 HOH A O   1 
HETATM 841 O O   . HOH B 2 .   ? 1.948   -1.130  -9.999  1.00 35.20 ? 213 HOH A O   1 
HETATM 842 O O   . HOH B 2 .   ? 7.796   2.940   11.692  1.00 38.44 ? 214 HOH A O   1 
HETATM 843 O O   . HOH B 2 .   ? 16.032  2.764   -2.215  1.00 69.43 ? 215 HOH A O   1 
HETATM 844 O O   . HOH B 2 .   ? -16.657 -0.037  2.283   1.00 38.60 ? 216 HOH A O   1 
HETATM 845 O O   . HOH B 2 .   ? -14.620 9.481   -0.589  1.00 38.32 ? 217 HOH A O   1 
HETATM 846 O O   . HOH B 2 .   ? 10.799  8.648   14.196  1.00 57.26 ? 218 HOH A O   1 
HETATM 847 O O   . HOH B 2 .   ? -13.381 -6.241  -1.024  1.00 47.02 ? 219 HOH A O   1 
# 
loop_
_atom_site_anisotrop.id 
_atom_site_anisotrop.type_symbol 
_atom_site_anisotrop.pdbx_label_atom_id 
_atom_site_anisotrop.pdbx_label_alt_id 
_atom_site_anisotrop.pdbx_label_comp_id 
_atom_site_anisotrop.pdbx_label_asym_id 
_atom_site_anisotrop.pdbx_label_seq_id 
_atom_site_anisotrop.pdbx_PDB_ins_code 
_atom_site_anisotrop.U[1][1] 
_atom_site_anisotrop.U[2][2] 
_atom_site_anisotrop.U[3][3] 
_atom_site_anisotrop.U[1][2] 
_atom_site_anisotrop.U[1][3] 
_atom_site_anisotrop.U[2][3] 
_atom_site_anisotrop.pdbx_auth_seq_id 
_atom_site_anisotrop.pdbx_auth_comp_id 
_atom_site_anisotrop.pdbx_auth_asym_id 
_atom_site_anisotrop.pdbx_auth_atom_id 
1   N N   . MET A 8   ? 0.6595 0.7394 0.8189 0.0396  -0.1380 0.2348  1   MET A N   
2   C CA  . MET A 8   ? 0.6311 0.7680 0.7478 0.0097  -0.2093 0.1579  1   MET A CA  
3   C C   . MET A 8   ? 0.5734 0.5787 0.6488 -0.0681 -0.2939 0.0310  1   MET A C   
4   O O   . MET A 8   ? 0.6925 0.5195 0.7383 0.0090  -0.2623 0.1233  1   MET A O   
5   C CB  . MET A 8   ? 0.6351 0.8551 0.8200 0.0226  -0.2164 0.1487  1   MET A CB  
6   C CG  . MET A 8   ? 0.6401 0.8838 0.8273 0.0288  -0.2451 0.1631  1   MET A CG  
7   S SD  . MET A 8   ? 0.6916 0.8952 0.8495 0.0062  -0.2496 0.1783  1   MET A SD  
8   C CE  . MET A 8   ? 0.8092 0.9404 0.9571 -0.0095 -0.1623 0.1492  1   MET A CE  
9   N N   . PRO A 9   ? 0.6069 0.5676 0.6516 -0.0061 -0.2910 0.0799  2   PRO A N   
10  C CA  . PRO A 9   ? 0.6016 0.5688 0.6315 -0.0205 -0.3109 0.0535  2   PRO A CA  
11  C C   . PRO A 9   ? 0.6303 0.4786 0.5306 -0.0538 -0.2762 0.0780  2   PRO A C   
12  O O   . PRO A 9   ? 0.6538 0.4094 0.5433 -0.0908 -0.3287 0.1279  2   PRO A O   
13  C CB  . PRO A 9   ? 0.6462 0.5682 0.6413 0.0061  -0.2549 0.0285  2   PRO A CB  
14  C CG  . PRO A 9   ? 0.6694 0.5577 0.6913 0.0197  -0.2502 0.0332  2   PRO A CG  
15  C CD  . PRO A 9   ? 0.6027 0.5500 0.6620 -0.0093 -0.3048 0.0449  2   PRO A CD  
16  N N   . GLU A 10  ? 0.6484 0.4721 0.4460 -0.0310 -0.2822 0.0591  3   GLU A N   
17  C CA  . GLU A 10  ? 0.6242 0.4952 0.4416 -0.0269 -0.2738 0.0911  3   GLU A CA  
18  C C   . GLU A 10  ? 0.6471 0.4391 0.3856 -0.0288 -0.2741 0.1015  3   GLU A C   
19  O O   . GLU A 10  ? 0.6139 0.3503 0.4171 -0.0786 -0.2497 0.0496  3   GLU A O   
20  C CB  . GLU A 10  ? 0.7088 0.5036 0.4876 -0.0594 -0.2608 0.1117  3   GLU A CB  
21  C CG  . GLU A 10  ? 0.7953 0.5663 0.5999 -0.1099 -0.2030 0.1302  3   GLU A CG  
22  C CD  . GLU A 10  ? 0.8683 0.7417 0.6380 -0.1439 -0.1504 0.0702  3   GLU A CD  
23  O OE1 . GLU A 10  ? 0.7178 0.6991 0.7735 -0.1430 -0.1328 0.0739  3   GLU A OE1 
24  O OE2 . GLU A 10  ? 1.0321 0.9603 0.7328 -0.1384 -0.1016 -0.0017 3   GLU A OE2 
25  N N   . GLU A 11  ? 0.6505 0.4683 0.4702 -0.0122 -0.2156 0.0912  4   GLU A N   
26  C CA  . GLU A 11  ? 0.6347 0.4557 0.4796 -0.0361 -0.2062 0.0910  4   GLU A CA  
27  C C   . GLU A 11  ? 0.5506 0.3827 0.4177 -0.0179 -0.2530 0.0427  4   GLU A C   
28  O O   . GLU A 11  ? 0.5533 0.3643 0.4081 -0.0368 -0.2642 0.0249  4   GLU A O   
29  C CB  . GLU A 11  ? 0.7841 0.4866 0.5829 -0.0252 -0.1727 0.1026  4   GLU A CB  
30  C CG  . GLU A 11  ? 0.8165 0.5543 0.6973 -0.1165 -0.2107 0.0744  4   GLU A CG  
31  C CD  . GLU A 11  ? 0.8253 0.4967 0.7449 -0.2406 -0.1767 0.0835  4   GLU A CD  
32  O OE1 . GLU A 11  ? 0.9591 0.8248 0.8665 -0.1177 -0.2357 0.0153  4   GLU A OE1 
33  O OE2 . GLU A 11  ? 0.7138 0.3687 0.6207 -0.2192 -0.2152 0.1707  4   GLU A OE2 
34  N N   . GLU A 12  ? 0.5586 0.3683 0.3514 -0.0440 -0.2470 0.0289  5   GLU A N   
35  C CA  . GLU A 12  ? 0.5055 0.3565 0.3746 -0.0846 -0.2404 0.0496  5   GLU A CA  
36  C C   . GLU A 12  ? 0.5004 0.3644 0.4212 -0.0165 -0.2212 0.0361  5   GLU A C   
37  O O   . GLU A 12  ? 0.4527 0.3408 0.4053 -0.0944 -0.1830 0.0441  5   GLU A O   
38  C CB  . GLU A 12  ? 0.5787 0.4716 0.4402 -0.1234 -0.2314 0.0255  5   GLU A CB  
39  C CG  . GLU A 12  ? 0.6856 0.5308 0.5509 -0.1946 -0.1676 -0.0024 5   GLU A CG  
40  C CD  . GLU A 12  ? 0.7321 0.7496 0.6225 -0.2420 -0.1222 -0.0030 5   GLU A CD  
41  O OE1 . GLU A 12  ? 0.8262 0.7852 0.5677 -0.2005 -0.2113 0.0738  5   GLU A OE1 
42  O OE2 . GLU A 12  ? 0.7706 0.8551 0.6258 -0.3455 -0.0271 0.0784  5   GLU A OE2 
43  N N   . LYS A 13  ? 0.4737 0.3472 0.4218 -0.0580 -0.2384 0.0434  6   LYS A N   
44  C CA  . LYS A 13  ? 0.4564 0.3503 0.4540 -0.0641 -0.2195 0.0453  6   LYS A CA  
45  C C   . LYS A 13  ? 0.4386 0.2718 0.4020 -0.0970 -0.1628 0.0401  6   LYS A C   
46  O O   . LYS A 13  ? 0.4814 0.3430 0.3617 -0.0593 -0.1745 0.0057  6   LYS A O   
47  C CB  . LYS A 13  ? 0.4940 0.3922 0.5673 -0.0343 -0.2144 0.0964  6   LYS A CB  
48  C CG  . LYS A 13  ? 0.5845 0.4738 0.7022 -0.0088 -0.1823 0.1021  6   LYS A CG  
49  C CD  . LYS A 13  ? 0.6398 0.5216 0.7643 0.0526  -0.1809 0.1322  6   LYS A CD  
50  C CE  . LYS A 13  ? 0.6789 0.6248 0.8441 0.0810  -0.1837 0.1095  6   LYS A CE  
51  N NZ  . LYS A 13  ? 0.7860 0.6394 0.8734 0.1059  -0.1782 0.1019  6   LYS A NZ  
52  N N   . ALA A 14  ? 0.4800 0.3366 0.3753 -0.0662 -0.1707 0.0783  7   ALA A N   
53  C CA  . ALA A 14  ? 0.4641 0.3173 0.3735 -0.0985 -0.1488 0.0721  7   ALA A CA  
54  C C   . ALA A 14  ? 0.4323 0.2778 0.2934 -0.0927 -0.1420 0.0452  7   ALA A C   
55  O O   . ALA A 14  ? 0.4607 0.3195 0.2985 -0.1036 -0.1584 0.0409  7   ALA A O   
56  C CB  . ALA A 14  ? 0.4855 0.3543 0.3361 -0.0850 -0.1529 0.0921  7   ALA A CB  
57  N N   . ALA A 15  ? 0.4505 0.2926 0.3187 -0.0818 -0.1556 0.0354  8   ALA A N   
58  C CA  . ALA A 15  ? 0.4287 0.2777 0.3200 -0.0677 -0.1249 0.0168  8   ALA A CA  
59  C C   . ALA A 15  ? 0.3826 0.3074 0.3427 -0.0539 -0.1224 0.0188  8   ALA A C   
60  O O   . ALA A 15  ? 0.3700 0.3005 0.3906 -0.0482 -0.1355 0.0573  8   ALA A O   
61  C CB  . ALA A 15  ? 0.4496 0.2977 0.3442 -0.0567 -0.1580 0.0070  8   ALA A CB  
62  N N   . ARG A 16  ? 0.3657 0.3158 0.3607 -0.0508 -0.1380 0.0334  9   ARG A N   
63  C CA  . ARG A 16  ? 0.3708 0.3129 0.3784 -0.0491 -0.0917 0.0520  9   ARG A CA  
64  C C   . ARG A 16  ? 0.4327 0.2875 0.3198 -0.0080 -0.1021 0.0498  9   ARG A C   
65  O O   . ARG A 16  ? 0.4324 0.3460 0.3180 -0.0549 -0.1131 0.0345  9   ARG A O   
66  C CB  . ARG A 16  ? 0.4121 0.4274 0.4325 -0.0222 -0.1379 0.0691  9   ARG A CB  
67  C CG  . ARG A 16  ? 0.5208 0.4750 0.5250 -0.0205 -0.1519 0.0746  9   ARG A CG  
68  C CD  . ARG A 16  ? 0.5665 0.5583 0.6392 0.0421  -0.1657 0.1132  9   ARG A CD  
69  N NE  . ARG A 16  ? 0.7105 0.6807 0.7820 -0.0049 -0.1471 0.1224  9   ARG A NE  
70  C CZ  . ARG A 16  ? 0.8693 0.7813 0.8443 0.0914  -0.0994 0.1156  9   ARG A CZ  
71  N NH1 . ARG A 16  ? 0.9702 0.8124 0.9780 0.0942  -0.1277 0.0903  9   ARG A NH1 
72  N NH2 . ARG A 16  ? 0.9411 0.9388 0.8987 0.0685  -0.0810 0.0520  9   ARG A NH2 
73  N N   . LEU A 17  ? 0.4477 0.2875 0.3041 -0.0336 -0.1262 0.0489  10  LEU A N   
74  C CA  . LEU A 17  ? 0.4544 0.2876 0.3182 -0.0152 -0.1667 0.0193  10  LEU A CA  
75  C C   . LEU A 17  ? 0.4374 0.2662 0.3098 -0.0111 -0.1342 0.0320  10  LEU A C   
76  O O   . LEU A 17  ? 0.4049 0.2878 0.2893 -0.0341 -0.1016 0.0338  10  LEU A O   
77  C CB  . LEU A 17  ? 0.5255 0.3215 0.3751 -0.0265 -0.1755 0.0345  10  LEU A CB  
78  C CG  . LEU A 17  ? 0.6167 0.3529 0.4583 0.0290  -0.1662 0.0560  10  LEU A CG  
79  C CD1 . LEU A 17  ? 0.6596 0.3441 0.5117 0.0240  -0.1833 0.0926  10  LEU A CD1 
80  C CD2 . LEU A 17  ? 0.6715 0.3443 0.5496 0.0332  -0.1375 0.0271  10  LEU A CD2 
81  N N   . LEU A 18  ? 0.4251 0.2497 0.3009 -0.0235 -0.1276 0.0081  11  LEU A N   
82  C CA  . LEU A 18  ? 0.4151 0.2488 0.2976 -0.0303 -0.0909 0.0476  11  LEU A CA  
83  C C   . LEU A 18  ? 0.3810 0.2568 0.2799 -0.0425 -0.1307 0.0495  11  LEU A C   
84  O O   . LEU A 18  ? 0.4250 0.2317 0.2817 -0.0148 -0.1341 0.0022  11  LEU A O   
85  C CB  . LEU A 18  ? 0.4533 0.3362 0.2849 -0.0727 -0.0975 0.0011  11  LEU A CB  
86  C CG  . LEU A 18  ? 0.3961 0.4740 0.4851 -0.0175 -0.0841 -0.0632 11  LEU A CG  
87  C CD1 . LEU A 18  ? 0.4019 0.4293 0.4440 -0.0690 -0.1143 -0.0359 11  LEU A CD1 
88  C CD2 . LEU A 18  ? 0.3725 0.4636 0.5809 -0.0316 -0.1056 -0.0300 11  LEU A CD2 
89  N N   . ILE A 19  ? 0.4112 0.2734 0.2737 -0.0460 -0.1144 0.0249  12  ILE A N   
90  C CA  . ILE A 19  ? 0.4348 0.2533 0.2904 -0.0671 -0.1033 0.0341  12  ILE A CA  
91  C C   . ILE A 19  ? 0.4538 0.2543 0.3321 -0.0643 -0.0855 0.0131  12  ILE A C   
92  O O   . ILE A 19  ? 0.4687 0.2575 0.2778 -0.0609 -0.0931 0.0230  12  ILE A O   
93  C CB  . ILE A 19  ? 0.4168 0.2669 0.3159 -0.0668 -0.0983 0.0332  12  ILE A CB  
94  C CG1 . ILE A 19  ? 0.4491 0.3125 0.3533 -0.0530 -0.0798 -0.0011 12  ILE A CG1 
95  C CG2 . ILE A 19  ? 0.4053 0.3314 0.3582 -0.0865 -0.0692 0.0521  12  ILE A CG2 
96  C CD1 . ILE A 19  ? 0.4754 0.3400 0.3888 -0.0301 -0.0777 -0.0389 12  ILE A CD1 
97  N N   . GLU A 20  ? 0.3966 0.2845 0.3412 -0.0536 -0.0891 -0.0331 13  GLU A N   
98  C CA  . GLU A 20  ? 0.3953 0.2614 0.3065 -0.0387 -0.0658 0.0043  13  GLU A CA  
99  C C   . GLU A 20  ? 0.3810 0.2929 0.3101 -0.0217 -0.0612 -0.0032 13  GLU A C   
100 O O   . GLU A 20  ? 0.4014 0.3117 0.2963 -0.0139 -0.0467 0.0291  13  GLU A O   
101 C CB  . GLU A 20  ? 0.4029 0.3467 0.4417 -0.0313 -0.0699 0.0030  13  GLU A CB  
102 C CG  . GLU A 20  ? 0.4407 0.4501 0.4571 -0.0375 -0.0537 -0.0175 13  GLU A CG  
103 C CD  . GLU A 20  ? 0.4688 0.5393 0.5928 0.0026  -0.0392 -0.0417 13  GLU A CD  
104 O OE1 . GLU A 20  ? 0.5181 0.6964 0.6060 0.0224  -0.0618 -0.0350 13  GLU A OE1 
105 O OE2 . GLU A 20  ? 0.4904 0.6521 0.7412 0.0373  -0.0003 -0.1274 13  GLU A OE2 
106 N N   . ALA A 21  ? 0.3602 0.2570 0.2824 -0.0333 -0.0794 -0.0165 14  ALA A N   
107 C CA  . ALA A 21  ? 0.3670 0.2552 0.3094 -0.0252 -0.0991 -0.0096 14  ALA A CA  
108 C C   . ALA A 21  ? 0.3280 0.2372 0.3025 -0.0261 -0.0890 -0.0125 14  ALA A C   
109 O O   . ALA A 21  ? 0.3961 0.2572 0.2988 -0.0467 -0.0873 -0.0341 14  ALA A O   
110 C CB  . ALA A 21  ? 0.3545 0.2597 0.2887 -0.0458 -0.0972 -0.0098 14  ALA A CB  
111 N N   . LEU A 22  ? 0.3396 0.2323 0.3118 -0.0152 -0.0963 -0.0035 15  LEU A N   
112 C CA  . LEU A 22  ? 0.3536 0.2636 0.3050 -0.0057 -0.0937 -0.0087 15  LEU A CA  
113 C C   . LEU A 22  ? 0.3804 0.2850 0.2815 0.0147  -0.0927 -0.0230 15  LEU A C   
114 O O   . LEU A 22  ? 0.4026 0.3371 0.3006 -0.0013 -0.1199 -0.0122 15  LEU A O   
115 C CB  . LEU A 22  ? 0.4045 0.2955 0.3214 0.0443  -0.0754 -0.0142 15  LEU A CB  
116 C CG  . LEU A 22  ? 0.3767 0.3374 0.3302 0.0538  -0.0649 -0.0078 15  LEU A CG  
117 C CD1 . LEU A 22  ? 0.4113 0.3481 0.3171 0.0558  -0.0632 -0.0095 15  LEU A CD1 
118 C CD2 . LEU A 22  ? 0.3868 0.3754 0.3813 0.0412  -0.0599 0.0081  15  LEU A CD2 
119 N N   . GLU A 23  ? 0.4292 0.2812 0.2744 0.0084  -0.0743 -0.0260 16  GLU A N   
120 C CA  . GLU A 23  ? 0.4306 0.3326 0.2452 0.0090  -0.0828 0.0143  16  GLU A CA  
121 C C   . GLU A 23  ? 0.4803 0.3351 0.2436 0.0014  -0.0482 0.0132  16  GLU A C   
122 O O   . GLU A 23  ? 0.5765 0.3697 0.2633 -0.0289 -0.0316 0.0021  16  GLU A O   
123 C CB  . GLU A 23  ? 0.4086 0.3292 0.3077 0.0063  -0.0537 -0.0199 16  GLU A CB  
124 C CG  . GLU A 23  ? 0.4156 0.3323 0.3259 -0.0190 -0.0732 -0.0156 16  GLU A CG  
125 C CD  . GLU A 23  ? 0.3999 0.4113 0.4816 0.0361  -0.0560 -0.0480 16  GLU A CD  
126 O OE1 . GLU A 23  ? 0.4999 0.4304 0.6318 0.0639  -0.0896 0.0059  16  GLU A OE1 
127 O OE2 . GLU A 23  ? 0.4542 0.3932 0.4863 0.0350  -0.0394 -0.0550 16  GLU A OE2 
128 N N   . LYS A 24  ? 0.5180 0.2891 0.2713 -0.0368 -0.0157 -0.0177 17  LYS A N   
129 C CA  . LYS A 24  ? 0.5521 0.3094 0.2607 -0.0355 -0.0074 -0.0349 17  LYS A CA  
130 C C   . LYS A 24  ? 0.6071 0.3548 0.2727 -0.0687 -0.0083 -0.0151 17  LYS A C   
131 O O   . LYS A 24  ? 0.7005 0.3473 0.3227 -0.0869 -0.0093 -0.0552 17  LYS A O   
132 C CB  . LYS A 24  ? 0.5299 0.3018 0.3517 -0.0484 0.0141  -0.0116 17  LYS A CB  
133 C CG  . LYS A 24  ? 0.5059 0.3637 0.3736 -0.0433 0.0645  0.0134  17  LYS A CG  
134 C CD  . LYS A 24  ? 0.5636 0.4357 0.5110 -0.0044 0.0555  0.0600  17  LYS A CD  
135 C CE  . LYS A 24  ? 0.5858 0.5217 0.5398 0.0071  0.0696  0.0550  17  LYS A CE  
136 N NZ  . LYS A 24  ? 0.5802 0.5576 0.6199 0.0123  0.1027  0.0443  17  LYS A NZ  
137 N N   . GLY A 25  ? 0.4858 0.3075 0.2531 -0.0745 -0.0624 0.0235  18  GLY A N   
138 C CA  . GLY A 25  ? 0.5299 0.3118 0.3066 -0.0934 -0.1289 0.0308  18  GLY A CA  
139 C C   . GLY A 25  ? 0.5741 0.2896 0.2981 -0.0821 -0.1515 0.0225  18  GLY A C   
140 O O   . GLY A 25  ? 0.6399 0.3380 0.3284 -0.1263 -0.1863 0.0415  18  GLY A O   
141 N N   . ASP A 26  ? 0.4853 0.2885 0.3100 -0.0735 -0.1324 -0.0040 19  ASP A N   
142 C CA  . ASP A 26  ? 0.4638 0.2972 0.3341 -0.0199 -0.0825 -0.0200 19  ASP A CA  
143 C C   . ASP A 26  ? 0.4210 0.2568 0.3085 -0.0079 -0.1196 -0.0175 19  ASP A C   
144 O O   . ASP A 26  ? 0.4104 0.2715 0.3021 -0.0407 -0.1076 -0.0114 19  ASP A O   
145 C CB  . ASP A 26  ? 0.4820 0.3625 0.3797 0.0059  -0.0268 0.0060  19  ASP A CB  
146 C CG  . ASP A 26  ? 0.5128 0.4088 0.4822 0.0533  -0.0050 -0.0336 19  ASP A CG  
147 O OD1 . ASP A 26  ? 0.6024 0.4675 0.4589 0.0779  -0.0348 0.0577  19  ASP A OD1 
148 O OD2 . ASP A 26  ? 0.5817 0.5885 0.6639 0.1213  -0.0033 -0.0837 19  ASP A OD2 
149 N N   . PRO A 27  ? 0.4006 0.3012 0.2667 -0.0277 -0.1395 0.0140  20  PRO A N   
150 C CA  . PRO A 27  ? 0.4166 0.2757 0.2709 -0.0383 -0.1417 0.0299  20  PRO A CA  
151 C C   . PRO A 27  ? 0.4112 0.2669 0.2993 -0.0278 -0.1372 0.0263  20  PRO A C   
152 O O   . PRO A 27  ? 0.4577 0.2933 0.2917 -0.0755 -0.1155 0.0320  20  PRO A O   
153 C CB  . PRO A 27  ? 0.4270 0.3157 0.3087 -0.0820 -0.1273 0.0247  20  PRO A CB  
154 C CG  . PRO A 27  ? 0.4665 0.3680 0.3210 -0.0744 -0.1286 0.0015  20  PRO A CG  
155 C CD  . PRO A 27  ? 0.4500 0.2892 0.3074 -0.0492 -0.1477 -0.0110 20  PRO A CD  
156 N N   . GLU A 28  ? 0.4132 0.2660 0.2630 -0.0205 -0.1393 0.0158  21  GLU A N   
157 C CA  . GLU A 28  ? 0.4515 0.2851 0.3451 -0.0268 -0.1681 0.0088  21  GLU A CA  
158 C C   . GLU A 28  ? 0.3861 0.2475 0.3422 -0.0093 -0.1411 0.0025  21  GLU A C   
159 O O   . GLU A 28  ? 0.4214 0.2711 0.3314 -0.0004 -0.1403 0.0099  21  GLU A O   
160 C CB  . GLU A 28  ? 0.5522 0.3578 0.4325 0.0232  -0.1430 -0.0040 21  GLU A CB  
161 C CG  . GLU A 28  ? 0.6110 0.3619 0.4285 -0.0529 -0.1250 0.0069  21  GLU A CG  
162 C CD  . GLU A 28  ? 0.6697 0.4514 0.4414 -0.0940 -0.1693 0.0478  21  GLU A CD  
163 O OE1 . GLU A 28  ? 0.7326 0.3331 0.4278 -0.1681 -0.0959 0.0184  21  GLU A OE1 
164 O OE2 . GLU A 28  ? 0.6622 0.4936 0.4771 -0.1520 -0.2007 0.1402  21  GLU A OE2 
165 N N   . LEU A 29  ? 0.3870 0.2731 0.3271 0.0004  -0.1216 -0.0021 22  LEU A N   
166 C CA  . LEU A 29  ? 0.3485 0.2932 0.3453 -0.0126 -0.1230 0.0307  22  LEU A CA  
167 C C   . LEU A 29  ? 0.3346 0.2557 0.3102 -0.0212 -0.1312 0.0237  22  LEU A C   
168 O O   . LEU A 29  ? 0.3877 0.3076 0.3213 -0.0265 -0.1597 0.0081  22  LEU A O   
169 C CB  . LEU A 29  ? 0.3179 0.2971 0.4337 -0.0228 -0.0860 0.0108  22  LEU A CB  
170 C CG  . LEU A 29  ? 0.3643 0.3289 0.4557 -0.0122 -0.0586 -0.0027 22  LEU A CG  
171 C CD1 . LEU A 29  ? 0.4067 0.3157 0.4775 -0.0143 -0.0139 -0.0161 22  LEU A CD1 
172 C CD2 . LEU A 29  ? 0.3820 0.4091 0.5183 0.0404  -0.0695 -0.0109 22  LEU A CD2 
173 N N   . MET A 30  ? 0.3240 0.2158 0.2937 -0.0193 -0.1146 0.0246  23  MET A N   
174 C CA  . MET A 30  ? 0.3443 0.2228 0.2943 -0.0297 -0.1313 0.0258  23  MET A CA  
175 C C   . MET A 30  ? 0.3534 0.1948 0.3059 -0.0162 -0.1152 0.0274  23  MET A C   
176 O O   . MET A 30  ? 0.3979 0.1896 0.2940 -0.0182 -0.1295 0.0196  23  MET A O   
177 C CB  . MET A 30  ? 0.3580 0.2315 0.2797 -0.0167 -0.1245 0.0552  23  MET A CB  
178 C CG  . MET A 30  ? 0.3519 0.2546 0.3092 -0.0400 -0.1213 0.0351  23  MET A CG  
179 S SD  . MET A 30  ? 0.4594 0.3127 0.4309 0.0090  -0.1914 -0.0219 23  MET A SD  
180 C CE  . MET A 30  ? 0.4633 0.4218 0.3730 -0.0636 -0.2149 -0.0044 23  MET A CE  
181 N N   . ARG A 31  ? 0.3912 0.1900 0.3087 -0.0198 -0.1509 0.0290  24  ARG A N   
182 C CA  . ARG A 31  ? 0.3817 0.2245 0.2684 -0.0156 -0.1399 0.0292  24  ARG A CA  
183 C C   . ARG A 31  ? 0.3807 0.2220 0.3054 -0.0273 -0.1586 0.0328  24  ARG A C   
184 O O   . ARG A 31  ? 0.4494 0.2860 0.3276 -0.0744 -0.1891 0.0718  24  ARG A O   
185 C CB  . ARG A 31  ? 0.3552 0.2288 0.2746 -0.0228 -0.1191 0.0381  24  ARG A CB  
186 C CG  . ARG A 31  ? 0.3688 0.2518 0.2686 -0.0131 -0.1218 0.0337  24  ARG A CG  
187 C CD  . ARG A 31  ? 0.3810 0.2719 0.3444 -0.0205 -0.1416 0.0315  24  ARG A CD  
188 N NE  . ARG A 31  ? 0.4342 0.2610 0.4152 -0.0438 -0.1601 0.0383  24  ARG A NE  
189 C CZ  . ARG A 31  ? 0.4382 0.3931 0.4980 -0.0351 -0.1748 0.0828  24  ARG A CZ  
190 N NH1 . ARG A 31  ? 0.4759 0.3624 0.6101 -0.0124 -0.0278 0.0988  24  ARG A NH1 
191 N NH2 . ARG A 31  ? 0.4652 0.4731 0.6328 -0.0540 -0.2441 0.1374  24  ARG A NH2 
192 N N   . LYS A 32  ? 0.3867 0.2100 0.3318 -0.0304 -0.1657 0.0629  25  LYS A N   
193 C CA  . LYS A 32  ? 0.4079 0.2198 0.3169 -0.0258 -0.1724 0.0819  25  LYS A CA  
194 C C   . LYS A 32  ? 0.3876 0.2866 0.3198 -0.0595 -0.1503 0.0729  25  LYS A C   
195 O O   . LYS A 32  ? 0.4758 0.3180 0.3440 -0.0646 -0.1839 0.1070  25  LYS A O   
196 C CB  . LYS A 32  ? 0.4100 0.2901 0.3686 0.0010  -0.2034 0.0211  25  LYS A CB  
197 C CG  . LYS A 32  ? 0.4428 0.2559 0.4339 0.0029  -0.1918 0.0124  25  LYS A CG  
198 C CD  . LYS A 32  ? 0.4360 0.3491 0.4799 0.0581  -0.2144 -0.0301 25  LYS A CD  
199 C CE  . LYS A 32  ? 0.5050 0.4548 0.4827 0.0340  -0.1864 -0.0652 25  LYS A CE  
200 N NZ  . LYS A 32  ? 0.5021 0.4970 0.4882 0.0414  -0.1237 -0.0164 25  LYS A NZ  
201 N N   . VAL A 33  ? 0.4021 0.2748 0.2930 -0.0461 -0.1644 0.0356  26  VAL A N   
202 C CA  . VAL A 33  ? 0.4479 0.2733 0.3250 -0.0427 -0.1249 0.0133  26  VAL A CA  
203 C C   . VAL A 33  ? 0.4110 0.2821 0.2388 -0.0192 -0.1494 0.0070  26  VAL A C   
204 O O   . VAL A 33  ? 0.4888 0.3539 0.2735 -0.0519 -0.1012 -0.0389 26  VAL A O   
205 C CB  . VAL A 33  ? 0.4705 0.2833 0.3606 -0.0694 -0.1038 -0.0013 26  VAL A CB  
206 C CG1 . VAL A 33  ? 0.5125 0.3647 0.4379 -0.0802 -0.1091 -0.0679 26  VAL A CG1 
207 C CG2 . VAL A 33  ? 0.4728 0.2682 0.3416 -0.0830 -0.0951 -0.0190 26  VAL A CG2 
208 N N   . ILE A 34  ? 0.4533 0.2691 0.3200 -0.0356 -0.1037 -0.0051 27  ILE A N   
209 C CA  . ILE A 34  ? 0.4539 0.2624 0.2757 -0.0241 -0.0685 0.0141  27  ILE A CA  
210 C C   . ILE A 34  ? 0.4884 0.2547 0.3849 -0.0207 -0.0744 -0.0018 27  ILE A C   
211 O O   . ILE A 34  ? 0.4587 0.3024 0.3981 0.0034  -0.0799 0.0595  27  ILE A O   
212 C CB  . ILE A 34  ? 0.4478 0.3319 0.3141 -0.0133 -0.0677 0.0102  27  ILE A CB  
213 C CG1 . ILE A 34  ? 0.4328 0.4113 0.3498 -0.0366 -0.0743 -0.0158 27  ILE A CG1 
214 C CG2 . ILE A 34  ? 0.5102 0.3969 0.2579 0.0345  -0.0758 0.0433  27  ILE A CG2 
215 C CD1 . ILE A 34  ? 0.4379 0.4624 0.3715 -0.0513 -0.0825 -0.0303 27  ILE A CD1 
216 N N   . SER A 35  ? 0.4377 0.2571 0.3669 -0.0425 -0.0638 0.0357  28  SER A N   
217 C CA  . SER A 35  ? 0.4974 0.2892 0.3600 -0.0450 -0.0851 0.0551  28  SER A CA  
218 C C   . SER A 35  ? 0.4577 0.2469 0.3885 -0.0543 -0.0824 0.1026  28  SER A C   
219 O O   . SER A 35  ? 0.4917 0.2719 0.3388 -0.0707 -0.0917 0.1071  28  SER A O   
220 C CB  . SER A 35  ? 0.6441 0.2855 0.3644 0.0253  -0.0526 0.0268  28  SER A CB  
221 O OG  . SER A 35  ? 0.6611 0.4633 0.4385 0.0279  -0.0903 -0.0170 28  SER A OG  
222 N N   . PRO A 36  ? 0.4613 0.2724 0.4000 -0.0737 -0.0635 0.1019  29  PRO A N   
223 C CA  . PRO A 36  ? 0.4282 0.3290 0.3957 -0.1262 -0.1039 0.1379  29  PRO A CA  
224 C C   . PRO A 36  ? 0.5158 0.3566 0.3947 -0.1456 -0.0822 0.1303  29  PRO A C   
225 O O   . PRO A 36  ? 0.4685 0.4106 0.4854 -0.1936 -0.0858 0.2010  29  PRO A O   
226 C CB  . PRO A 36  ? 0.4979 0.3068 0.4582 -0.1052 -0.0670 0.1268  29  PRO A CB  
227 C CG  . PRO A 36  ? 0.5392 0.3454 0.4730 -0.1211 -0.0379 0.1008  29  PRO A CG  
228 C CD  . PRO A 36  ? 0.4696 0.2997 0.3845 -0.0836 -0.0625 0.1164  29  PRO A CD  
229 N N   . ASP A 37  ? 0.5647 0.3580 0.3843 -0.1434 -0.0724 0.1569  30  ASP A N   
230 C CA  . ASP A 37  ? 0.6107 0.4073 0.4216 -0.1124 -0.0389 0.1414  30  ASP A CA  
231 C C   . ASP A 37  ? 0.5819 0.3587 0.3672 -0.0890 0.0201  0.0993  30  ASP A C   
232 O O   . ASP A 37  ? 0.5535 0.3729 0.3385 -0.0688 0.0125  0.1435  30  ASP A O   
233 C CB  . ASP A 37  ? 0.6679 0.4426 0.4539 -0.1084 0.0012  0.1826  30  ASP A CB  
234 C CG  . ASP A 37  ? 0.7238 0.4681 0.4470 -0.1385 -0.0003 0.1247  30  ASP A CG  
235 O OD1 . ASP A 37  ? 0.7530 0.5956 0.4083 -0.2413 -0.0322 0.1500  30  ASP A OD1 
236 O OD2 . ASP A 37  ? 0.8384 0.7074 0.4835 -0.0195 -0.0081 0.0887  30  ASP A OD2 
237 N N   . THR A 38  ? 0.5469 0.2845 0.3123 -0.0701 -0.0190 0.1188  31  THR A N   
238 C CA  . THR A 38  ? 0.4361 0.2412 0.2559 -0.0927 -0.0456 0.0677  31  THR A CA  
239 C C   . THR A 38  ? 0.3921 0.2742 0.3001 -0.0832 -0.0105 0.0565  31  THR A C   
240 O O   . THR A 38  ? 0.4303 0.2618 0.3515 -0.0944 -0.0517 0.0530  31  THR A O   
241 C CB  . THR A 38  ? 0.3819 0.2359 0.2658 -0.0812 -0.0562 0.0779  31  THR A CB  
242 O OG1 . THR A 38  ? 0.4369 0.2605 0.2804 -0.0384 -0.0665 0.0929  31  THR A OG1 
243 C CG2 . THR A 38  ? 0.4221 0.2628 0.2123 -0.0633 -0.0167 0.0807  31  THR A CG2 
244 N N   . LYS A 39  ? 0.3695 0.2693 0.3120 -0.0865 -0.0544 0.0733  32  LYS A N   
245 C CA  . LYS A 39  ? 0.3723 0.2223 0.3739 -0.0907 -0.0540 0.0970  32  LYS A CA  
246 C C   . LYS A 39  ? 0.3528 0.2439 0.3151 -0.1207 -0.0899 0.0900  32  LYS A C   
247 O O   . LYS A 39  ? 0.3719 0.2869 0.3263 -0.1203 -0.1090 0.0997  32  LYS A O   
248 C CB  . LYS A 39  ? 0.4210 0.2884 0.4450 -0.0523 -0.0329 0.1109  32  LYS A CB  
249 C CG  . LYS A 39  ? 0.4971 0.4245 0.5191 -0.0588 -0.0018 0.1052  32  LYS A CG  
250 C CD  . LYS A 39  ? 0.5745 0.4944 0.6530 -0.0236 0.0397  0.0775  32  LYS A CD  
251 C CE  . LYS A 39  ? 0.6512 0.6531 0.7569 -0.0043 0.0461  0.0782  32  LYS A CE  
252 N NZ  . LYS A 39  ? 0.7262 0.7718 0.8206 -0.0220 0.1099  0.0763  32  LYS A NZ  
253 N N   . MET A 40  ? 0.3528 0.2281 0.3439 -0.0940 -0.1164 0.1120  33  MET A N   
254 C CA  . MET A 40  ? 0.3058 0.2445 0.3222 -0.0839 -0.1084 0.0802  33  MET A CA  
255 C C   . MET A 40  ? 0.3016 0.2350 0.3708 -0.0841 -0.1036 0.0911  33  MET A C   
256 O O   . MET A 40  ? 0.3400 0.2673 0.4447 -0.1132 -0.1516 0.1024  33  MET A O   
257 C CB  . MET A 40  ? 0.3050 0.2634 0.3347 -0.0706 -0.0934 0.0865  33  MET A CB  
258 C CG  . MET A 40  ? 0.3455 0.2594 0.3091 -0.0751 -0.1091 0.0703  33  MET A CG  
259 S SD  . MET A 40  ? 0.3730 0.3090 0.3539 -0.0690 -0.0932 0.0577  33  MET A SD  
260 C CE  . MET A 40  ? 0.3676 0.2669 0.3843 -0.0652 -0.0689 0.0446  33  MET A CE  
261 N N   . SER A 41  ? 0.2940 0.2142 0.2359 -0.0845 -0.0721 0.0526  34  SER A N   
262 C CA  . SER A 41  ? 0.2491 0.2073 0.2850 -0.0686 -0.0503 0.0490  34  SER A CA  
263 C C   . SER A 41  ? 0.2759 0.2239 0.2395 -0.0665 -0.0398 0.0263  34  SER A C   
264 O O   . SER A 41  ? 0.3003 0.2460 0.2425 -0.0832 -0.0639 0.0456  34  SER A O   
265 C CB  . SER A 41  ? 0.3076 0.2449 0.2648 -0.0590 -0.0362 0.0594  34  SER A CB  
266 O OG  . SER A 41  ? 0.3195 0.2490 0.3150 -0.0533 -0.0208 0.0497  34  SER A OG  
267 N N   . VAL A 42  ? 0.2393 0.2130 0.2456 -0.0717 -0.0363 0.0447  35  VAL A N   
268 C CA  . VAL A 42  ? 0.2327 0.2029 0.2447 -0.0755 -0.0378 0.0237  35  VAL A CA  
269 C C   . VAL A 42  ? 0.2279 0.2304 0.2258 -0.0417 -0.0167 0.0227  35  VAL A C   
270 O O   . VAL A 42  ? 0.2357 0.2157 0.2800 -0.0536 -0.0394 0.0399  35  VAL A O   
271 C CB  . VAL A 42  ? 0.2443 0.2565 0.2403 -0.0390 -0.0415 0.0211  35  VAL A CB  
272 C CG1 . VAL A 42  ? 0.2512 0.2708 0.2384 -0.0542 -0.0346 0.0163  35  VAL A CG1 
273 C CG2 . VAL A 42  ? 0.2659 0.2559 0.3015 -0.0282 -0.0377 0.0078  35  VAL A CG2 
274 N N   . ASN A 43  ? 0.2309 0.2364 0.2499 -0.0457 -0.0476 0.0303  36  ASN A N   
275 C CA  . ASN A 43  ? 0.2245 0.2081 0.2420 -0.0524 -0.0552 0.0155  36  ASN A CA  
276 C C   . ASN A 43  ? 0.2338 0.2315 0.2640 -0.0302 -0.0433 0.0266  36  ASN A C   
277 O O   . ASN A 43  ? 0.2394 0.2642 0.2991 -0.0322 -0.0350 0.0442  36  ASN A O   
278 C CB  . ASN A 43  ? 0.2529 0.2314 0.2532 -0.0606 -0.0355 0.0440  36  ASN A CB  
279 C CG  . ASN A 43  ? 0.2547 0.2286 0.2446 -0.0662 -0.0570 0.0286  36  ASN A CG  
280 O OD1 . ASN A 43  ? 0.2564 0.2344 0.2602 -0.0769 -0.0682 0.0222  36  ASN A OD1 
281 N ND2 . ASN A 43  ? 0.2522 0.3114 0.2571 -0.0769 -0.0661 0.0208  36  ASN A ND2 
282 N N   . GLY A 44  ? 0.2571 0.2165 0.2541 -0.0393 -0.0266 0.0252  37  GLY A N   
283 C CA  . GLY A 44  ? 0.2750 0.2430 0.2522 -0.0401 -0.0247 0.0170  37  GLY A CA  
284 C C   . GLY A 44  ? 0.2874 0.2591 0.2652 -0.0649 -0.0149 0.0336  37  GLY A C   
285 O O   . GLY A 44  ? 0.3114 0.2971 0.2995 -0.0963 0.0208  0.0241  37  GLY A O   
286 N N   . ARG A 45  ? 0.2649 0.2156 0.2842 -0.0677 -0.0539 0.0226  38  ARG A N   
287 C CA  . ARG A 45  ? 0.2338 0.2153 0.3084 -0.0695 -0.0448 0.0216  38  ARG A CA  
288 C C   . ARG A 45  ? 0.2458 0.2107 0.3114 -0.0672 -0.0282 0.0345  38  ARG A C   
289 O O   . ARG A 45  ? 0.2397 0.2340 0.2852 -0.0808 -0.0484 0.0476  38  ARG A O   
290 C CB  . ARG A 45  ? 0.2700 0.2350 0.3182 -0.0576 -0.0824 0.0015  38  ARG A CB  
291 C CG  . ARG A 45  ? 0.2954 0.2638 0.3598 -0.0613 -0.0851 -0.0174 38  ARG A CG  
292 C CD  . ARG A 45  ? 0.3696 0.2917 0.4037 -0.0602 -0.0939 -0.0035 38  ARG A CD  
293 N NE  . ARG A 45  ? 0.4389 0.3532 0.4830 -0.1111 -0.0775 -0.0739 38  ARG A NE  
294 C CZ  . ARG A 45  ? 0.6276 0.4016 0.4957 -0.1031 -0.0824 -0.0935 38  ARG A CZ  
295 N NH1 . ARG A 45  ? 0.7442 0.5587 0.4686 -0.0624 -0.0908 -0.0414 38  ARG A NH1 
296 N NH2 . ARG A 45  ? 0.7158 0.4022 0.5849 -0.1197 -0.1465 -0.1267 38  ARG A NH2 
297 N N   . LEU A 46  ? 0.2801 0.2425 0.3010 -0.1004 -0.0346 0.0387  39  LEU A N   
298 C CA  . LEU A 46  ? 0.2835 0.2623 0.3200 -0.0694 -0.0255 0.0459  39  LEU A CA  
299 C C   . LEU A 46  ? 0.2930 0.2344 0.2978 -0.0848 -0.0220 0.0570  39  LEU A C   
300 O O   . LEU A 46  ? 0.3093 0.2322 0.3661 -0.1089 -0.0654 0.0625  39  LEU A O   
301 C CB  . LEU A 46  ? 0.3314 0.3504 0.3535 -0.0652 0.0156  0.0365  39  LEU A CB  
302 C CG  . LEU A 46  ? 0.4409 0.4401 0.4362 -0.0769 -0.0109 0.0387  39  LEU A CG  
303 C CD1 . LEU A 46  ? 0.4815 0.4303 0.4685 -0.0839 0.0065  0.0224  39  LEU A CD1 
304 C CD2 . LEU A 46  ? 0.5357 0.5745 0.4621 -0.0690 0.0269  0.0292  39  LEU A CD2 
305 N N   . PHE A 47  ? 0.3235 0.2466 0.3346 -0.0834 -0.0384 0.0498  40  PHE A N   
306 C CA  . PHE A 47  ? 0.3235 0.2267 0.3394 -0.0888 -0.0554 0.0376  40  PHE A CA  
307 C C   . PHE A 47  ? 0.3710 0.2237 0.3317 -0.0888 -0.0529 0.0431  40  PHE A C   
308 O O   . PHE A 47  ? 0.3849 0.2351 0.3820 -0.1083 -0.1000 0.0580  40  PHE A O   
309 C CB  . PHE A 47  ? 0.3014 0.2181 0.3544 -0.0860 -0.0574 0.0299  40  PHE A CB  
310 C CG  . PHE A 47  ? 0.3004 0.2596 0.3683 -0.0620 -0.0377 0.0608  40  PHE A CG  
311 C CD1 . PHE A 47  ? 0.3251 0.2648 0.3594 -0.0817 -0.0654 0.0700  40  PHE A CD1 
312 C CD2 . PHE A 47  ? 0.3683 0.2796 0.3685 -0.0487 -0.0537 0.0727  40  PHE A CD2 
313 C CE1 . PHE A 47  ? 0.3339 0.2882 0.3425 -0.0451 -0.0393 0.0835  40  PHE A CE1 
314 C CE2 . PHE A 47  ? 0.4074 0.3019 0.3422 -0.0213 -0.0481 0.0497  40  PHE A CE2 
315 C CZ  . PHE A 47  ? 0.3794 0.2784 0.2946 -0.0238 -0.0251 0.0836  40  PHE A CZ  
316 N N   . THR A 48  ? 0.4183 0.2203 0.3564 -0.0669 -0.0243 0.0565  41  THR A N   
317 C CA  . THR A 48  ? 0.4377 0.2696 0.3717 -0.0789 -0.0184 0.0385  41  THR A CA  
318 C C   . THR A 48  ? 0.4511 0.2456 0.3890 -0.0796 0.0012  0.0631  41  THR A C   
319 O O   . THR A 48  ? 0.5454 0.2171 0.3793 -0.0810 -0.0091 0.0479  41  THR A O   
320 C CB  . THR A 48  ? 0.5098 0.3154 0.4317 -0.0891 0.0403  0.0335  41  THR A CB  
321 O OG1 . THR A 48  ? 0.5496 0.3978 0.4653 -0.0620 0.0794  0.0672  41  THR A OG1 
322 C CG2 . THR A 48  ? 0.5306 0.3476 0.4280 -0.1316 0.0621  0.0402  41  THR A CG2 
323 N N   . GLY A 49  ? 0.5029 0.2649 0.3771 -0.0824 -0.0557 0.0441  42  GLY A N   
324 C CA  . GLY A 49  ? 0.5288 0.3034 0.3420 -0.0591 -0.0568 0.0733  42  GLY A CA  
325 C C   . GLY A 49  ? 0.5291 0.3047 0.3366 -0.0250 -0.0486 0.1065  42  GLY A C   
326 O O   . GLY A 49  ? 0.4654 0.3226 0.3250 -0.0565 -0.0645 0.1083  42  GLY A O   
327 N N   . ASP A 50  ? 0.5488 0.2845 0.3996 -0.0121 -0.0426 0.0924  43  ASP A N   
328 C CA  . ASP A 50  ? 0.5455 0.2877 0.4142 -0.0258 -0.0272 0.0882  43  ASP A CA  
329 C C   . ASP A 50  ? 0.4440 0.2388 0.3622 -0.0037 -0.0054 0.0495  43  ASP A C   
330 O O   . ASP A 50  ? 0.4566 0.2487 0.3691 0.0071  0.0303  0.0224  43  ASP A O   
331 C CB  . ASP A 50  ? 0.6455 0.2930 0.4244 -0.0324 -0.0328 0.0857  43  ASP A CB  
332 C CG  . ASP A 50  ? 0.7220 0.4336 0.5875 0.0059  -0.0369 0.0763  43  ASP A CG  
333 O OD1 . ASP A 50  ? 0.7221 0.6416 0.6683 0.0344  -0.0631 0.1946  43  ASP A OD1 
334 O OD2 . ASP A 50  ? 0.9770 0.4582 0.7244 -0.0054 -0.0376 0.0648  43  ASP A OD2 
335 N N   . GLU A 51  ? 0.4250 0.2352 0.3890 -0.0818 0.0096  0.0697  44  GLU A N   
336 C CA  . GLU A 51  ? 0.4088 0.2036 0.3808 -0.0671 -0.0155 0.0252  44  GLU A CA  
337 C C   . GLU A 51  ? 0.3705 0.2058 0.2996 -0.0384 -0.0101 0.0327  44  GLU A C   
338 O O   . GLU A 51  ? 0.3806 0.2330 0.3058 -0.0540 -0.0635 0.0460  44  GLU A O   
339 C CB  . GLU A 51  ? 0.4083 0.2386 0.4223 -0.0809 -0.0227 0.0199  44  GLU A CB  
340 C CG  . GLU A 51  ? 0.4346 0.3009 0.4598 -0.1070 -0.0257 0.0114  44  GLU A CG  
341 C CD  . GLU A 51  ? 0.4376 0.2703 0.5145 -0.1226 0.0004  -0.0077 44  GLU A CD  
342 O OE1 . GLU A 51  ? 0.4092 0.2701 0.4490 -0.1421 0.0196  0.0082  44  GLU A OE1 
343 O OE2 . GLU A 51  ? 0.4372 0.4531 0.6642 -0.1589 0.0582  -0.0555 44  GLU A OE2 
344 N N   . VAL A 52  ? 0.3891 0.2466 0.2708 -0.0196 -0.0392 0.0725  45  VAL A N   
345 C CA  . VAL A 52  ? 0.3643 0.2387 0.2561 -0.0274 -0.0728 0.0636  45  VAL A CA  
346 C C   . VAL A 52  ? 0.3649 0.2066 0.2677 -0.0195 -0.0894 0.0396  45  VAL A C   
347 O O   . VAL A 52  ? 0.3848 0.2265 0.3094 -0.0403 -0.0781 0.0608  45  VAL A O   
348 C CB  . VAL A 52  ? 0.3790 0.2422 0.2832 -0.0314 -0.0774 0.0556  45  VAL A CB  
349 C CG1 . VAL A 52  ? 0.3620 0.2886 0.3203 -0.0558 -0.0836 0.0433  45  VAL A CG1 
350 C CG2 . VAL A 52  ? 0.4175 0.2427 0.2968 -0.0269 -0.0670 0.0370  45  VAL A CG2 
351 N N   . VAL A 53  ? 0.3834 0.2160 0.2745 0.0037  -0.0605 0.0564  46  VAL A N   
352 C CA  . VAL A 53  ? 0.3974 0.2547 0.3122 0.0295  -0.0714 0.0278  46  VAL A CA  
353 C C   . VAL A 53  ? 0.3463 0.2830 0.3049 0.0299  -0.0542 0.0147  46  VAL A C   
354 O O   . VAL A 53  ? 0.3820 0.3277 0.3263 0.0039  -0.0448 0.0204  46  VAL A O   
355 C CB  . VAL A 53  ? 0.4268 0.2503 0.3344 0.0238  -0.0643 0.0234  46  VAL A CB  
356 C CG1 . VAL A 53  ? 0.4556 0.2896 0.3567 0.0406  -0.0750 0.0305  46  VAL A CG1 
357 C CG2 . VAL A 53  ? 0.4327 0.3309 0.3241 0.0462  -0.0610 0.0405  46  VAL A CG2 
358 N N   . GLU A 54  ? 0.3691 0.2272 0.3297 -0.0423 -0.0630 0.0478  47  GLU A N   
359 C CA  . GLU A 54  ? 0.4012 0.3004 0.3223 -0.0463 -0.0546 0.0010  47  GLU A CA  
360 C C   . GLU A 54  ? 0.3629 0.2994 0.3016 -0.0226 -0.0829 0.0064  47  GLU A C   
361 O O   . GLU A 54  ? 0.3780 0.3518 0.2920 -0.0552 -0.0818 0.0123  47  GLU A O   
362 C CB  . GLU A 54  ? 0.4260 0.3248 0.3569 -0.0957 -0.0611 0.0237  47  GLU A CB  
363 C CG  . GLU A 54  ? 0.5667 0.3738 0.5067 -0.0869 -0.0276 0.0392  47  GLU A CG  
364 C CD  . GLU A 54  ? 0.7211 0.4763 0.5482 -0.0474 -0.0545 -0.0161 47  GLU A CD  
365 O OE1 . GLU A 54  ? 0.8257 0.6235 0.5505 -0.0593 -0.0203 -0.0784 47  GLU A OE1 
366 O OE2 . GLU A 54  ? 0.8774 0.6130 0.6279 0.0543  -0.0685 -0.0201 47  GLU A OE2 
367 N N   . ALA A 55  ? 0.3441 0.2564 0.2949 -0.0389 -0.0822 0.0408  48  ALA A N   
368 C CA  . ALA A 55  ? 0.3644 0.2698 0.2529 -0.0015 -0.0828 0.0474  48  ALA A CA  
369 C C   . ALA A 55  ? 0.3495 0.2923 0.2802 0.0062  -0.0775 0.0553  48  ALA A C   
370 O O   . ALA A 55  ? 0.3492 0.3341 0.2930 -0.0394 -0.1180 0.0766  48  ALA A O   
371 C CB  . ALA A 55  ? 0.4094 0.2391 0.2842 -0.0225 -0.0634 0.0429  48  ALA A CB  
372 N N   . VAL A 56  ? 0.3541 0.3368 0.2725 -0.0323 -0.0857 0.0987  49  VAL A N   
373 C CA  . VAL A 56  ? 0.2988 0.4008 0.3462 -0.0392 -0.0940 0.0964  49  VAL A CA  
374 C C   . VAL A 56  ? 0.2976 0.4661 0.3307 0.0042  -0.0707 0.1027  49  VAL A C   
375 O O   . VAL A 56  ? 0.3481 0.4879 0.3388 -0.0094 -0.0419 0.1291  49  VAL A O   
376 C CB  . VAL A 56  ? 0.3142 0.4684 0.3715 -0.0761 -0.1154 0.0983  49  VAL A CB  
377 C CG1 . VAL A 56  ? 0.3180 0.4937 0.4309 -0.0545 -0.1243 0.1073  49  VAL A CG1 
378 C CG2 . VAL A 56  ? 0.3521 0.4782 0.3724 -0.0915 -0.1162 0.0973  49  VAL A CG2 
379 N N   . LYS A 57  ? 0.3384 0.4337 0.3193 0.0147  -0.0837 0.0332  50  LYS A N   
380 C CA  . LYS A 57  ? 0.4418 0.4132 0.2849 0.0468  -0.0505 0.0350  50  LYS A CA  
381 C C   . LYS A 57  ? 0.4482 0.4060 0.2750 0.0702  -0.0427 0.0110  50  LYS A C   
382 O O   . LYS A 57  ? 0.5030 0.4408 0.3194 0.0518  -0.0139 0.0101  50  LYS A O   
383 C CB  . LYS A 57  ? 0.5192 0.4280 0.3495 -0.0075 -0.0684 -0.0220 50  LYS A CB  
384 C CG  . LYS A 57  ? 0.6179 0.5177 0.4626 0.0334  -0.0189 0.0174  50  LYS A CG  
385 C CD  . LYS A 57  ? 0.6945 0.5365 0.6099 0.0044  0.0034  0.0226  50  LYS A CD  
386 C CE  . LYS A 57  ? 0.7700 0.5656 0.6298 0.0254  0.0077  -0.0055 50  LYS A CE  
387 N NZ  . LYS A 57  ? 0.8030 0.6213 0.6751 0.0588  -0.0013 0.0411  50  LYS A NZ  
388 N N   . GLU A 58  ? 0.4417 0.4618 0.2462 0.0806  -0.0691 -0.0132 51  GLU A N   
389 C CA  . GLU A 58  ? 0.4911 0.5166 0.2407 0.0917  -0.0562 0.0268  51  GLU A CA  
390 C C   . GLU A 58  ? 0.4789 0.4121 0.2310 0.1044  -0.0831 0.0323  51  GLU A C   
391 O O   . GLU A 58  ? 0.5018 0.4818 0.2140 0.1373  -0.0596 0.0176  51  GLU A O   
392 C CB  . GLU A 58  ? 0.4941 0.5882 0.2608 0.0627  -0.0371 0.0097  51  GLU A CB  
393 C CG  . GLU A 58  ? 0.5101 0.6412 0.4251 0.0714  -0.0265 0.0177  51  GLU A CG  
394 C CD  . GLU A 58  ? 0.5302 0.6122 0.4747 0.0104  -0.0637 0.0541  51  GLU A CD  
395 O OE1 . GLU A 58  ? 0.5976 0.6224 0.6015 0.0612  -0.1176 0.1184  51  GLU A OE1 
396 O OE2 . GLU A 58  ? 0.5802 0.6696 0.5537 -0.0300 -0.0501 0.1873  51  GLU A OE2 
397 N N   . ILE A 59  ? 0.5698 0.3719 0.2542 0.0611  -0.0622 -0.0234 52  ILE A N   
398 C CA  . ILE A 59  ? 0.5560 0.3684 0.2496 0.0357  -0.1323 0.0149  52  ILE A CA  
399 C C   . ILE A 59  ? 0.4869 0.3728 0.2574 0.0148  -0.1043 0.0087  52  ILE A C   
400 O O   . ILE A 59  ? 0.6113 0.3711 0.2428 -0.0300 -0.1397 -0.0299 52  ILE A O   
401 C CB  . ILE A 59  ? 0.6538 0.3450 0.2971 -0.0309 -0.1317 -0.0166 52  ILE A CB  
402 C CG1 . ILE A 59  ? 0.6865 0.3627 0.3495 0.0217  -0.0962 0.0194  52  ILE A CG1 
403 C CG2 . ILE A 59  ? 0.6526 0.4674 0.3453 -0.0428 -0.1473 -0.0550 52  ILE A CG2 
404 C CD1 . ILE A 59  ? 0.7232 0.3800 0.3339 0.0058  -0.0890 -0.0340 52  ILE A CD1 
405 N N   . GLN A 60  ? 0.4213 0.3743 0.2894 -0.0105 -0.1075 -0.0472 53  GLN A N   
406 C CA  A GLN A 60  ? 0.4025 0.3718 0.2909 0.0065  -0.1114 -0.0381 53  GLN A CA  
407 C CA  B GLN A 60  ? 0.4296 0.4211 0.2767 -0.0268 -0.0829 -0.0633 53  GLN A CA  
408 C C   . GLN A 60  ? 0.3760 0.3776 0.2572 0.0053  -0.0696 -0.0514 53  GLN A C   
409 O O   . GLN A 60  ? 0.3845 0.4330 0.3398 -0.0288 -0.0173 -0.0581 53  GLN A O   
410 C CB  A GLN A 60  ? 0.3993 0.3734 0.3142 0.0191  -0.1653 -0.0174 53  GLN A CB  
411 C CB  B GLN A 60  ? 0.4790 0.4545 0.3399 -0.0106 -0.0837 -0.0570 53  GLN A CB  
412 C CG  A GLN A 60  ? 0.4458 0.4148 0.3979 0.0815  -0.1588 0.0194  53  GLN A CG  
413 C CG  B GLN A 60  ? 0.5365 0.4934 0.3507 -0.0049 -0.1015 -0.0430 53  GLN A CG  
414 C CD  A GLN A 60  ? 0.4422 0.4348 0.4348 0.0904  -0.1849 -0.0069 53  GLN A CD  
415 C CD  B GLN A 60  ? 0.6090 0.4882 0.4123 0.0082  -0.0824 -0.0056 53  GLN A CD  
416 O OE1 A GLN A 60  ? 0.5781 0.5338 0.4604 0.0626  -0.1464 -0.0509 53  GLN A OE1 
417 O OE1 B GLN A 60  ? 0.6387 0.3411 0.3303 -0.0484 -0.0953 0.0254  53  GLN A OE1 
418 N NE2 A GLN A 60  ? 0.4967 0.5075 0.4430 0.1169  -0.1636 0.0448  53  GLN A NE2 
419 N NE2 B GLN A 60  ? 0.6368 0.4669 0.4211 0.1115  -0.1410 -0.0238 53  GLN A NE2 
420 N N   . LYS A 61  ? 0.3996 0.3658 0.2661 -0.0138 -0.0729 -0.0696 54  LYS A N   
421 C CA  . LYS A 61  ? 0.4317 0.3916 0.2525 -0.0286 -0.0730 -0.0330 54  LYS A CA  
422 C C   . LYS A 61  ? 0.4062 0.3647 0.2479 -0.0324 -0.0791 -0.0411 54  LYS A C   
423 O O   . LYS A 61  ? 0.4602 0.4174 0.2609 -0.0564 -0.0809 -0.0530 54  LYS A O   
424 C CB  . LYS A 61  ? 0.4218 0.4574 0.3010 -0.0768 -0.0960 -0.0407 54  LYS A CB  
425 C CG  . LYS A 61  ? 0.5324 0.5743 0.4140 -0.0068 -0.0797 0.0029  54  LYS A CG  
426 C CD  . LYS A 61  ? 0.6157 0.6582 0.5894 -0.0551 -0.0406 -0.0037 54  LYS A CD  
427 C CE  . LYS A 61  ? 0.7268 0.7228 0.7484 -0.0605 -0.0606 -0.0306 54  LYS A CE  
428 N NZ  . LYS A 61  ? 0.8481 0.7387 0.9069 -0.0797 -0.0338 -0.0006 54  LYS A NZ  
429 N N   . ARG A 62  ? 0.3354 0.3533 0.2749 -0.0049 -0.0684 -0.0235 55  ARG A N   
430 C CA  . ARG A 62  ? 0.3570 0.3939 0.2459 -0.0097 -0.0816 -0.0168 55  ARG A CA  
431 C C   . ARG A 62  ? 0.3879 0.3746 0.2558 -0.0254 -0.0704 -0.0178 55  ARG A C   
432 O O   . ARG A 62  ? 0.4447 0.4311 0.3068 -0.0001 -0.0608 0.0292  55  ARG A O   
433 C CB  . ARG A 62  ? 0.3746 0.4405 0.2544 0.0298  -0.0715 0.0118  55  ARG A CB  
434 C CG  . ARG A 62  ? 0.3364 0.5115 0.2507 0.0424  -0.0958 -0.0004 55  ARG A CG  
435 C CD  . ARG A 62  ? 0.4078 0.5735 0.3357 0.0409  -0.0704 -0.0330 55  ARG A CD  
436 N NE  . ARG A 62  ? 0.4236 0.6480 0.4133 0.0459  -0.0226 -0.0409 55  ARG A NE  
437 C CZ  . ARG A 62  ? 0.4459 0.6577 0.5266 0.0717  -0.0223 -0.0675 55  ARG A CZ  
438 N NH1 . ARG A 62  ? 0.4617 0.6322 0.5929 0.1226  -0.0717 -0.0800 55  ARG A NH1 
439 N NH2 . ARG A 62  ? 0.4154 0.7583 0.5120 -0.0239 -0.0806 -0.0714 55  ARG A NH2 
440 N N   . GLY A 63  ? 0.4004 0.3670 0.2717 -0.0472 -0.0232 -0.0304 56  GLY A N   
441 C CA  . GLY A 63  ? 0.4197 0.3923 0.2837 -0.0779 -0.0221 -0.0349 56  GLY A CA  
442 C C   . GLY A 63  ? 0.4198 0.3528 0.2994 -0.0691 -0.0320 -0.0177 56  GLY A C   
443 O O   . GLY A 63  ? 0.4469 0.3842 0.3025 -0.0951 -0.0275 -0.0025 56  GLY A O   
444 N N   . ILE A 64  ? 0.3565 0.3360 0.3192 -0.0132 -0.0519 -0.0359 57  ILE A N   
445 C CA  . ILE A 64  ? 0.3493 0.3069 0.2749 -0.0370 -0.0723 -0.0136 57  ILE A CA  
446 C C   . ILE A 64  ? 0.3718 0.3503 0.3004 -0.0179 -0.0902 -0.0587 57  ILE A C   
447 O O   . ILE A 64  ? 0.4068 0.3840 0.4228 -0.0159 -0.1036 -0.0140 57  ILE A O   
448 C CB  . ILE A 64  ? 0.3651 0.3316 0.3069 -0.0503 -0.0294 -0.0352 57  ILE A CB  
449 C CG1 . ILE A 64  ? 0.3811 0.3776 0.3923 -0.0657 -0.0223 -0.0976 57  ILE A CG1 
450 C CG2 . ILE A 64  ? 0.4295 0.3457 0.2899 -0.0426 -0.0286 -0.0209 57  ILE A CG2 
451 C CD1 . ILE A 64  ? 0.4422 0.3914 0.3924 -0.0867 -0.0162 -0.1097 57  ILE A CD1 
452 N N   . VAL A 65  ? 0.3648 0.3935 0.2671 -0.0319 -0.0654 -0.0686 58  VAL A N   
453 C CA  . VAL A 65  ? 0.3597 0.3988 0.2726 -0.0201 -0.0594 -0.0708 58  VAL A CA  
454 C C   . VAL A 65  ? 0.3458 0.3867 0.2579 -0.0189 -0.0601 -0.0604 58  VAL A C   
455 O O   . VAL A 65  ? 0.3596 0.3709 0.2408 -0.0402 -0.0725 -0.0645 58  VAL A O   
456 C CB  . VAL A 65  ? 0.3764 0.4981 0.2863 -0.0361 -0.0414 -0.1024 58  VAL A CB  
457 C CG1 . VAL A 65  ? 0.3837 0.5285 0.3337 -0.0325 -0.0034 -0.1001 58  VAL A CG1 
458 C CG2 . VAL A 65  ? 0.3924 0.5630 0.3219 -0.0344 -0.0226 -0.1395 58  VAL A CG2 
459 N N   . ILE A 66  ? 0.3559 0.3600 0.2724 0.0033  -0.0658 -0.0622 59  ILE A N   
460 C CA  . ILE A 66  ? 0.3241 0.3016 0.2720 -0.0122 -0.0733 -0.0575 59  ILE A CA  
461 C C   . ILE A 66  ? 0.3195 0.3666 0.2447 0.0034  -0.0770 -0.0680 59  ILE A C   
462 O O   . ILE A 66  ? 0.3538 0.4002 0.3206 0.0200  -0.0860 -0.0520 59  ILE A O   
463 C CB  . ILE A 66  ? 0.3352 0.3024 0.2704 -0.0082 -0.0577 -0.0486 59  ILE A CB  
464 C CG1 . ILE A 66  ? 0.3580 0.2775 0.2857 -0.0200 -0.0569 -0.0050 59  ILE A CG1 
465 C CG2 . ILE A 66  ? 0.3381 0.3555 0.2799 0.0002  -0.0741 -0.0367 59  ILE A CG2 
466 C CD1 . ILE A 66  ? 0.3525 0.3221 0.2735 -0.0243 -0.0739 -0.0121 59  ILE A CD1 
467 N N   . LYS A 67  ? 0.3132 0.3630 0.3026 -0.0009 -0.0636 -0.0823 60  LYS A N   
468 C CA  . LYS A 67  ? 0.3404 0.4248 0.3068 0.0051  -0.0273 -0.0881 60  LYS A CA  
469 C C   . LYS A 67  ? 0.2411 0.3729 0.2772 -0.0310 -0.0182 -0.0422 60  LYS A C   
470 O O   . LYS A 67  ? 0.2806 0.3518 0.2517 -0.0246 -0.0478 -0.0150 60  LYS A O   
471 C CB  . LYS A 67  ? 0.3973 0.4936 0.3786 -0.0233 -0.0001 -0.0708 60  LYS A CB  
472 C CG  . LYS A 67  ? 0.5109 0.5883 0.4896 -0.0464 -0.0415 -0.1136 60  LYS A CG  
473 C CD  . LYS A 67  ? 0.6185 0.7285 0.5864 -0.0299 -0.0011 -0.0859 60  LYS A CD  
474 C CE  . LYS A 67  ? 0.6412 0.8075 0.7401 -0.0714 -0.0277 -0.0748 60  LYS A CE  
475 N NZ  . LYS A 67  ? 0.5833 0.8239 0.7499 -0.0894 -0.0694 -0.1074 60  LYS A NZ  
476 N N   . LEU A 68  ? 0.2778 0.3784 0.2880 0.0055  -0.0456 -0.0408 61  LEU A N   
477 C CA  . LEU A 68  ? 0.3052 0.3590 0.2691 -0.0008 -0.0451 -0.0293 61  LEU A CA  
478 C C   . LEU A 68  ? 0.2678 0.4098 0.2733 -0.0298 -0.0312 -0.0084 61  LEU A C   
479 O O   . LEU A 68  ? 0.3225 0.4536 0.3367 -0.0368 0.0166  -0.0210 61  LEU A O   
480 C CB  . LEU A 68  ? 0.3275 0.3683 0.2878 -0.0003 -0.0527 0.0026  61  LEU A CB  
481 C CG  . LEU A 68  ? 0.3364 0.3083 0.3386 0.0025  -0.0956 -0.0168 61  LEU A CG  
482 C CD1 . LEU A 68  ? 0.3530 0.2998 0.2836 -0.0398 -0.0930 0.0036  61  LEU A CD1 
483 C CD2 . LEU A 68  ? 0.3751 0.3577 0.3866 0.0218  -0.1312 -0.0296 61  LEU A CD2 
484 N N   . VAL A 69  ? 0.2363 0.3744 0.2627 -0.0561 -0.0264 -0.0117 62  VAL A N   
485 C CA  . VAL A 69  ? 0.2905 0.3736 0.3017 -0.0910 -0.0283 0.0263  62  VAL A CA  
486 C C   . VAL A 69  ? 0.2533 0.3735 0.2820 -0.0755 -0.0112 0.0132  62  VAL A C   
487 O O   . VAL A 69  ? 0.2963 0.4901 0.3565 -0.1129 -0.0246 0.0154  62  VAL A O   
488 C CB  . VAL A 69  ? 0.2948 0.3478 0.2835 -0.1247 -0.0370 0.0753  62  VAL A CB  
489 C CG1 . VAL A 69  ? 0.3822 0.3502 0.3236 -0.1157 -0.0254 0.0496  62  VAL A CG1 
490 C CG2 . VAL A 69  ? 0.3683 0.3253 0.2852 -0.1181 -0.0770 0.0748  62  VAL A CG2 
491 N N   . SER A 70  ? 0.2427 0.3486 0.2607 -0.0989 -0.0568 0.0120  63  SER A N   
492 C CA  . SER A 70  ? 0.2692 0.2894 0.2877 -0.0848 -0.0648 0.0008  63  SER A CA  
493 C C   . SER A 70  ? 0.2469 0.2883 0.2789 -0.0602 -0.0714 -0.0056 63  SER A C   
494 O O   . SER A 70  ? 0.2546 0.2708 0.2901 -0.0696 -0.0682 -0.0184 63  SER A O   
495 C CB  . SER A 70  ? 0.3462 0.3007 0.3384 -0.1116 -0.0530 -0.0019 63  SER A CB  
496 O OG  . SER A 70  ? 0.4068 0.3884 0.4392 -0.1573 -0.0736 -0.0240 63  SER A OG  
497 N N   . TYR A 71  ? 0.2317 0.2619 0.2851 -0.0831 -0.0852 -0.0057 64  TYR A N   
498 C CA  . TYR A 71  ? 0.2818 0.2778 0.2846 -0.0728 -0.0811 -0.0036 64  TYR A CA  
499 C C   . TYR A 71  ? 0.2775 0.2973 0.2608 -0.0762 -0.0669 -0.0156 64  TYR A C   
500 O O   . TYR A 71  ? 0.2945 0.2916 0.3058 -0.0867 -0.0641 -0.0258 64  TYR A O   
501 C CB  . TYR A 71  ? 0.3268 0.2743 0.2875 -0.0625 -0.1105 -0.0136 64  TYR A CB  
502 C CG  . TYR A 71  ? 0.3792 0.2722 0.3271 -0.0287 -0.0972 0.0238  64  TYR A CG  
503 C CD1 . TYR A 71  ? 0.3921 0.3311 0.4589 0.0165  -0.0849 0.0152  64  TYR A CD1 
504 C CD2 . TYR A 71  ? 0.4142 0.3512 0.4092 -0.0010 -0.1509 0.0433  64  TYR A CD2 
505 C CE1 . TYR A 71  ? 0.4106 0.3906 0.4851 0.0079  -0.0937 0.0371  64  TYR A CE1 
506 C CE2 . TYR A 71  ? 0.3906 0.3453 0.5276 0.0010  -0.1398 0.0049  64  TYR A CE2 
507 C CZ  . TYR A 71  ? 0.3951 0.3909 0.4990 -0.0009 -0.1623 -0.0014 64  TYR A CZ  
508 O OH  . TYR A 71  ? 0.3913 0.5158 0.7491 -0.0257 -0.1084 0.0623  64  TYR A OH  
509 N N   . GLU A 72  ? 0.3412 0.2793 0.2283 -0.1104 -0.0900 -0.0103 65  GLU A N   
510 C CA  . GLU A 72  ? 0.3343 0.3127 0.2549 -0.1312 -0.1113 -0.0068 65  GLU A CA  
511 C C   . GLU A 72  ? 0.3542 0.2748 0.2943 -0.1051 -0.1347 0.0130  65  GLU A C   
512 O O   . GLU A 72  ? 0.3320 0.2749 0.2854 -0.0930 -0.1332 0.0075  65  GLU A O   
513 C CB  . GLU A 72  ? 0.4284 0.3434 0.2617 -0.0928 -0.0737 0.0168  65  GLU A CB  
514 C CG  . GLU A 72  ? 0.4944 0.3438 0.3244 -0.0927 -0.0422 0.0198  65  GLU A CG  
515 C CD  . GLU A 72  ? 0.4941 0.3508 0.2972 -0.1105 -0.0651 0.0022  65  GLU A CD  
516 O OE1 . GLU A 72  ? 0.4230 0.3545 0.4448 -0.1146 -0.1163 -0.0683 65  GLU A OE1 
517 O OE2 . GLU A 72  ? 0.6367 0.3711 0.3483 -0.1542 0.0048  0.0242  65  GLU A OE2 
518 N N   . LYS A 73  ? 0.4227 0.3770 0.3162 -0.1843 -0.1591 0.0052  66  LYS A N   
519 C CA  . LYS A 73  ? 0.4767 0.3156 0.3369 -0.1608 -0.1522 0.0277  66  LYS A CA  
520 C C   . LYS A 73  ? 0.4556 0.3503 0.2919 -0.1507 -0.1608 0.0214  66  LYS A C   
521 O O   . LYS A 73  ? 0.5007 0.3902 0.3236 -0.1835 -0.1886 0.0309  66  LYS A O   
522 C CB  . LYS A 73  ? 0.4997 0.3648 0.3936 -0.1440 -0.1485 0.0397  66  LYS A CB  
523 C CG  . LYS A 73  ? 0.5502 0.4093 0.4057 -0.1382 -0.1422 0.0247  66  LYS A CG  
524 C CD  . LYS A 73  ? 0.5648 0.4368 0.4553 -0.1057 -0.1693 0.0377  66  LYS A CD  
525 C CE  . LYS A 73  ? 0.6191 0.5047 0.4768 -0.0601 -0.1298 0.0661  66  LYS A CE  
526 N NZ  . LYS A 73  ? 0.5338 0.4997 0.4891 -0.0542 -0.1775 0.0399  66  LYS A NZ  
527 N N   . ALA A 74  ? 0.4553 0.3184 0.2883 -0.1504 -0.1794 0.0257  67  ALA A N   
528 C CA  . ALA A 74  ? 0.4705 0.3217 0.2942 -0.1353 -0.1615 0.0299  67  ALA A CA  
529 C C   . ALA A 74  ? 0.4865 0.3271 0.2660 -0.1048 -0.1901 0.0659  67  ALA A C   
530 O O   . ALA A 74  ? 0.4936 0.2956 0.2668 -0.1089 -0.1592 0.0343  67  ALA A O   
531 C CB  . ALA A 74  ? 0.4691 0.3180 0.3213 -0.1443 -0.1599 0.0542  67  ALA A CB  
532 N N   . GLY A 75  ? 0.4773 0.3322 0.3088 -0.1113 -0.2066 0.0627  68  GLY A N   
533 C CA  . GLY A 75  ? 0.4870 0.3498 0.2756 -0.1221 -0.1755 0.0537  68  GLY A CA  
534 C C   . GLY A 75  ? 0.5131 0.3253 0.2991 -0.0969 -0.1880 0.0676  68  GLY A C   
535 O O   . GLY A 75  ? 0.5024 0.3291 0.3650 -0.0872 -0.1848 0.0498  68  GLY A O   
536 N N   . ASN A 76  ? 0.5027 0.3181 0.2744 -0.0824 -0.2222 0.0426  69  ASN A N   
537 C CA  . ASN A 76  ? 0.4794 0.2783 0.3094 -0.1091 -0.1963 0.0472  69  ASN A CA  
538 C C   . ASN A 76  ? 0.4781 0.2693 0.3037 -0.0904 -0.1616 0.0530  69  ASN A C   
539 O O   . ASN A 76  ? 0.5132 0.2630 0.3103 -0.0621 -0.2002 0.0512  69  ASN A O   
540 C CB  . ASN A 76  ? 0.5490 0.3223 0.3089 -0.1042 -0.1956 0.0855  69  ASN A CB  
541 C CG  . ASN A 76  ? 0.5769 0.4463 0.2910 -0.0703 -0.1955 0.0753  69  ASN A CG  
542 O OD1 . ASN A 76  ? 0.5609 0.4834 0.4880 -0.0266 -0.2343 0.1234  69  ASN A OD1 
543 N ND2 . ASN A 76  ? 0.7058 0.5413 0.4053 -0.0598 -0.1371 0.0846  69  ASN A ND2 
544 N N   . LEU A 77  ? 0.4342 0.2704 0.2364 -0.0754 -0.1419 0.0454  70  LEU A N   
545 C CA  . LEU A 77  ? 0.3832 0.2411 0.2540 -0.0863 -0.1494 0.0435  70  LEU A CA  
546 C C   . LEU A 77  ? 0.3721 0.2270 0.2513 -0.0801 -0.1638 0.0508  70  LEU A C   
547 O O   . LEU A 77  ? 0.3973 0.2608 0.2768 -0.0924 -0.1661 0.0137  70  LEU A O   
548 C CB  . LEU A 77  ? 0.4276 0.2187 0.2647 -0.1079 -0.1321 0.0543  70  LEU A CB  
549 C CG  . LEU A 77  ? 0.4363 0.2251 0.2759 -0.0932 -0.1406 0.0399  70  LEU A CG  
550 C CD1 . LEU A 77  ? 0.4291 0.2321 0.3044 -0.1036 -0.1396 0.0227  70  LEU A CD1 
551 C CD2 . LEU A 77  ? 0.4718 0.2403 0.3073 -0.0754 -0.1398 0.0169  70  LEU A CD2 
552 N N   . TRP A 78  ? 0.3374 0.2321 0.2508 -0.0885 -0.1328 0.0457  71  TRP A N   
553 C CA  . TRP A 78  ? 0.3179 0.2477 0.2760 -0.0792 -0.1215 0.0231  71  TRP A CA  
554 C C   . TRP A 78  ? 0.3110 0.2414 0.2352 -0.0793 -0.1152 0.0199  71  TRP A C   
555 O O   . TRP A 78  ? 0.3331 0.2594 0.2544 -0.0848 -0.1254 0.0534  71  TRP A O   
556 C CB  . TRP A 78  ? 0.3094 0.2523 0.3089 -0.0848 -0.1323 0.0330  71  TRP A CB  
557 C CG  . TRP A 78  ? 0.3516 0.2433 0.3238 -0.0695 -0.1341 0.0383  71  TRP A CG  
558 C CD1 . TRP A 78  ? 0.3927 0.2442 0.3760 -0.0916 -0.1314 0.0448  71  TRP A CD1 
559 C CD2 . TRP A 78  ? 0.3511 0.2341 0.3391 -0.0531 -0.1488 0.0373  71  TRP A CD2 
560 N NE1 . TRP A 78  ? 0.4331 0.2863 0.3640 -0.0455 -0.1283 0.0729  71  TRP A NE1 
561 C CE2 . TRP A 78  ? 0.4037 0.2665 0.3625 -0.0481 -0.1504 0.0674  71  TRP A CE2 
562 C CE3 . TRP A 78  ? 0.3554 0.2918 0.3964 -0.0622 -0.1365 0.0168  71  TRP A CE3 
563 C CZ2 . TRP A 78  ? 0.4151 0.2665 0.3648 -0.0354 -0.1514 0.0572  71  TRP A CZ2 
564 C CZ3 . TRP A 78  ? 0.3899 0.3127 0.4084 -0.0236 -0.1457 0.0445  71  TRP A CZ3 
565 C CH2 . TRP A 78  ? 0.4056 0.3408 0.4241 -0.0095 -0.1314 0.0473  71  TRP A CH2 
566 N N   . LEU A 79  ? 0.2773 0.2371 0.2414 -0.0808 -0.1099 0.0282  72  LEU A N   
567 C CA  . LEU A 79  ? 0.2816 0.1989 0.2303 -0.0603 -0.0868 0.0244  72  LEU A CA  
568 C C   . LEU A 79  ? 0.2545 0.2351 0.2456 -0.0563 -0.0787 0.0293  72  LEU A C   
569 O O   . LEU A 79  ? 0.2614 0.2674 0.2298 -0.0898 -0.0743 0.0210  72  LEU A O   
570 C CB  . LEU A 79  ? 0.3061 0.2032 0.2285 -0.0572 -0.0672 0.0203  72  LEU A CB  
571 C CG  . LEU A 79  ? 0.2907 0.2165 0.2514 -0.0636 -0.0620 0.0669  72  LEU A CG  
572 C CD1 . LEU A 79  ? 0.3035 0.2764 0.2351 -0.0479 -0.0629 0.0596  72  LEU A CD1 
573 C CD2 . LEU A 79  ? 0.3170 0.2662 0.2913 -0.0406 -0.0881 0.0446  72  LEU A CD2 
574 N N   . PHE A 80  ? 0.2380 0.2514 0.2542 -0.0667 -0.0823 0.0066  73  PHE A N   
575 C CA  . PHE A 80  ? 0.2423 0.2391 0.2329 -0.0499 -0.0749 0.0131  73  PHE A CA  
576 C C   . PHE A 80  ? 0.2459 0.2279 0.2501 -0.0546 -0.0508 0.0126  73  PHE A C   
577 O O   . PHE A 80  ? 0.2514 0.2858 0.2435 -0.0525 -0.0568 0.0524  73  PHE A O   
578 C CB  . PHE A 80  ? 0.2820 0.2526 0.2554 -0.0461 -0.0798 0.0030  73  PHE A CB  
579 C CG  . PHE A 80  ? 0.3157 0.2472 0.2599 -0.0401 -0.0684 0.0121  73  PHE A CG  
580 C CD1 . PHE A 80  ? 0.3271 0.2536 0.2944 -0.0675 -0.1008 0.0222  73  PHE A CD1 
581 C CD2 . PHE A 80  ? 0.3338 0.2759 0.3219 -0.0290 -0.0756 0.0423  73  PHE A CD2 
582 C CE1 . PHE A 80  ? 0.3235 0.2665 0.3277 -0.0582 -0.0984 0.0134  73  PHE A CE1 
583 C CE2 . PHE A 80  ? 0.3771 0.2812 0.3385 -0.0113 -0.0690 0.0464  73  PHE A CE2 
584 C CZ  . PHE A 80  ? 0.3439 0.2324 0.3570 -0.0368 -0.1191 0.0823  73  PHE A CZ  
585 N N   . LEU A 81  ? 0.2238 0.2635 0.2383 -0.0665 -0.0454 0.0022  74  LEU A N   
586 C CA  . LEU A 81  ? 0.2374 0.2546 0.2320 -0.0556 -0.0409 0.0076  74  LEU A CA  
587 C C   . LEU A 81  ? 0.2538 0.2436 0.2196 -0.0371 -0.0260 0.0331  74  LEU A C   
588 O O   . LEU A 81  ? 0.2557 0.2582 0.2320 -0.0498 -0.0382 0.0114  74  LEU A O   
589 C CB  . LEU A 81  ? 0.2914 0.2602 0.2571 -0.0695 -0.0161 0.0140  74  LEU A CB  
590 C CG  . LEU A 81  ? 0.4170 0.3507 0.3498 -0.0682 -0.0376 0.0201  74  LEU A CG  
591 C CD1 . LEU A 81  ? 0.4001 0.3354 0.3695 -0.0739 -0.0377 0.0406  74  LEU A CD1 
592 C CD2 . LEU A 81  ? 0.4778 0.3955 0.4156 -0.0804 -0.0010 0.0692  74  LEU A CD2 
593 N N   . VAL A 82  ? 0.2374 0.2716 0.2461 -0.0388 -0.0293 0.0248  75  VAL A N   
594 C CA  . VAL A 82  ? 0.2709 0.2735 0.2142 -0.0333 -0.0342 0.0246  75  VAL A CA  
595 C C   . VAL A 82  ? 0.2597 0.2723 0.2274 -0.0340 -0.0355 0.0120  75  VAL A C   
596 O O   . VAL A 82  ? 0.2952 0.2846 0.2132 -0.0245 -0.0428 0.0449  75  VAL A O   
597 C CB  . VAL A 82  ? 0.2663 0.2721 0.2201 -0.0606 -0.0564 0.0082  75  VAL A CB  
598 C CG1 . VAL A 82  ? 0.2549 0.2857 0.2689 -0.0578 -0.0731 0.0245  75  VAL A CG1 
599 C CG2 . VAL A 82  ? 0.2828 0.2935 0.2430 -0.0428 -0.0665 -0.0011 75  VAL A CG2 
600 N N   . THR A 83  ? 0.2435 0.2788 0.2109 -0.0492 -0.0391 0.0236  76  THR A N   
601 C CA  . THR A 83  ? 0.2653 0.3286 0.2298 -0.0510 -0.0615 0.0105  76  THR A CA  
602 C C   . THR A 83  ? 0.2914 0.3036 0.2372 -0.0208 -0.0454 -0.0109 76  THR A C   
603 O O   . THR A 83  ? 0.3133 0.3128 0.2739 -0.0188 -0.0848 -0.0265 76  THR A O   
604 C CB  . THR A 83  ? 0.2997 0.4263 0.3017 -0.0877 -0.0230 0.0189  76  THR A CB  
605 O OG1 . THR A 83  ? 0.3617 0.4747 0.3232 -0.0614 -0.0066 0.0236  76  THR A OG1 
606 C CG2 . THR A 83  ? 0.3254 0.4643 0.3009 -0.1335 -0.0192 0.0098  76  THR A CG2 
607 N N   . VAL A 84  ? 0.2966 0.2729 0.2525 -0.0570 -0.0465 0.0211  77  VAL A N   
608 C CA  . VAL A 84  ? 0.3272 0.2654 0.2259 -0.0468 -0.0880 0.0141  77  VAL A CA  
609 C C   . VAL A 84  ? 0.3068 0.2851 0.2216 -0.0519 -0.0722 0.0137  77  VAL A C   
610 O O   . VAL A 84  ? 0.4207 0.2840 0.2448 -0.0398 -0.0994 0.0080  77  VAL A O   
611 C CB  . VAL A 84  ? 0.3117 0.2716 0.2541 -0.0271 -0.0844 0.0120  77  VAL A CB  
612 C CG1 . VAL A 84  ? 0.3152 0.2925 0.3061 -0.0415 -0.0556 -0.0053 77  VAL A CG1 
613 C CG2 . VAL A 84  ? 0.3285 0.2870 0.2482 -0.0396 -0.0653 0.0315  77  VAL A CG2 
614 N N   . LYS A 85  ? 0.3593 0.3113 0.2217 -0.0560 -0.0866 0.0304  78  LYS A N   
615 C CA  . LYS A 85  ? 0.4303 0.3669 0.2142 -0.1076 -0.0989 -0.0029 78  LYS A CA  
616 C C   . LYS A 85  ? 0.4632 0.3471 0.2314 -0.0887 -0.1422 -0.0187 78  LYS A C   
617 O O   . LYS A 85  ? 0.5151 0.3405 0.2740 -0.1154 -0.1095 0.0277  78  LYS A O   
618 C CB  . LYS A 85  ? 0.4775 0.4691 0.2508 -0.1100 -0.0758 0.0076  78  LYS A CB  
619 C CG  . LYS A 85  ? 0.5622 0.5297 0.3228 -0.1081 -0.0868 -0.0275 78  LYS A CG  
620 C CD  . LYS A 85  ? 0.6590 0.6678 0.4623 -0.0820 0.0032  -0.0704 78  LYS A CD  
621 C CE  . LYS A 85  ? 0.7204 0.7639 0.4818 -0.0333 -0.0041 -0.0948 78  LYS A CE  
622 N NZ  . LYS A 85  ? 0.8491 0.8377 0.6823 0.0004  0.0188  -0.1172 78  LYS A NZ  
623 N N   . ASN A 86  ? 0.5275 0.4120 0.3127 -0.1082 -0.1915 0.0642  79  ASN A N   
624 C CA  . ASN A 86  ? 0.5477 0.4774 0.4274 -0.1447 -0.2017 0.0325  79  ASN A CA  
625 C C   . ASN A 86  ? 0.5352 0.5418 0.4127 -0.1545 -0.2188 0.0047  79  ASN A C   
626 O O   . ASN A 86  ? 0.6397 0.5187 0.4934 -0.0445 -0.2704 0.0070  79  ASN A O   
627 C CB  . ASN A 86  ? 0.5207 0.5330 0.4753 -0.1772 -0.2127 0.0504  79  ASN A CB  
628 C CG  . ASN A 86  ? 0.5775 0.6205 0.5311 -0.2291 -0.1456 -0.0060 79  ASN A CG  
629 O OD1 . ASN A 86  ? 0.6783 0.5680 0.6690 -0.2160 -0.2046 -0.0849 79  ASN A OD1 
630 N ND2 . ASN A 86  ? 0.5710 0.7129 0.6571 -0.2871 -0.1182 0.0047  79  ASN A ND2 
631 N N   . ASN A 87  ? 0.5425 0.5875 0.5094 -0.1393 -0.1668 0.0069  80  ASN A N   
632 C CA  . ASN A 87  ? 0.7030 0.6343 0.4805 -0.1031 -0.0852 0.0455  80  ASN A CA  
633 C C   . ASN A 87  ? 0.7644 0.6920 0.6174 -0.1078 -0.1185 0.0299  80  ASN A C   
634 O O   . ASN A 87  ? 0.8982 0.9205 0.5595 -0.0035 -0.2381 0.1190  80  ASN A O   
635 C CB  . ASN A 87  ? 0.6623 0.6928 0.4683 -0.1471 -0.0539 0.0727  80  ASN A CB  
636 C CG  . ASN A 87  ? 0.8326 0.7366 0.6246 -0.1243 0.0567  0.0162  80  ASN A CG  
637 O OD1 . ASN A 87  ? 0.9495 0.7862 0.7554 -0.1955 0.0610  -0.0094 80  ASN A OD1 
638 N ND2 . ASN A 87  ? 0.9261 0.7640 0.4917 -0.1181 0.1584  0.0265  80  ASN A ND2 
639 N N   . GLY A 88  ? 0.8915 0.5889 0.6285 -0.1364 -0.0918 0.0032  81  GLY A N   
640 C CA  . GLY A 88  ? 0.9781 0.5970 0.5940 -0.0667 -0.1186 0.0465  81  GLY A CA  
641 C C   . GLY A 88  ? 0.9873 0.5277 0.6032 -0.0408 -0.1349 0.0576  81  GLY A C   
642 O O   . GLY A 88  ? 1.0840 0.5017 0.5955 0.0087  -0.2085 0.1150  81  GLY A O   
643 N N   . GLN A 89  ? 0.8564 0.5449 0.4206 -0.0675 -0.2465 0.0011  82  GLN A N   
644 C CA  . GLN A 89  ? 0.8106 0.4957 0.3682 -0.0274 -0.2887 0.0667  82  GLN A CA  
645 C C   . GLN A 89  ? 0.6818 0.3688 0.4029 -0.0799 -0.2514 0.0443  82  GLN A C   
646 O O   . GLN A 89  ? 0.8071 0.3331 0.4356 -0.0980 -0.2452 0.0682  82  GLN A O   
647 C CB  . GLN A 89  ? 0.8294 0.7338 0.4623 -0.0664 -0.3204 0.0017  82  GLN A CB  
648 C CG  . GLN A 89  ? 0.8659 0.8444 0.5202 -0.0207 -0.3041 -0.0049 82  GLN A CG  
649 C CD  . GLN A 89  ? 0.9659 0.9906 0.5639 0.0210  -0.2879 0.0186  82  GLN A CD  
650 O OE1 . GLN A 89  ? 1.1103 1.1659 0.7462 0.1144  -0.2282 -0.0092 82  GLN A OE1 
651 N NE2 . GLN A 89  ? 1.0336 1.0739 0.5271 -0.0806 -0.2739 -0.0913 82  GLN A NE2 
652 N N   . GLU A 90  ? 0.6508 0.3563 0.2721 -0.0673 -0.1706 0.0568  83  GLU A N   
653 C CA  . GLU A 90  ? 0.5220 0.3525 0.2446 -0.0611 -0.0936 0.0718  83  GLU A CA  
654 C C   . GLU A 90  ? 0.4257 0.3637 0.2831 -0.0410 -0.0886 0.0605  83  GLU A C   
655 O O   . GLU A 90  ? 0.5469 0.3606 0.2788 -0.0353 -0.0825 0.0664  83  GLU A O   
656 C CB  . GLU A 90  ? 0.5883 0.4598 0.3886 -0.0734 -0.0424 0.0228  83  GLU A CB  
657 C CG  . GLU A 90  ? 0.5837 0.5620 0.5488 -0.1035 -0.0165 0.0507  83  GLU A CG  
658 C CD  . GLU A 90  ? 0.6146 0.8199 0.6552 -0.0802 -0.0040 0.0462  83  GLU A CD  
659 O OE1 . GLU A 90  ? 0.7758 0.9273 0.6845 -0.1280 0.0001  0.0409  83  GLU A OE1 
660 O OE2 . GLU A 90  ? 0.6278 1.0252 0.7488 -0.1283 -0.0490 0.0966  83  GLU A OE2 
661 N N   . GLU A 91  ? 0.3276 0.3090 0.2936 -0.0547 -0.0750 0.0667  84  GLU A N   
662 C CA  . GLU A 91  ? 0.3013 0.3069 0.2959 -0.0398 -0.0797 0.0488  84  GLU A CA  
663 C C   . GLU A 91  ? 0.2816 0.2718 0.2721 -0.0435 -0.0481 0.0689  84  GLU A C   
664 O O   . GLU A 91  ? 0.3445 0.2858 0.2906 -0.0310 -0.0892 0.0247  84  GLU A O   
665 C CB  . GLU A 91  ? 0.3182 0.3732 0.3130 -0.0479 -0.1151 0.0443  84  GLU A CB  
666 C CG  . GLU A 91  ? 0.2870 0.3898 0.3164 -0.0928 -0.1029 0.0581  84  GLU A CG  
667 C CD  . GLU A 91  ? 0.3371 0.4862 0.3513 -0.0937 -0.0857 0.1107  84  GLU A CD  
668 O OE1 . GLU A 91  ? 0.3500 0.5889 0.4871 -0.0877 -0.0866 0.1823  84  GLU A OE1 
669 O OE2 . GLU A 91  ? 0.3425 0.4642 0.3283 -0.0938 -0.0154 0.1032  84  GLU A OE2 
670 N N   . LYS A 92  ? 0.3006 0.3034 0.2452 -0.0428 -0.0384 0.0868  85  LYS A N   
671 C CA  . LYS A 92  ? 0.2904 0.3180 0.2293 -0.0139 -0.0410 0.0609  85  LYS A CA  
672 C C   . LYS A 92  ? 0.2850 0.2787 0.2350 -0.0120 -0.0474 0.0207  85  LYS A C   
673 O O   . LYS A 92  ? 0.2864 0.3411 0.2395 0.0056  -0.0550 0.0803  85  LYS A O   
674 C CB  . LYS A 92  ? 0.3684 0.3706 0.2950 -0.0535 -0.0570 0.0810  85  LYS A CB  
675 C CG  . LYS A 92  ? 0.4556 0.4616 0.3827 -0.0910 -0.0290 0.0940  85  LYS A CG  
676 C CD  . LYS A 92  ? 0.5408 0.6054 0.5033 -0.1334 -0.0224 0.0667  85  LYS A CD  
677 C CE  . LYS A 92  ? 0.6042 0.6709 0.6193 -0.1579 0.0054  0.0903  85  LYS A CE  
678 N NZ  . LYS A 92  ? 0.6305 0.7140 0.6670 -0.2327 -0.0144 0.1322  85  LYS A NZ  
679 N N   . GLN A 93  ? 0.2393 0.2884 0.2136 -0.0300 -0.0542 0.0242  86  GLN A N   
680 C CA  . GLN A 93  ? 0.2356 0.2701 0.1973 -0.0494 -0.0528 0.0270  86  GLN A CA  
681 C C   . GLN A 93  ? 0.2211 0.2099 0.2172 -0.0446 -0.0469 0.0061  86  GLN A C   
682 O O   . GLN A 93  ? 0.2287 0.3096 0.2146 -0.0473 -0.0423 0.0055  86  GLN A O   
683 C CB  . GLN A 93  ? 0.2660 0.2686 0.2214 -0.0358 -0.0755 0.0088  86  GLN A CB  
684 C CG  . GLN A 93  ? 0.3023 0.2790 0.2438 -0.0484 -0.0854 0.0255  86  GLN A CG  
685 C CD  . GLN A 93  ? 0.3220 0.2869 0.2517 -0.0678 -0.0817 0.0263  86  GLN A CD  
686 O OE1 . GLN A 93  ? 0.3657 0.2733 0.2418 -0.0680 -0.0722 0.0218  86  GLN A OE1 
687 N NE2 . GLN A 93  ? 0.3374 0.3402 0.3051 -0.0979 -0.0697 -0.0302 86  GLN A NE2 
688 N N   . ALA A 94  ? 0.2255 0.2188 0.2019 -0.0389 -0.0529 0.0204  87  ALA A N   
689 C CA  . ALA A 94  ? 0.2452 0.2342 0.1970 -0.0523 -0.0446 0.0262  87  ALA A CA  
690 C C   . ALA A 94  ? 0.2348 0.2532 0.1927 -0.0689 -0.0557 0.0207  87  ALA A C   
691 O O   . ALA A 94  ? 0.2253 0.2589 0.2442 -0.0662 -0.0696 0.0487  87  ALA A O   
692 C CB  . ALA A 94  ? 0.2572 0.2698 0.2252 -0.0781 -0.0271 0.0025  87  ALA A CB  
693 N N   . VAL A 95  ? 0.2559 0.2305 0.2207 -0.0822 -0.0653 0.0365  88  VAL A N   
694 C CA  . VAL A 95  ? 0.2739 0.2467 0.1958 -0.0759 -0.0768 0.0489  88  VAL A CA  
695 C C   . VAL A 95  ? 0.2875 0.2454 0.2069 -0.0665 -0.0742 0.0422  88  VAL A C   
696 O O   . VAL A 95  ? 0.2765 0.2549 0.2339 -0.0624 -0.0810 0.0269  88  VAL A O   
697 C CB  . VAL A 95  ? 0.2739 0.2421 0.2262 -0.0865 -0.0783 0.0077  88  VAL A CB  
698 C CG1 . VAL A 95  ? 0.3229 0.2534 0.2413 -0.0871 -0.0926 0.0088  88  VAL A CG1 
699 C CG2 . VAL A 95  ? 0.2755 0.2703 0.2185 -0.0664 -0.0509 -0.0003 88  VAL A CG2 
700 N N   . ALA A 96  ? 0.2672 0.2402 0.2200 -0.0884 -0.0749 0.0405  89  ALA A N   
701 C CA  . ALA A 96  ? 0.2833 0.2444 0.2217 -0.1172 -0.0715 0.0616  89  ALA A CA  
702 C C   . ALA A 96  ? 0.3194 0.2384 0.2214 -0.1002 -0.0908 0.0445  89  ALA A C   
703 O O   . ALA A 96  ? 0.3154 0.2471 0.2229 -0.1127 -0.0974 0.0561  89  ALA A O   
704 C CB  . ALA A 96  ? 0.3362 0.2273 0.2304 -0.1037 -0.0797 0.0633  89  ALA A CB  
705 N N   . ILE A 97  ? 0.3597 0.2325 0.2375 -0.0927 -0.1213 0.0501  90  ILE A N   
706 C CA  . ILE A 97  ? 0.3507 0.2271 0.2368 -0.1014 -0.1360 0.0551  90  ILE A CA  
707 C C   . ILE A 97  ? 0.3775 0.2284 0.2401 -0.1068 -0.1306 0.0711  90  ILE A C   
708 O O   . ILE A 97  ? 0.3842 0.2507 0.2657 -0.1242 -0.1327 0.0494  90  ILE A O   
709 C CB  . ILE A 97  ? 0.3790 0.3008 0.2865 -0.0955 -0.1179 0.0410  90  ILE A CB  
710 C CG1 . ILE A 97  ? 0.4042 0.2975 0.3413 -0.0855 -0.1203 0.0814  90  ILE A CG1 
711 C CG2 . ILE A 97  ? 0.4100 0.3317 0.2821 -0.0810 -0.1275 0.0381  90  ILE A CG2 
712 C CD1 . ILE A 97  ? 0.3992 0.2970 0.3386 -0.0840 -0.1335 0.0905  90  ILE A CD1 
713 N N   . VAL A 98  ? 0.4363 0.2535 0.2278 -0.1117 -0.1265 0.0679  91  VAL A N   
714 C CA  . VAL A 98  ? 0.4868 0.2515 0.2301 -0.0984 -0.1416 0.0568  91  VAL A CA  
715 C C   . VAL A 98  ? 0.4917 0.2278 0.2505 -0.1100 -0.1474 0.0493  91  VAL A C   
716 O O   . VAL A 98  ? 0.5836 0.2404 0.2632 -0.1310 -0.1412 0.0301  91  VAL A O   
717 C CB  . VAL A 98  ? 0.5130 0.2983 0.2312 -0.0824 -0.1159 0.0343  91  VAL A CB  
718 C CG1 . VAL A 98  ? 0.5548 0.3664 0.2344 -0.0882 -0.1264 0.0515  91  VAL A CG1 
719 C CG2 . VAL A 98  ? 0.5299 0.3018 0.2642 -0.0854 -0.0535 0.0130  91  VAL A CG2 
720 N N   . VAL A 99  ? 0.4980 0.2460 0.3163 -0.0690 -0.1811 0.0658  92  VAL A N   
721 C CA  . VAL A 99  ? 0.5418 0.2558 0.3615 -0.0624 -0.2207 0.0477  92  VAL A CA  
722 C C   . VAL A 99  ? 0.6824 0.3213 0.3849 -0.0573 -0.2721 0.0329  92  VAL A C   
723 O O   . VAL A 99  ? 0.7349 0.3084 0.4077 -0.0612 -0.3153 0.0406  92  VAL A O   
724 C CB  . VAL A 99  ? 0.5323 0.3847 0.3819 -0.0248 -0.2572 0.0084  92  VAL A CB  
725 C CG1 . VAL A 99  ? 0.5601 0.3793 0.4548 -0.0329 -0.2385 0.0215  92  VAL A CG1 
726 C CG2 . VAL A 99  ? 0.5132 0.3137 0.3967 -0.0574 -0.2409 0.0407  92  VAL A CG2 
727 N N   . ARG A 100 ? 0.7558 0.2954 0.3102 -0.0416 -0.2412 0.0283  93  ARG A N   
728 C CA  . ARG A 100 ? 0.7579 0.3519 0.3236 -0.0581 -0.2468 0.0654  93  ARG A CA  
729 C C   . ARG A 100 ? 0.6905 0.3051 0.3257 -0.0852 -0.2267 0.0968  93  ARG A C   
730 O O   . ARG A 100 ? 0.6842 0.3280 0.2897 -0.0677 -0.2049 0.0850  93  ARG A O   
731 C CB  . ARG A 100 ? 0.8414 0.4815 0.3632 -0.0019 -0.1813 0.0812  93  ARG A CB  
732 C CG  . ARG A 100 ? 0.9153 0.5720 0.4355 0.0286  -0.1502 0.1444  93  ARG A CG  
733 C CD  . ARG A 100 ? 0.9434 0.5896 0.6677 0.0546  -0.0907 0.1939  93  ARG A CD  
734 N NE  . ARG A 100 ? 1.0142 0.7152 0.8195 0.1055  -0.0646 0.2178  93  ARG A NE  
735 C CZ  . ARG A 100 ? 1.0278 0.7251 0.9529 0.0730  0.0277  0.3349  93  ARG A CZ  
736 N NH1 . ARG A 100 ? 1.1266 0.7894 1.1343 0.0185  0.0005  0.2507  93  ARG A NH1 
737 N NH2 . ARG A 100 ? 1.0042 0.7387 0.9087 0.0767  0.1855  0.4088  93  ARG A NH2 
738 N N   . ASN A 101 ? 0.6589 0.3133 0.3897 -0.0943 -0.2128 0.1124  94  ASN A N   
739 C CA  . ASN A 101 ? 0.6037 0.3146 0.4322 -0.1329 -0.1907 0.0983  94  ASN A CA  
740 C C   . ASN A 101 ? 0.5379 0.3026 0.4099 -0.1161 -0.1667 0.1334  94  ASN A C   
741 O O   . ASN A 101 ? 0.6020 0.3445 0.4137 -0.0998 -0.1894 0.1392  94  ASN A O   
742 C CB  . ASN A 101 ? 0.6556 0.3152 0.3966 -0.1219 -0.1491 0.0843  94  ASN A CB  
743 C CG  . ASN A 101 ? 0.7530 0.3129 0.4462 -0.1110 -0.1582 0.0636  94  ASN A CG  
744 O OD1 . ASN A 101 ? 0.8785 0.3629 0.4431 -0.0403 -0.1429 0.0362  94  ASN A OD1 
745 N ND2 . ASN A 101 ? 0.7863 0.3606 0.4195 -0.1534 -0.1833 0.1306  94  ASN A ND2 
746 N N   . GLY A 102 ? 0.5132 0.3458 0.3876 -0.0895 -0.1896 0.1404  95  GLY A N   
747 C CA  . GLY A 102 ? 0.5315 0.3537 0.3793 -0.1019 -0.1221 0.1418  95  GLY A CA  
748 C C   . GLY A 102 ? 0.5038 0.3702 0.3641 -0.0728 -0.1129 0.1183  95  GLY A C   
749 O O   . GLY A 102 ? 0.5075 0.4266 0.3958 -0.0629 -0.0478 0.1341  95  GLY A O   
750 N N   . ARG A 103 ? 0.5013 0.3082 0.3062 -0.0602 -0.1198 0.0808  96  ARG A N   
751 C CA  . ARG A 103 ? 0.4778 0.3037 0.2824 -0.0627 -0.1112 0.1110  96  ARG A CA  
752 C C   . ARG A 103 ? 0.4640 0.3152 0.2480 -0.0224 -0.1250 0.0205  96  ARG A C   
753 O O   . ARG A 103 ? 0.6142 0.2967 0.2738 -0.0323 -0.1667 0.0331  96  ARG A O   
754 C CB  . ARG A 103 ? 0.4354 0.3522 0.2755 -0.0725 -0.0846 0.1108  96  ARG A CB  
755 C CG  . ARG A 103 ? 0.4834 0.3362 0.3486 -0.0948 -0.1023 0.1477  96  ARG A CG  
756 C CD  . ARG A 103 ? 0.4657 0.3877 0.4143 -0.0355 -0.0820 0.1303  96  ARG A CD  
757 N NE  . ARG A 103 ? 0.4418 0.3636 0.4209 -0.0724 -0.1292 0.1658  96  ARG A NE  
758 C CZ  . ARG A 103 ? 0.4572 0.3539 0.5996 0.0069  -0.1402 0.1095  96  ARG A CZ  
759 N NH1 . ARG A 103 ? 0.5008 0.3966 0.6417 0.0103  -0.1929 0.0778  96  ARG A NH1 
760 N NH2 . ARG A 103 ? 0.3461 0.3602 0.7007 -0.0137 -0.1122 0.1543  96  ARG A NH2 
761 N N   . ILE A 104 ? 0.4249 0.2643 0.2674 -0.0480 -0.1321 0.0122  97  ILE A N   
762 C CA  . ILE A 104 ? 0.4356 0.2702 0.2845 -0.0538 -0.1399 0.0374  97  ILE A CA  
763 C C   . ILE A 104 ? 0.4571 0.3056 0.2751 -0.0537 -0.1373 0.0665  97  ILE A C   
764 O O   . ILE A 104 ? 0.4725 0.2703 0.5155 -0.0531 -0.0987 0.0753  97  ILE A O   
765 C CB  . ILE A 104 ? 0.4607 0.2706 0.3024 -0.0506 -0.1278 0.0510  97  ILE A CB  
766 C CG1 . ILE A 104 ? 0.5225 0.3274 0.3576 -0.0385 -0.0800 0.0571  97  ILE A CG1 
767 C CG2 . ILE A 104 ? 0.4592 0.3200 0.3210 -0.0333 -0.1225 0.0653  97  ILE A CG2 
768 C CD1 . ILE A 104 ? 0.5390 0.4040 0.3672 -0.0476 -0.0260 0.0808  97  ILE A CD1 
769 N N   . LYS A 105 ? 0.5113 0.3179 0.2875 -0.0425 -0.1063 0.0958  98  LYS A N   
770 C CA  . LYS A 105 ? 0.5523 0.4113 0.3158 -0.0118 -0.0666 0.1217  98  LYS A CA  
771 C C   . LYS A 105 ? 0.4954 0.2829 0.2945 -0.0798 -0.0516 0.0942  98  LYS A C   
772 O O   . LYS A 105 ? 0.5003 0.2972 0.2963 -0.1108 -0.0329 0.0804  98  LYS A O   
773 C CB  . LYS A 105 ? 0.6621 0.4854 0.3061 0.0302  -0.1057 0.1494  98  LYS A CB  
774 C CG  . LYS A 105 ? 0.7320 0.5882 0.4279 0.0851  -0.1303 0.1052  98  LYS A CG  
775 C CD  . LYS A 105 ? 0.8695 0.5790 0.4850 0.1024  -0.1060 0.1748  98  LYS A CD  
776 C CE  . LYS A 105 ? 0.9723 0.5472 0.4976 0.1427  -0.1315 0.1619  98  LYS A CE  
777 N NZ  . LYS A 105 ? 1.0049 0.5155 0.4511 0.0992  -0.1073 0.1706  98  LYS A NZ  
778 N N   . GLU A 106 ? 0.4548 0.2936 0.2681 -0.1070 -0.0977 0.0957  99  GLU A N   
779 C CA  . GLU A 106 ? 0.4297 0.2765 0.2538 -0.1393 -0.1075 0.0712  99  GLU A CA  
780 C C   . GLU A 106 ? 0.3377 0.2500 0.2464 -0.1190 -0.0839 0.0587  99  GLU A C   
781 O O   . GLU A 106 ? 0.3658 0.2743 0.2528 -0.1170 -0.1044 0.0742  99  GLU A O   
782 C CB  . GLU A 106 ? 0.4976 0.3310 0.3048 -0.1126 -0.0235 0.0727  99  GLU A CB  
783 C CG  . GLU A 106 ? 0.5289 0.4056 0.3294 -0.1307 -0.0218 0.0845  99  GLU A CG  
784 C CD  . GLU A 106 ? 0.5760 0.5222 0.3866 -0.1604 -0.0768 0.0912  99  GLU A CD  
785 O OE1 . GLU A 106 ? 0.6344 0.6427 0.4746 -0.2817 -0.0163 0.0570  99  GLU A OE1 
786 O OE2 . GLU A 106 ? 0.6703 0.5249 0.5351 -0.1338 0.0369  0.0272  99  GLU A OE2 
787 N N   . VAL A 107 ? 0.3603 0.2630 0.2417 -0.1106 -0.0874 0.0677  100 VAL A N   
788 C CA  . VAL A 107 ? 0.3327 0.2518 0.2497 -0.1030 -0.0772 0.0664  100 VAL A CA  
789 C C   . VAL A 107 ? 0.3284 0.2366 0.2166 -0.0912 -0.0621 0.0330  100 VAL A C   
790 O O   . VAL A 107 ? 0.3373 0.2792 0.2255 -0.0974 -0.0614 0.0446  100 VAL A O   
791 C CB  . VAL A 107 ? 0.3028 0.3023 0.2398 -0.0727 -0.0708 0.0653  100 VAL A CB  
792 C CG1 . VAL A 107 ? 0.3353 0.3042 0.2226 -0.0825 -0.0656 0.0420  100 VAL A CG1 
793 C CG2 . VAL A 107 ? 0.3536 0.3515 0.3000 -0.0320 -0.0788 0.0420  100 VAL A CG2 
794 N N   . ILE A 108 ? 0.2990 0.2381 0.2365 -0.1067 -0.0799 0.0510  101 ILE A N   
795 C CA  . ILE A 108 ? 0.2746 0.2595 0.2277 -0.0953 -0.0670 0.0297  101 ILE A CA  
796 C C   . ILE A 108 ? 0.2841 0.2666 0.2238 -0.0813 -0.0675 0.0372  101 ILE A C   
797 O O   . ILE A 108 ? 0.3102 0.3081 0.2130 -0.1175 -0.0877 0.0613  101 ILE A O   
798 C CB  . ILE A 108 ? 0.3379 0.2605 0.2102 -0.0944 -0.0469 0.0223  101 ILE A CB  
799 C CG1 . ILE A 108 ? 0.3660 0.3316 0.2305 -0.0914 -0.0355 0.0043  101 ILE A CG1 
800 C CG2 . ILE A 108 ? 0.3405 0.2820 0.2308 -0.0922 -0.0687 0.0048  101 ILE A CG2 
801 C CD1 . ILE A 108 ? 0.3980 0.3215 0.2478 -0.1003 -0.0302 -0.0113 101 ILE A CD1 
802 N N   . ALA A 109 ? 0.2563 0.2342 0.2156 -0.0912 -0.0697 0.0480  102 ALA A N   
803 C CA  . ALA A 109 ? 0.2247 0.2672 0.2142 -0.0873 -0.0603 0.0579  102 ALA A CA  
804 C C   . ALA A 109 ? 0.2536 0.2619 0.2086 -0.0713 -0.0551 0.0303  102 ALA A C   
805 O O   . ALA A 109 ? 0.2506 0.2833 0.2455 -0.0795 -0.0527 0.0833  102 ALA A O   
806 C CB  . ALA A 109 ? 0.2732 0.2571 0.2426 -0.0644 -0.0500 0.0663  102 ALA A CB  
807 N N   . MET A 110 ? 0.2183 0.2348 0.2265 -0.0680 -0.0542 0.0320  103 MET A N   
808 C CA  . MET A 110 ? 0.2214 0.2725 0.2497 -0.0739 -0.0461 0.0120  103 MET A CA  
809 C C   . MET A 110 ? 0.2140 0.2208 0.2658 -0.0557 -0.0345 0.0202  103 MET A C   
810 O O   . MET A 110 ? 0.2199 0.2487 0.2395 -0.0664 -0.0575 0.0346  103 MET A O   
811 C CB  . MET A 110 ? 0.3287 0.3024 0.2881 -0.1031 -0.0215 -0.0206 103 MET A CB  
812 C CG  . MET A 110 ? 0.4043 0.4061 0.3821 -0.0789 -0.0317 -0.0274 103 MET A CG  
813 S SD  . MET A 110 ? 0.4567 0.5024 0.3880 -0.0348 -0.0433 -0.0951 103 MET A SD  
814 C CE  . MET A 110 ? 0.6446 0.2954 0.3808 -0.0661 -0.1117 -0.1498 103 MET A CE  
815 N N   . SER A 111 ? 0.2146 0.2317 0.2555 -0.0656 -0.0380 0.0367  104 SER A N   
816 C CA  . SER A 111 ? 0.2290 0.2467 0.2710 -0.0409 -0.0500 0.0617  104 SER A CA  
817 C C   . SER A 111 ? 0.2718 0.2467 0.3444 -0.0371 -0.0188 0.0611  104 SER A C   
818 O O   . SER A 111 ? 0.2642 0.2549 0.4332 -0.0553 -0.0198 0.0401  104 SER A O   
819 C CB  . SER A 111 ? 0.2909 0.2930 0.2394 -0.0520 -0.0797 0.0661  104 SER A CB  
820 O OG  . SER A 111 ? 0.3114 0.3251 0.2652 -0.0932 -0.0565 0.0288  104 SER A OG  
821 N N   . ILE A 112 ? 0.2383 0.2405 0.4882 -0.0291 -0.0071 0.0785  105 ILE A N   
822 C CA  . ILE A 112 ? 0.3835 0.2403 0.5954 -0.0042 -0.0304 0.0418  105 ILE A CA  
823 C C   . ILE A 112 ? 0.5123 0.3359 0.6282 0.0036  -0.0023 0.0558  105 ILE A C   
824 O O   . ILE A 112 ? 0.6576 0.4802 0.5588 -0.0173 0.0260  0.2042  105 ILE A O   
825 C CB  . ILE A 112 ? 0.4980 0.2876 0.6268 -0.0972 -0.0252 0.0516  105 ILE A CB  
826 C CG1 . ILE A 112 ? 0.5851 0.1899 0.5776 -0.1328 -0.0577 0.0108  105 ILE A CG1 
827 C CG2 . ILE A 112 ? 0.5776 0.2844 0.6406 -0.1073 -0.0241 0.0831  105 ILE A CG2 
828 C CD1 . ILE A 112 ? 0.5539 0.3445 0.5797 -0.0642 -0.0842 -0.0242 105 ILE A CD1 
829 O O   . HOH B .   ? 0.8541 0.8703 0.6051 -0.1697 0.1165  -0.2065 201 HOH A O   
830 O O   . HOH B .   ? 0.7053 0.7126 0.4222 -0.1503 -0.1811 -0.0031 202 HOH A O   
831 O O   . HOH B .   ? 0.3913 0.4927 0.3650 -0.0772 -0.0551 -0.0533 203 HOH A O   
832 O O   . HOH B .   ? 0.8224 0.4410 0.5510 0.1444  -0.2366 -0.0592 204 HOH A O   
833 O O   . HOH B .   ? 0.3253 0.3284 0.2380 -0.0334 -0.0600 0.0564  205 HOH A O   
834 O O   . HOH B .   ? 0.5762 0.4163 0.4452 0.0735  -0.0089 -0.0736 206 HOH A O   
835 O O   . HOH B .   ? 0.4671 0.5576 0.2819 -0.1436 -0.0248 -0.0756 207 HOH A O   
836 O O   . HOH B .   ? 0.4674 0.3609 0.4049 -0.0065 -0.1147 0.0064  208 HOH A O   
837 O O   . HOH B .   ? 0.6865 0.5176 0.8490 0.1579  0.1585  0.2690  209 HOH A O   
838 O O   . HOH B .   ? 0.5408 0.6611 0.4087 -0.1431 -0.0586 0.1570  210 HOH A O   
839 O O   . HOH B .   ? 0.3063 0.3085 0.2713 -0.0629 -0.0641 0.0400  211 HOH A O   
840 O O   . HOH B .   ? 0.5018 0.4872 0.5840 -0.0589 -0.1773 -0.0450 212 HOH A O   
841 O O   . HOH B .   ? 0.4778 0.4122 0.4474 -0.0055 -0.1038 -0.1259 213 HOH A O   
842 O O   . HOH B .   ? 0.6376 0.4317 0.3914 -0.0181 -0.2025 0.0861  214 HOH A O   
843 O O   . HOH B .   ? 0.9704 0.7683 0.8992 -0.1815 0.2047  -0.0891 215 HOH A O   
844 O O   . HOH B .   ? 0.3174 0.5089 0.6402 -0.0934 0.0114  0.1606  216 HOH A O   
845 O O   . HOH B .   ? 0.4598 0.4339 0.5623 0.0209  -0.0383 0.1308  217 HOH A O   
846 O O   . HOH B .   ? 0.6456 0.5978 0.9323 -0.1013 -0.2176 -0.1495 218 HOH A O   
847 O O   . HOH B .   ? 0.4835 0.4897 0.8135 -0.1131 -0.1152 -0.0882 219 HOH A O   
# 
